data_6PWZ
#
_entry.id   6PWZ
#
_cell.length_a   93.730
_cell.length_b   84.740
_cell.length_c   153.579
_cell.angle_alpha   90.000
_cell.angle_beta   95.360
_cell.angle_gamma   90.000
#
_symmetry.space_group_name_H-M   'P 1 21 1'
#
loop_
_entity.id
_entity.type
_entity.pdbx_description
1 polymer 'Uridine-cytidine kinase 2'
2 non-polymer 'PHOSPHATE ION'
3 non-polymer GLYCEROL
4 non-polymer "2'-azidocytidine"
5 water water
#
_entity_poly.entity_id   1
_entity_poly.type   'polypeptide(L)'
_entity_poly.pdbx_seq_one_letter_code
;MAGDSEQTLQNHQQPNGGEPFLIGVSGGTASGKSSVCAKIVQLLGQNEVDYRQKQVVILSQDSFYRVLTSEQKAKALKGQ
FNFDHPDAFDNELILKTLKEITEGKTVQIPVYDFVSHSRKEETVTVYPADVVLFEGILAFYSQEVRDLFQMKLFVDTDAD
TRLSRRVLRDISERGRDLEQILSQYITFVKPAFEEFCLPTKKYADVIIPRGADNLVAINLIVQHIQDILNGGPSKRQTNG
CLNGYTPSRK
;
_entity_poly.pdbx_strand_id   A,B,C,D,E,F,G,H
#
loop_
_chem_comp.id
_chem_comp.type
_chem_comp.name
_chem_comp.formula
GOL non-polymer GLYCEROL 'C3 H8 O3'
P6D non-polymer 2'-azidocytidine 'C9 H13 N6 O4'
PO4 non-polymer 'PHOSPHATE ION' 'O4 P -3'
#
# COMPACT_ATOMS: atom_id res chain seq x y z
N GLY A 18 14.54 23.25 23.62
CA GLY A 18 14.34 22.05 24.44
C GLY A 18 13.95 20.81 23.65
N GLU A 19 13.40 21.02 22.46
CA GLU A 19 12.98 19.93 21.56
C GLU A 19 14.16 19.47 20.71
N PRO A 20 14.37 18.15 20.57
CA PRO A 20 15.52 17.66 19.80
C PRO A 20 15.52 18.18 18.36
N PHE A 21 16.72 18.28 17.81
CA PHE A 21 16.95 18.79 16.46
C PHE A 21 17.04 17.60 15.50
N LEU A 22 16.10 17.51 14.57
CA LEU A 22 16.02 16.38 13.65
C LEU A 22 16.68 16.74 12.33
N ILE A 23 17.65 15.92 11.91
CA ILE A 23 18.37 16.11 10.65
C ILE A 23 18.11 14.90 9.77
N GLY A 24 17.55 15.15 8.59
CA GLY A 24 17.25 14.09 7.64
C GLY A 24 18.33 14.00 6.58
N VAL A 25 18.83 12.79 6.37
CA VAL A 25 19.86 12.50 5.38
C VAL A 25 19.34 11.43 4.44
N SER A 26 19.33 11.72 3.15
CA SER A 26 18.92 10.72 2.17
C SER A 26 19.92 10.69 1.02
N GLY A 27 19.62 9.91 0.01
CA GLY A 27 20.50 9.70 -1.12
C GLY A 27 20.55 8.23 -1.47
N GLY A 28 21.07 7.93 -2.66
CA GLY A 28 21.04 6.58 -3.18
C GLY A 28 21.86 5.61 -2.32
N THR A 29 21.74 4.34 -2.67
CA THR A 29 22.59 3.33 -2.07
C THR A 29 24.05 3.62 -2.39
N ALA A 30 24.89 3.48 -1.36
CA ALA A 30 26.32 3.75 -1.46
C ALA A 30 26.61 5.19 -1.86
N SER A 31 25.68 6.11 -1.64
CA SER A 31 25.99 7.52 -1.85
C SER A 31 26.93 8.05 -0.77
N GLY A 32 27.00 7.36 0.36
CA GLY A 32 27.77 7.82 1.51
C GLY A 32 26.95 8.30 2.68
N LYS A 33 25.65 8.01 2.71
CA LYS A 33 24.80 8.44 3.82
C LYS A 33 25.35 7.95 5.16
N SER A 34 25.48 6.64 5.32
CA SER A 34 25.88 6.08 6.61
C SER A 34 27.24 6.61 7.04
N SER A 35 28.19 6.68 6.12
CA SER A 35 29.52 7.16 6.47
C SER A 35 29.48 8.62 6.93
N VAL A 36 28.71 9.45 6.23
CA VAL A 36 28.60 10.86 6.62
C VAL A 36 28.06 10.96 8.04
N CYS A 37 27.03 10.17 8.37
CA CYS A 37 26.51 10.16 9.74
C CYS A 37 27.50 9.51 10.69
N ALA A 38 28.20 8.47 10.24
CA ALA A 38 29.20 7.86 11.11
C ALA A 38 30.35 8.81 11.38
N LYS A 39 30.85 9.47 10.34
CA LYS A 39 31.98 10.38 10.50
C LYS A 39 31.60 11.56 11.39
N ILE A 40 30.37 12.05 11.28
CA ILE A 40 30.00 13.26 12.00
C ILE A 40 29.89 13.00 13.50
N VAL A 41 29.46 11.80 13.90
CA VAL A 41 29.36 11.53 15.34
C VAL A 41 30.73 11.21 15.91
N GLN A 42 31.61 10.60 15.11
CA GLN A 42 32.97 10.34 15.59
C GLN A 42 33.72 11.65 15.81
N LEU A 43 33.65 12.57 14.84
CA LEU A 43 34.32 13.85 14.98
C LEU A 43 33.81 14.66 16.15
N LEU A 44 32.58 14.39 16.59
CA LEU A 44 32.08 14.94 17.85
C LEU A 44 32.40 14.04 19.03
N GLY A 45 33.10 12.93 18.81
CA GLY A 45 33.39 11.98 19.88
C GLY A 45 32.14 11.47 20.56
N GLN A 46 31.06 11.27 19.79
CA GLN A 46 29.79 10.90 20.38
C GLN A 46 29.69 9.41 20.67
N ASN A 47 30.45 8.58 19.97
CA ASN A 47 30.52 7.17 20.32
C ASN A 47 31.50 6.89 21.45
N GLU A 48 32.20 7.91 21.94
CA GLU A 48 33.02 7.75 23.14
C GLU A 48 32.16 7.68 24.39
N VAL A 49 31.09 8.47 24.44
CA VAL A 49 30.21 8.57 25.61
C VAL A 49 29.41 7.28 25.78
N ASP A 50 28.81 7.10 26.95
CA ASP A 50 27.99 5.92 27.18
C ASP A 50 26.68 6.02 26.41
N TYR A 51 26.10 4.86 26.10
CA TYR A 51 24.85 4.82 25.35
C TYR A 51 23.74 5.61 26.04
N ARG A 52 23.78 5.68 27.38
CA ARG A 52 22.69 6.31 28.11
C ARG A 52 22.73 7.84 28.04
N GLN A 53 23.80 8.44 27.53
CA GLN A 53 23.92 9.89 27.56
C GLN A 53 24.49 10.46 26.27
N LYS A 54 24.15 9.87 25.13
CA LYS A 54 24.59 10.41 23.86
C LYS A 54 23.78 11.66 23.53
N GLN A 55 24.45 12.65 22.94
CA GLN A 55 23.78 13.90 22.59
C GLN A 55 23.35 13.96 21.14
N VAL A 56 24.01 13.23 20.25
CA VAL A 56 23.49 12.98 18.90
C VAL A 56 23.43 11.46 18.70
N VAL A 57 22.37 11.01 18.03
CA VAL A 57 22.16 9.60 17.74
C VAL A 57 21.82 9.47 16.26
N ILE A 58 22.08 8.27 15.73
CA ILE A 58 21.84 7.95 14.33
C ILE A 58 20.72 6.92 14.25
N LEU A 59 19.74 7.18 13.40
CA LEU A 59 18.66 6.23 13.11
C LEU A 59 18.73 5.86 11.64
N SER A 60 18.69 4.56 11.36
CA SER A 60 18.69 4.06 10.00
C SER A 60 17.27 3.71 9.57
N GLN A 61 16.91 4.09 8.35
CA GLN A 61 15.61 3.69 7.82
C GLN A 61 15.51 2.18 7.67
N ASP A 62 16.67 1.52 7.49
CA ASP A 62 16.68 0.07 7.32
C ASP A 62 16.20 -0.68 8.55
N SER A 63 16.27 -0.07 9.74
CA SER A 63 15.77 -0.71 10.94
C SER A 63 14.24 -0.74 10.99
N PHE A 64 13.56 0.01 10.12
CA PHE A 64 12.11 0.16 10.18
C PHE A 64 11.40 -0.53 9.01
N TYR A 65 12.01 -1.58 8.45
CA TYR A 65 11.34 -2.35 7.41
C TYR A 65 10.04 -2.91 7.94
N ARG A 66 9.15 -3.32 7.03
CA ARG A 66 7.84 -3.76 7.45
C ARG A 66 7.84 -5.22 7.90
N VAL A 67 6.89 -5.53 8.79
CA VAL A 67 6.42 -6.90 8.98
C VAL A 67 5.29 -7.06 7.98
N LEU A 68 5.53 -7.87 6.95
CA LEU A 68 4.71 -7.84 5.75
C LEU A 68 3.79 -9.06 5.67
N THR A 69 2.67 -8.86 4.96
CA THR A 69 1.61 -9.85 4.90
C THR A 69 2.10 -11.13 4.24
N SER A 70 1.35 -12.22 4.46
CA SER A 70 1.71 -13.51 3.86
C SER A 70 1.69 -13.43 2.33
N GLU A 71 0.77 -12.64 1.76
CA GLU A 71 0.84 -12.37 0.33
C GLU A 71 2.13 -11.66 -0.03
N GLN A 72 2.55 -10.71 0.81
CA GLN A 72 3.84 -10.06 0.61
C GLN A 72 5.00 -10.99 0.94
N LYS A 73 4.78 -11.95 1.85
CA LYS A 73 5.79 -12.98 2.11
C LYS A 73 6.04 -13.84 0.88
N ALA A 74 4.96 -14.18 0.16
CA ALA A 74 5.09 -15.06 -0.99
C ALA A 74 5.90 -14.41 -2.11
N LYS A 75 5.63 -13.14 -2.39
CA LYS A 75 6.44 -12.42 -3.38
C LYS A 75 7.89 -12.30 -2.91
N ALA A 76 8.10 -12.22 -1.60
CA ALA A 76 9.46 -12.09 -1.07
C ALA A 76 10.23 -13.40 -1.19
N LEU A 77 9.57 -14.53 -0.90
CA LEU A 77 10.26 -15.82 -0.95
C LEU A 77 10.70 -16.16 -2.36
N LYS A 78 9.91 -15.77 -3.37
CA LYS A 78 10.24 -16.07 -4.76
C LYS A 78 11.42 -15.25 -5.28
N GLY A 79 12.06 -14.44 -4.45
CA GLY A 79 13.15 -13.60 -4.91
C GLY A 79 12.73 -12.47 -5.81
N GLN A 80 11.45 -12.08 -5.79
CA GLN A 80 10.91 -11.07 -6.68
C GLN A 80 10.22 -9.96 -5.89
N PHE A 81 10.72 -9.63 -4.71
CA PHE A 81 10.21 -8.53 -3.91
C PHE A 81 11.18 -7.36 -3.93
N ASN A 82 10.63 -6.16 -4.13
CA ASN A 82 11.43 -4.95 -4.19
C ASN A 82 11.58 -4.38 -2.79
N PHE A 83 12.70 -4.69 -2.13
CA PHE A 83 12.98 -4.14 -0.82
C PHE A 83 13.43 -2.68 -0.88
N ASP A 84 13.51 -2.10 -2.07
CA ASP A 84 13.80 -0.68 -2.24
C ASP A 84 12.54 0.14 -2.50
N HIS A 85 11.36 -0.47 -2.37
CA HIS A 85 10.05 0.12 -2.62
C HIS A 85 9.48 0.70 -1.31
N PRO A 86 8.85 1.88 -1.39
CA PRO A 86 8.35 2.53 -0.17
C PRO A 86 7.43 1.65 0.65
N ASP A 87 6.72 0.71 0.00
CA ASP A 87 5.79 -0.14 0.74
C ASP A 87 6.50 -1.09 1.68
N ALA A 88 7.80 -1.33 1.46
CA ALA A 88 8.57 -2.28 2.27
C ALA A 88 9.02 -1.69 3.60
N PHE A 89 8.63 -0.46 3.94
CA PHE A 89 9.05 0.17 5.17
C PHE A 89 7.83 0.56 6.01
N ASP A 90 7.96 0.40 7.32
CA ASP A 90 6.90 0.73 8.26
C ASP A 90 6.77 2.24 8.38
N ASN A 91 6.14 2.83 7.37
CA ASN A 91 5.89 4.27 7.35
C ASN A 91 5.28 4.76 8.66
N GLU A 92 4.37 3.97 9.23
CA GLU A 92 3.68 4.39 10.45
C GLU A 92 4.60 4.29 11.66
N LEU A 93 5.45 3.26 11.70
CA LEU A 93 6.39 3.13 12.80
C LEU A 93 7.45 4.23 12.77
N ILE A 94 7.93 4.56 11.57
CA ILE A 94 8.89 5.66 11.41
C ILE A 94 8.28 6.96 11.88
N LEU A 95 7.01 7.19 11.54
CA LEU A 95 6.38 8.47 11.86
C LEU A 95 6.12 8.60 13.35
N LYS A 96 5.73 7.51 14.00
CA LYS A 96 5.43 7.57 15.43
C LYS A 96 6.71 7.63 16.26
N THR A 97 7.70 6.81 15.90
CA THR A 97 8.97 6.80 16.64
C THR A 97 9.65 8.16 16.57
N LEU A 98 9.77 8.72 15.37
CA LEU A 98 10.36 10.04 15.24
C LEU A 98 9.54 11.09 15.98
N LYS A 99 8.22 10.94 15.99
CA LYS A 99 7.39 11.93 16.67
C LYS A 99 7.53 11.82 18.18
N GLU A 100 7.72 10.61 18.71
CA GLU A 100 7.92 10.46 20.15
C GLU A 100 9.31 10.93 20.58
N ILE A 101 10.27 10.96 19.67
CA ILE A 101 11.59 11.49 19.99
C ILE A 101 11.53 13.00 20.19
N THR A 102 10.76 13.69 19.34
CA THR A 102 10.53 15.12 19.55
C THR A 102 9.78 15.39 20.85
N GLU A 103 9.06 14.40 21.38
CA GLU A 103 8.40 14.50 22.66
C GLU A 103 9.32 14.15 23.82
N GLY A 104 10.62 14.06 23.58
CA GLY A 104 11.58 13.79 24.65
C GLY A 104 11.37 12.45 25.34
N LYS A 105 10.76 11.49 24.67
CA LYS A 105 10.49 10.18 25.26
C LYS A 105 11.56 9.18 24.84
N THR A 106 11.94 8.31 25.77
CA THR A 106 12.83 7.22 25.43
C THR A 106 12.08 6.23 24.55
N VAL A 107 12.69 5.86 23.42
CA VAL A 107 11.99 5.07 22.41
C VAL A 107 12.75 3.79 22.14
N GLN A 108 12.12 2.94 21.34
CA GLN A 108 12.52 1.57 21.07
C GLN A 108 12.55 1.37 19.56
N ILE A 109 13.69 0.95 19.01
CA ILE A 109 13.75 0.76 17.56
C ILE A 109 14.03 -0.71 17.24
N PRO A 110 13.42 -1.24 16.18
CA PRO A 110 13.60 -2.66 15.84
C PRO A 110 15.02 -2.96 15.38
N VAL A 111 15.27 -4.24 15.15
CA VAL A 111 16.60 -4.73 14.78
C VAL A 111 16.47 -5.58 13.52
N TYR A 112 16.84 -5.00 12.36
CA TYR A 112 17.12 -5.74 11.13
C TYR A 112 15.92 -6.48 10.55
N ASP A 113 15.43 -6.02 9.41
CA ASP A 113 14.46 -6.79 8.63
C ASP A 113 15.01 -8.16 8.33
N PHE A 114 14.35 -9.19 8.83
CA PHE A 114 14.93 -10.52 8.82
C PHE A 114 15.08 -11.04 7.39
N VAL A 115 15.82 -12.13 7.28
CA VAL A 115 16.32 -12.65 6.02
C VAL A 115 15.85 -14.09 5.82
N SER A 118 11.04 -11.52 7.86
CA SER A 118 10.09 -10.41 7.91
C SER A 118 9.70 -10.07 9.34
N ARG A 119 10.62 -10.24 10.27
CA ARG A 119 10.35 -9.93 11.67
C ARG A 119 11.65 -9.65 12.40
N LYS A 120 11.52 -9.04 13.58
CA LYS A 120 12.64 -8.78 14.46
C LYS A 120 12.24 -9.17 15.87
N GLU A 121 13.23 -9.58 16.67
CA GLU A 121 12.96 -10.05 18.03
C GLU A 121 13.21 -8.96 19.06
N GLU A 122 14.47 -8.74 19.42
CA GLU A 122 14.81 -7.76 20.43
C GLU A 122 14.61 -6.34 19.91
N THR A 123 14.88 -5.37 20.78
CA THR A 123 14.79 -3.95 20.46
C THR A 123 16.04 -3.23 20.95
N VAL A 124 16.14 -1.95 20.61
CA VAL A 124 17.26 -1.11 20.98
C VAL A 124 16.73 0.13 21.67
N THR A 125 17.15 0.35 22.91
CA THR A 125 16.74 1.54 23.66
C THR A 125 17.47 2.76 23.14
N VAL A 126 16.73 3.84 22.91
CA VAL A 126 17.28 5.10 22.44
C VAL A 126 16.75 6.19 23.36
N TYR A 127 17.62 6.72 24.22
CA TYR A 127 17.27 7.76 25.16
C TYR A 127 17.22 9.13 24.46
N PRO A 128 16.43 10.08 24.98
CA PRO A 128 16.24 11.35 24.25
C PRO A 128 17.52 12.12 24.02
N ALA A 129 17.95 12.21 22.77
CA ALA A 129 19.16 12.93 22.39
C ALA A 129 18.81 14.36 21.95
N ASP A 130 19.83 15.21 21.93
CA ASP A 130 19.62 16.60 21.54
C ASP A 130 19.54 16.76 20.03
N VAL A 131 20.27 15.94 19.28
CA VAL A 131 20.24 15.94 17.83
C VAL A 131 20.07 14.50 17.35
N VAL A 132 19.21 14.30 16.34
CA VAL A 132 18.95 12.97 15.79
C VAL A 132 19.19 13.03 14.29
N LEU A 133 20.00 12.10 13.79
CA LEU A 133 20.23 11.93 12.35
C LEU A 133 19.45 10.71 11.88
N PHE A 134 18.50 10.91 10.97
CA PHE A 134 17.77 9.82 10.35
C PHE A 134 18.23 9.70 8.90
N GLU A 135 18.80 8.54 8.55
CA GLU A 135 19.33 8.32 7.22
C GLU A 135 18.57 7.20 6.52
N GLY A 136 18.23 7.42 5.25
CA GLY A 136 17.54 6.41 4.47
C GLY A 136 17.29 6.83 3.04
N ILE A 137 17.20 5.85 2.13
CA ILE A 137 17.01 6.16 0.70
C ILE A 137 15.71 6.91 0.47
N LEU A 138 14.72 6.75 1.35
CA LEU A 138 13.41 7.37 1.18
C LEU A 138 13.04 8.18 2.41
N ALA A 139 14.00 8.91 2.97
CA ALA A 139 13.72 9.66 4.19
C ALA A 139 12.83 10.86 3.92
N PHE A 140 12.87 11.42 2.72
CA PHE A 140 12.06 12.57 2.36
C PHE A 140 10.84 12.20 1.54
N TYR A 141 10.50 10.90 1.46
CA TYR A 141 9.45 10.45 0.57
C TYR A 141 8.06 10.79 1.11
N SER A 142 7.79 10.39 2.35
CA SER A 142 6.53 10.72 2.98
C SER A 142 6.54 12.16 3.46
N GLN A 143 5.53 12.93 3.04
CA GLN A 143 5.46 14.34 3.43
C GLN A 143 5.37 14.49 4.95
N GLU A 144 4.75 13.54 5.63
CA GLU A 144 4.59 13.65 7.08
C GLU A 144 5.93 13.54 7.79
N VAL A 145 6.76 12.56 7.40
CA VAL A 145 8.07 12.43 8.03
C VAL A 145 9.04 13.46 7.48
N ARG A 146 8.88 13.86 6.22
CA ARG A 146 9.72 14.89 5.64
C ARG A 146 9.55 16.22 6.39
N ASP A 147 8.33 16.53 6.81
CA ASP A 147 8.05 17.79 7.50
C ASP A 147 8.52 17.80 8.96
N LEU A 148 9.11 16.72 9.45
CA LEU A 148 9.64 16.67 10.81
C LEU A 148 11.07 17.13 10.92
N PHE A 149 11.76 17.34 9.80
CA PHE A 149 13.19 17.61 9.80
C PHE A 149 13.43 19.11 9.72
N GLN A 150 14.08 19.65 10.75
CA GLN A 150 14.44 21.07 10.73
C GLN A 150 15.56 21.36 9.73
N MET A 151 16.33 20.34 9.33
CA MET A 151 17.32 20.46 8.27
C MET A 151 17.36 19.16 7.49
N LYS A 152 17.41 19.26 6.17
CA LYS A 152 17.38 18.11 5.26
C LYS A 152 18.62 18.14 4.39
N LEU A 153 19.40 17.06 4.41
CA LEU A 153 20.61 16.92 3.62
C LEU A 153 20.47 15.77 2.65
N PHE A 154 20.89 15.99 1.40
CA PHE A 154 20.90 14.96 0.37
C PHE A 154 22.33 14.72 -0.08
N VAL A 155 22.76 13.47 -0.06
CA VAL A 155 24.12 13.08 -0.43
C VAL A 155 24.05 12.59 -1.88
N ASP A 156 24.49 13.43 -2.82
CA ASP A 156 24.27 13.19 -4.25
C ASP A 156 25.53 12.67 -4.92
N THR A 157 25.70 11.36 -4.93
CA THR A 157 26.80 10.71 -5.63
C THR A 157 26.30 10.09 -6.94
N ASP A 158 27.15 10.13 -7.97
CA ASP A 158 26.76 9.69 -9.31
C ASP A 158 26.37 8.21 -9.33
N ALA A 159 25.57 7.85 -10.34
CA ALA A 159 24.95 6.52 -10.38
C ALA A 159 25.98 5.42 -10.57
N ASP A 160 26.81 5.54 -11.62
CA ASP A 160 27.85 4.53 -11.85
C ASP A 160 28.87 4.52 -10.70
N THR A 161 29.17 5.67 -10.12
CA THR A 161 30.02 5.70 -8.94
C THR A 161 29.38 4.97 -7.77
N ARG A 162 28.08 5.21 -7.53
CA ARG A 162 27.40 4.53 -6.43
C ARG A 162 27.31 3.03 -6.67
N LEU A 163 27.22 2.61 -7.93
CA LEU A 163 27.15 1.18 -8.23
C LEU A 163 28.46 0.49 -7.86
N SER A 164 29.59 1.03 -8.32
CA SER A 164 30.87 0.42 -8.03
C SER A 164 31.09 0.27 -6.53
N ARG A 165 30.76 1.32 -5.75
CA ARG A 165 30.83 1.21 -4.30
C ARG A 165 29.94 0.07 -3.80
N ARG A 166 28.75 -0.08 -4.37
CA ARG A 166 27.80 -1.05 -3.85
C ARG A 166 28.14 -2.46 -4.31
N VAL A 167 28.57 -2.62 -5.57
CA VAL A 167 28.90 -3.95 -6.04
C VAL A 167 30.14 -4.47 -5.34
N LEU A 168 31.02 -3.58 -4.89
CA LEU A 168 32.12 -4.01 -4.03
C LEU A 168 31.60 -4.33 -2.64
N ARG A 169 30.79 -3.43 -2.09
CA ARG A 169 30.24 -3.62 -0.74
C ARG A 169 29.40 -4.89 -0.66
N ASP A 170 28.61 -5.17 -1.70
CA ASP A 170 27.77 -6.37 -1.69
C ASP A 170 28.60 -7.64 -1.77
N ILE A 171 29.73 -7.61 -2.47
CA ILE A 171 30.59 -8.79 -2.57
C ILE A 171 31.31 -9.02 -1.25
N SER A 172 31.93 -7.97 -0.70
CA SER A 172 32.77 -8.12 0.48
C SER A 172 31.96 -8.54 1.70
N GLU A 173 30.87 -7.83 1.97
CA GLU A 173 30.14 -8.04 3.22
C GLU A 173 29.11 -9.16 3.13
N ARG A 174 28.60 -9.47 1.94
CA ARG A 174 27.61 -10.53 1.79
C ARG A 174 28.17 -11.78 1.15
N GLY A 175 29.05 -11.65 0.16
CA GLY A 175 29.67 -12.80 -0.47
C GLY A 175 28.91 -13.39 -1.64
N ARG A 176 27.77 -12.82 -2.02
CA ARG A 176 27.00 -13.35 -3.13
C ARG A 176 27.76 -13.21 -4.44
N ASP A 177 27.37 -14.03 -5.42
CA ASP A 177 28.05 -14.03 -6.71
C ASP A 177 27.66 -12.80 -7.53
N LEU A 178 28.49 -12.51 -8.53
CA LEU A 178 28.43 -11.23 -9.22
C LEU A 178 27.16 -11.09 -10.07
N GLU A 179 26.76 -12.17 -10.75
CA GLU A 179 25.67 -12.06 -11.70
C GLU A 179 24.34 -11.69 -11.05
N GLN A 180 24.18 -11.97 -9.76
CA GLN A 180 22.94 -11.63 -9.06
C GLN A 180 22.97 -10.23 -8.47
N ILE A 181 24.12 -9.78 -7.99
CA ILE A 181 24.22 -8.43 -7.43
C ILE A 181 23.91 -7.40 -8.50
N LEU A 182 24.45 -7.59 -9.71
CA LEU A 182 24.16 -6.67 -10.80
C LEU A 182 22.74 -6.83 -11.31
N SER A 183 22.20 -8.05 -11.29
CA SER A 183 20.85 -8.26 -11.79
C SER A 183 19.81 -7.66 -10.85
N GLN A 184 20.07 -7.70 -9.54
CA GLN A 184 19.12 -7.12 -8.58
C GLN A 184 19.19 -5.60 -8.62
N TYR A 185 20.37 -5.02 -8.82
CA TYR A 185 20.50 -3.57 -8.88
C TYR A 185 19.73 -3.01 -10.08
N ILE A 186 19.90 -3.64 -11.24
CA ILE A 186 19.23 -3.17 -12.45
C ILE A 186 17.72 -3.39 -12.35
N THR A 187 17.30 -4.45 -11.69
CA THR A 187 15.87 -4.78 -11.66
C THR A 187 15.12 -4.01 -10.58
N PHE A 188 15.72 -3.89 -9.40
CA PHE A 188 15.02 -3.33 -8.25
C PHE A 188 15.61 -2.02 -7.75
N VAL A 189 16.92 -1.97 -7.52
CA VAL A 189 17.53 -0.81 -6.88
C VAL A 189 17.48 0.41 -7.82
N LYS A 190 17.97 0.24 -9.04
CA LYS A 190 17.98 1.35 -9.99
C LYS A 190 16.60 1.94 -10.22
N PRO A 191 15.57 1.17 -10.58
CA PRO A 191 14.25 1.78 -10.82
C PRO A 191 13.66 2.45 -9.58
N ALA A 192 13.87 1.88 -8.40
CA ALA A 192 13.33 2.49 -7.20
C ALA A 192 13.99 3.84 -6.92
N PHE A 193 15.29 3.94 -7.15
CA PHE A 193 15.97 5.21 -6.94
C PHE A 193 15.40 6.30 -7.83
N GLU A 194 15.27 6.03 -9.12
CA GLU A 194 14.82 7.05 -10.05
C GLU A 194 13.34 7.36 -9.91
N GLU A 195 12.54 6.40 -9.45
CA GLU A 195 11.12 6.65 -9.25
C GLU A 195 10.82 7.26 -7.88
N PHE A 196 11.54 6.89 -6.84
CA PHE A 196 11.21 7.32 -5.48
C PHE A 196 12.27 8.20 -4.86
N CYS A 197 13.55 7.83 -4.95
CA CYS A 197 14.57 8.63 -4.29
C CYS A 197 14.87 9.92 -5.05
N LEU A 198 15.26 9.78 -6.32
CA LEU A 198 15.60 10.94 -7.14
C LEU A 198 14.58 12.07 -7.07
N PRO A 199 13.27 11.83 -7.18
CA PRO A 199 12.32 12.96 -7.12
C PRO A 199 12.31 13.67 -5.78
N THR A 200 12.85 13.08 -4.71
CA THR A 200 12.84 13.73 -3.41
C THR A 200 14.06 14.60 -3.17
N LYS A 201 14.99 14.67 -4.14
CA LYS A 201 16.16 15.52 -3.96
C LYS A 201 15.78 16.99 -3.92
N LYS A 202 14.69 17.37 -4.60
CA LYS A 202 14.25 18.76 -4.61
C LYS A 202 13.79 19.25 -3.24
N TYR A 203 13.58 18.35 -2.27
CA TYR A 203 13.20 18.73 -0.92
C TYR A 203 14.41 18.97 -0.02
N ALA A 204 15.62 18.77 -0.52
CA ALA A 204 16.81 18.90 0.30
C ALA A 204 17.13 20.38 0.55
N ASP A 205 17.60 20.67 1.76
CA ASP A 205 18.09 22.01 2.05
C ASP A 205 19.54 22.18 1.64
N VAL A 206 20.33 21.12 1.73
CA VAL A 206 21.75 21.15 1.35
C VAL A 206 22.06 19.84 0.65
N ILE A 207 22.79 19.93 -0.47
CA ILE A 207 23.23 18.75 -1.21
C ILE A 207 24.72 18.59 -0.98
N ILE A 208 25.12 17.39 -0.57
CA ILE A 208 26.49 17.06 -0.21
C ILE A 208 27.06 16.17 -1.33
N PRO A 209 28.09 16.63 -2.06
CA PRO A 209 28.35 16.05 -3.39
C PRO A 209 28.92 14.64 -3.42
N ARG A 210 29.91 14.28 -2.60
CA ARG A 210 30.53 12.98 -2.80
C ARG A 210 30.36 12.01 -1.64
N GLY A 211 30.01 12.47 -0.45
CA GLY A 211 29.84 11.57 0.67
C GLY A 211 30.88 11.75 1.76
N ALA A 212 31.49 10.65 2.19
CA ALA A 212 32.36 10.69 3.36
C ALA A 212 33.64 11.48 3.09
N ASP A 213 34.19 11.38 1.88
CA ASP A 213 35.44 12.06 1.57
C ASP A 213 35.29 13.57 1.51
N ASN A 214 34.07 14.09 1.51
CA ASN A 214 33.84 15.52 1.45
C ASN A 214 33.93 16.06 2.88
N LEU A 215 35.18 16.27 3.32
CA LEU A 215 35.40 16.67 4.70
C LEU A 215 35.10 18.14 4.92
N VAL A 216 35.15 18.97 3.87
CA VAL A 216 34.76 20.37 4.00
C VAL A 216 33.29 20.45 4.39
N ALA A 217 32.44 19.68 3.71
CA ALA A 217 31.01 19.68 4.01
C ALA A 217 30.73 18.97 5.34
N ILE A 218 31.39 17.85 5.59
CA ILE A 218 31.21 17.15 6.86
C ILE A 218 31.54 18.09 8.01
N ASN A 219 32.72 18.71 7.99
CA ASN A 219 33.10 19.62 9.06
C ASN A 219 32.14 20.79 9.17
N LEU A 220 31.52 21.19 8.07
CA LEU A 220 30.48 22.22 8.15
C LEU A 220 29.31 21.75 9.00
N ILE A 221 28.88 20.51 8.78
CA ILE A 221 27.73 19.98 9.53
C ILE A 221 28.16 19.61 10.95
N VAL A 222 29.37 19.05 11.12
CA VAL A 222 29.88 18.77 12.46
C VAL A 222 29.91 20.04 13.29
N GLN A 223 30.26 21.16 12.67
CA GLN A 223 30.36 22.42 13.41
C GLN A 223 28.99 22.92 13.82
N HIS A 224 28.01 22.85 12.91
CA HIS A 224 26.66 23.31 13.20
C HIS A 224 26.07 22.59 14.40
N ILE A 225 26.22 21.26 14.45
CA ILE A 225 25.68 20.49 15.57
C ILE A 225 26.38 20.85 16.87
N GLN A 226 27.68 21.16 16.81
CA GLN A 226 28.38 21.56 18.01
C GLN A 226 27.83 22.86 18.58
N ASP A 227 27.33 23.76 17.72
CA ASP A 227 26.74 25.00 18.21
C ASP A 227 25.38 24.76 18.83
N ILE A 228 24.54 23.95 18.16
CA ILE A 228 23.23 23.61 18.71
C ILE A 228 23.39 22.97 20.08
N LEU A 229 24.40 22.12 20.24
CA LEU A 229 24.59 21.38 21.49
C LEU A 229 24.82 22.30 22.67
N ASN A 230 25.48 23.44 22.47
CA ASN A 230 25.75 24.39 23.54
C ASN A 230 25.59 25.81 23.01
N GLY A 231 24.56 26.50 23.48
CA GLY A 231 24.33 27.88 23.08
C GLY A 231 23.73 27.99 21.69
N GLY A 232 23.92 29.18 21.10
CA GLY A 232 23.43 29.44 19.76
C GLY A 232 24.54 29.55 18.73
N GLU B 19 -2.04 17.87 28.00
CA GLU B 19 -2.10 16.49 27.53
C GLU B 19 -3.56 16.07 27.35
N PRO B 20 -4.12 16.34 26.16
CA PRO B 20 -5.54 16.10 25.94
C PRO B 20 -5.90 14.62 26.01
N PHE B 21 -7.16 14.37 26.30
CA PHE B 21 -7.69 13.01 26.44
C PHE B 21 -8.27 12.57 25.11
N LEU B 22 -7.61 11.61 24.46
CA LEU B 22 -8.06 11.09 23.18
C LEU B 22 -8.94 9.86 23.39
N ILE B 23 -10.15 9.91 22.83
CA ILE B 23 -11.12 8.83 22.94
C ILE B 23 -11.39 8.30 21.54
N GLY B 24 -11.15 7.00 21.36
CA GLY B 24 -11.37 6.36 20.07
C GLY B 24 -12.72 5.68 20.04
N VAL B 25 -13.45 5.88 18.95
CA VAL B 25 -14.78 5.34 18.76
C VAL B 25 -14.80 4.59 17.44
N SER B 26 -15.06 3.28 17.51
CA SER B 26 -15.12 2.47 16.30
C SER B 26 -16.46 1.73 16.26
N GLY B 27 -16.65 0.94 15.21
CA GLY B 27 -17.90 0.23 14.99
C GLY B 27 -18.26 0.29 13.52
N GLY B 28 -19.14 -0.62 13.11
CA GLY B 28 -19.50 -0.73 11.71
C GLY B 28 -20.20 0.51 11.19
N THR B 29 -20.45 0.50 9.88
CA THR B 29 -21.21 1.60 9.30
C THR B 29 -22.65 1.52 9.78
N ALA B 30 -23.27 2.69 9.92
CA ALA B 30 -24.64 2.82 10.43
C ALA B 30 -24.80 2.15 11.80
N SER B 31 -23.72 2.00 12.56
CA SER B 31 -23.83 1.48 13.91
C SER B 31 -24.22 2.55 14.92
N GLY B 32 -24.13 3.82 14.56
CA GLY B 32 -24.40 4.91 15.47
C GLY B 32 -23.19 5.65 15.99
N LYS B 33 -22.01 5.48 15.37
CA LYS B 33 -20.80 6.15 15.84
C LYS B 33 -20.96 7.66 15.83
N SER B 34 -21.27 8.22 14.66
CA SER B 34 -21.39 9.67 14.53
C SER B 34 -22.50 10.20 15.42
N SER B 35 -23.61 9.47 15.53
CA SER B 35 -24.72 9.94 16.35
C SER B 35 -24.36 9.90 17.84
N VAL B 36 -23.65 8.86 18.27
CA VAL B 36 -23.18 8.82 19.66
C VAL B 36 -22.24 9.99 19.94
N CYS B 37 -21.29 10.22 19.02
CA CYS B 37 -20.35 11.33 19.19
C CYS B 37 -21.07 12.67 19.22
N ALA B 38 -22.10 12.82 18.38
CA ALA B 38 -22.81 14.09 18.31
C ALA B 38 -23.57 14.37 19.60
N LYS B 39 -24.29 13.38 20.13
CA LYS B 39 -25.09 13.60 21.33
C LYS B 39 -24.22 13.85 22.54
N ILE B 40 -23.03 13.26 22.60
CA ILE B 40 -22.11 13.51 23.70
C ILE B 40 -21.70 14.97 23.72
N VAL B 41 -21.45 15.55 22.54
CA VAL B 41 -20.98 16.93 22.47
C VAL B 41 -22.10 17.90 22.84
N GLN B 42 -23.31 17.68 22.31
CA GLN B 42 -24.40 18.60 22.64
C GLN B 42 -24.76 18.54 24.11
N LEU B 43 -24.80 17.33 24.69
CA LEU B 43 -25.14 17.20 26.10
C LEU B 43 -24.15 17.92 26.99
N LEU B 44 -22.90 18.06 26.55
CA LEU B 44 -21.90 18.83 27.28
C LEU B 44 -21.99 20.31 26.98
N GLY B 45 -22.97 20.75 26.19
CA GLY B 45 -23.09 22.15 25.83
C GLY B 45 -22.05 22.65 24.86
N GLN B 46 -21.26 21.75 24.27
CA GLN B 46 -20.13 22.14 23.43
C GLN B 46 -20.56 22.70 22.08
N ASN B 47 -21.83 22.58 21.70
CA ASN B 47 -22.28 23.15 20.43
C ASN B 47 -22.37 24.66 20.48
N GLU B 48 -22.59 25.24 21.66
CA GLU B 48 -22.70 26.67 21.81
C GLU B 48 -21.36 27.36 22.04
N VAL B 49 -20.35 26.63 22.54
CA VAL B 49 -19.04 27.21 22.73
C VAL B 49 -18.45 27.60 21.39
N ASP B 50 -17.71 28.72 21.38
CA ASP B 50 -17.08 29.18 20.15
C ASP B 50 -16.11 28.14 19.61
N TYR B 51 -16.01 28.07 18.28
CA TYR B 51 -15.12 27.11 17.64
C TYR B 51 -13.66 27.27 18.08
N ARG B 52 -13.31 28.42 18.65
CA ARG B 52 -11.95 28.64 19.14
C ARG B 52 -11.72 28.14 20.56
N GLN B 53 -12.79 28.00 21.36
CA GLN B 53 -12.65 27.62 22.76
C GLN B 53 -13.34 26.30 23.10
N LYS B 54 -13.76 25.53 22.11
CA LYS B 54 -14.38 24.23 22.38
C LYS B 54 -13.37 23.30 23.05
N GLN B 55 -13.80 22.67 24.14
CA GLN B 55 -12.94 21.74 24.86
C GLN B 55 -13.11 20.29 24.41
N VAL B 56 -14.19 19.99 23.68
CA VAL B 56 -14.44 18.66 23.16
C VAL B 56 -14.65 18.78 21.66
N VAL B 57 -13.82 18.10 20.89
CA VAL B 57 -13.87 18.14 19.43
C VAL B 57 -14.06 16.73 18.91
N ILE B 58 -14.82 16.60 17.83
CA ILE B 58 -15.01 15.33 17.13
C ILE B 58 -14.18 15.34 15.86
N LEU B 59 -13.44 14.26 15.63
CA LEU B 59 -12.72 14.03 14.39
C LEU B 59 -13.27 12.79 13.72
N SER B 60 -13.46 12.87 12.41
CA SER B 60 -13.99 11.77 11.61
C SER B 60 -12.89 11.13 10.78
N GLN B 61 -12.93 9.80 10.66
CA GLN B 61 -12.00 9.12 9.78
C GLN B 61 -12.27 9.45 8.32
N ASP B 62 -13.50 9.80 7.98
CA ASP B 62 -13.83 10.13 6.60
C ASP B 62 -13.15 11.39 6.13
N SER B 63 -12.74 12.28 7.05
CA SER B 63 -11.99 13.47 6.64
C SER B 63 -10.57 13.14 6.21
N PHE B 64 -10.06 11.97 6.56
CA PHE B 64 -8.67 11.61 6.32
C PHE B 64 -8.51 10.56 5.22
N TYR B 65 -9.38 10.56 4.22
CA TYR B 65 -9.20 9.68 3.09
C TYR B 65 -7.87 10.00 2.39
N ARG B 66 -7.32 9.00 1.72
CA ARG B 66 -6.04 9.14 1.05
C ARG B 66 -6.21 9.85 -0.29
N VAL B 67 -5.09 10.37 -0.81
CA VAL B 67 -5.02 10.86 -2.17
C VAL B 67 -4.63 9.69 -3.08
N LEU B 68 -5.46 9.43 -4.09
CA LEU B 68 -5.35 8.20 -4.86
C LEU B 68 -4.26 8.28 -5.92
N THR B 69 -3.58 7.17 -6.12
CA THR B 69 -2.68 7.01 -7.26
C THR B 69 -3.50 7.05 -8.56
N SER B 70 -2.81 7.30 -9.68
CA SER B 70 -3.48 7.24 -10.97
C SER B 70 -4.05 5.86 -11.22
N GLU B 71 -3.28 4.81 -10.92
CA GLU B 71 -3.80 3.45 -11.01
C GLU B 71 -4.89 3.21 -9.97
N GLN B 72 -4.84 3.91 -8.83
CA GLN B 72 -5.90 3.83 -7.84
C GLN B 72 -7.13 4.62 -8.27
N LYS B 73 -6.93 5.81 -8.84
CA LYS B 73 -8.03 6.57 -9.41
C LYS B 73 -8.69 5.81 -10.55
N ALA B 74 -7.89 5.07 -11.32
CA ALA B 74 -8.43 4.32 -12.46
C ALA B 74 -9.26 3.14 -12.00
N LYS B 75 -8.77 2.38 -11.03
CA LYS B 75 -9.53 1.26 -10.49
C LYS B 75 -10.87 1.72 -9.93
N ALA B 76 -10.88 2.88 -9.27
CA ALA B 76 -12.13 3.46 -8.78
C ALA B 76 -13.11 3.70 -9.92
N LEU B 77 -12.62 4.25 -11.03
CA LEU B 77 -13.48 4.46 -12.19
C LEU B 77 -13.71 3.15 -12.94
N LYS B 78 -12.65 2.44 -13.31
CA LYS B 78 -12.74 1.18 -14.05
C LYS B 78 -13.14 0.07 -13.09
N GLY B 79 -14.44 -0.06 -12.88
CA GLY B 79 -14.95 -0.97 -11.86
C GLY B 79 -15.32 -0.20 -10.62
N GLN B 80 -15.03 -0.76 -9.45
CA GLN B 80 -15.30 -0.08 -8.20
C GLN B 80 -14.09 -0.15 -7.28
N PHE B 81 -13.94 0.86 -6.44
CA PHE B 81 -12.87 0.93 -5.45
C PHE B 81 -13.47 0.63 -4.09
N ASN B 82 -12.69 -0.05 -3.24
CA ASN B 82 -13.15 -0.37 -1.89
C ASN B 82 -12.80 0.80 -0.97
N PHE B 83 -13.69 1.80 -0.94
CA PHE B 83 -13.51 2.93 -0.05
C PHE B 83 -13.69 2.57 1.42
N ASP B 84 -13.92 1.30 1.74
CA ASP B 84 -13.92 0.80 3.11
C ASP B 84 -12.65 0.04 3.45
N HIS B 85 -11.71 -0.08 2.51
CA HIS B 85 -10.44 -0.74 2.71
C HIS B 85 -9.47 0.16 3.47
N PRO B 86 -8.62 -0.42 4.32
CA PRO B 86 -7.60 0.40 5.00
C PRO B 86 -6.73 1.23 4.07
N ASP B 87 -6.33 0.69 2.92
CA ASP B 87 -5.46 1.42 2.01
C ASP B 87 -6.09 2.72 1.51
N ALA B 88 -7.41 2.85 1.57
CA ALA B 88 -8.09 4.03 1.06
C ALA B 88 -7.99 5.22 2.01
N PHE B 89 -7.36 5.08 3.17
CA PHE B 89 -7.25 6.14 4.15
C PHE B 89 -5.80 6.53 4.37
N ASP B 90 -5.58 7.82 4.65
CA ASP B 90 -4.24 8.37 4.86
C ASP B 90 -3.79 8.06 6.28
N ASN B 91 -3.24 6.86 6.48
CA ASN B 91 -2.87 6.44 7.82
C ASN B 91 -1.83 7.35 8.44
N GLU B 92 -0.90 7.88 7.63
CA GLU B 92 0.13 8.75 8.17
C GLU B 92 -0.44 10.09 8.59
N LEU B 93 -1.28 10.69 7.75
CA LEU B 93 -1.92 11.95 8.11
C LEU B 93 -2.67 11.82 9.44
N ILE B 94 -3.46 10.76 9.59
CA ILE B 94 -4.14 10.50 10.86
C ILE B 94 -3.12 10.42 11.99
N LEU B 95 -2.08 9.62 11.80
CA LEU B 95 -1.08 9.43 12.85
C LEU B 95 -0.42 10.75 13.22
N LYS B 96 -0.04 11.55 12.22
CA LYS B 96 0.61 12.82 12.51
C LYS B 96 -0.35 13.79 13.19
N THR B 97 -1.57 13.92 12.64
CA THR B 97 -2.53 14.87 13.19
C THR B 97 -2.86 14.54 14.64
N LEU B 98 -3.17 13.28 14.93
CA LEU B 98 -3.53 12.90 16.28
C LEU B 98 -2.37 13.12 17.24
N LYS B 99 -1.15 12.77 16.80
CA LYS B 99 0.01 12.93 17.67
C LYS B 99 0.28 14.41 17.97
N GLU B 100 0.11 15.27 16.97
CA GLU B 100 0.29 16.70 17.20
C GLU B 100 -0.74 17.23 18.20
N ILE B 101 -1.98 16.74 18.10
CA ILE B 101 -3.01 17.14 19.04
C ILE B 101 -2.63 16.77 20.47
N THR B 102 -1.99 15.61 20.64
CA THR B 102 -1.50 15.24 21.97
C THR B 102 -0.41 16.18 22.46
N GLU B 103 0.34 16.78 21.53
CA GLU B 103 1.40 17.72 21.88
C GLU B 103 0.89 19.14 22.07
N GLY B 104 -0.42 19.35 22.04
CA GLY B 104 -0.99 20.66 22.25
C GLY B 104 -0.95 21.58 21.05
N LYS B 105 -0.55 21.10 19.89
CA LYS B 105 -0.46 21.96 18.72
C LYS B 105 -1.84 22.19 18.11
N THR B 106 -1.94 23.27 17.34
CA THR B 106 -3.14 23.57 16.56
C THR B 106 -3.02 22.86 15.23
N VAL B 107 -4.00 22.01 14.90
CA VAL B 107 -3.94 21.19 13.70
C VAL B 107 -4.96 21.67 12.69
N GLN B 108 -4.82 21.18 11.46
CA GLN B 108 -5.68 21.56 10.36
C GLN B 108 -6.21 20.29 9.71
N ILE B 109 -7.52 20.21 9.57
CA ILE B 109 -8.22 18.97 9.20
C ILE B 109 -8.74 19.12 7.77
N PRO B 110 -8.44 18.17 6.87
CA PRO B 110 -8.91 18.27 5.49
C PRO B 110 -10.43 18.23 5.40
N VAL B 111 -10.93 18.67 4.25
CA VAL B 111 -12.35 18.62 3.94
C VAL B 111 -12.54 17.70 2.73
N TYR B 112 -13.58 16.88 2.77
CA TYR B 112 -13.70 15.75 1.85
C TYR B 112 -14.55 16.11 0.64
N ASP B 113 -13.96 15.92 -0.55
CA ASP B 113 -14.65 16.07 -1.83
C ASP B 113 -14.27 14.86 -2.70
N PHE B 114 -14.80 13.69 -2.34
CA PHE B 114 -14.43 12.45 -3.01
C PHE B 114 -15.46 11.98 -4.01
N VAL B 115 -16.40 12.87 -4.39
CA VAL B 115 -16.99 12.78 -5.71
C VAL B 115 -15.97 13.23 -6.75
N SER B 116 -15.00 14.04 -6.33
CA SER B 116 -13.85 14.42 -7.15
C SER B 116 -12.59 13.66 -6.78
N HIS B 117 -12.60 12.93 -5.66
CA HIS B 117 -11.59 11.94 -5.24
C HIS B 117 -10.35 12.56 -4.61
N SER B 118 -10.42 13.76 -4.03
CA SER B 118 -9.28 14.33 -3.31
C SER B 118 -9.76 15.47 -2.43
N ARG B 119 -8.81 16.12 -1.76
CA ARG B 119 -9.10 17.11 -0.74
C ARG B 119 -9.08 18.51 -1.33
N LYS B 120 -10.09 19.31 -0.98
CA LYS B 120 -10.19 20.68 -1.46
C LYS B 120 -9.05 21.53 -0.89
N GLU B 121 -8.96 22.76 -1.39
CA GLU B 121 -7.96 23.71 -0.90
C GLU B 121 -8.27 24.18 0.52
N GLU B 122 -9.54 24.15 0.93
CA GLU B 122 -9.90 24.54 2.28
C GLU B 122 -9.41 23.52 3.29
N THR B 123 -9.37 23.94 4.55
CA THR B 123 -8.94 23.06 5.63
C THR B 123 -9.48 23.61 6.95
N VAL B 124 -10.08 22.73 7.75
CA VAL B 124 -10.71 23.15 9.01
C VAL B 124 -9.65 23.19 10.10
N THR B 125 -9.50 24.34 10.74
CA THR B 125 -8.59 24.48 11.87
C THR B 125 -9.23 23.90 13.13
N VAL B 126 -8.42 23.23 13.94
CA VAL B 126 -8.87 22.63 15.19
C VAL B 126 -7.92 23.11 16.29
N TYR B 127 -8.40 24.03 17.13
CA TYR B 127 -7.61 24.55 18.23
C TYR B 127 -7.53 23.53 19.36
N PRO B 128 -6.47 23.57 20.17
CA PRO B 128 -6.24 22.50 21.16
C PRO B 128 -7.40 22.37 22.13
N ALA B 129 -7.99 21.18 22.16
CA ALA B 129 -9.12 20.87 23.04
C ALA B 129 -8.70 19.87 24.10
N ASP B 130 -9.44 19.85 25.21
CA ASP B 130 -9.09 18.97 26.31
C ASP B 130 -9.45 17.52 26.02
N VAL B 131 -10.50 17.27 25.24
CA VAL B 131 -10.92 15.93 24.88
C VAL B 131 -11.19 15.88 23.39
N VAL B 132 -10.71 14.84 22.73
CA VAL B 132 -10.91 14.64 21.29
C VAL B 132 -11.57 13.28 21.08
N LEU B 133 -12.67 13.27 20.34
CA LEU B 133 -13.35 12.03 19.94
C LEU B 133 -13.04 11.76 18.47
N PHE B 134 -12.26 10.71 18.21
CA PHE B 134 -11.97 10.27 16.86
C PHE B 134 -12.84 9.05 16.56
N GLU B 135 -13.68 9.15 15.53
CA GLU B 135 -14.57 8.05 15.17
C GLU B 135 -14.27 7.59 13.74
N GLY B 136 -14.44 6.29 13.52
CA GLY B 136 -14.23 5.72 12.19
C GLY B 136 -14.30 4.21 12.20
N ILE B 137 -14.62 3.62 11.05
CA ILE B 137 -14.77 2.18 10.96
C ILE B 137 -13.45 1.47 11.29
N LEU B 138 -12.33 2.05 10.85
CA LEU B 138 -11.03 1.43 11.02
C LEU B 138 -10.17 2.16 12.05
N ALA B 139 -10.78 2.69 13.10
CA ALA B 139 -10.06 3.55 14.03
C ALA B 139 -9.02 2.79 14.84
N PHE B 140 -9.25 1.51 15.10
CA PHE B 140 -8.33 0.70 15.88
C PHE B 140 -7.46 -0.20 15.00
N TYR B 141 -7.43 0.05 13.69
CA TYR B 141 -6.79 -0.90 12.77
C TYR B 141 -5.27 -0.85 12.87
N SER B 142 -4.68 0.34 12.96
CA SER B 142 -3.23 0.46 13.00
C SER B 142 -2.77 0.57 14.46
N GLN B 143 -1.79 -0.25 14.82
CA GLN B 143 -1.32 -0.26 16.20
C GLN B 143 -0.80 1.10 16.63
N GLU B 144 -0.17 1.83 15.71
CA GLU B 144 0.33 3.17 16.02
C GLU B 144 -0.82 4.09 16.43
N VAL B 145 -1.89 4.13 15.64
CA VAL B 145 -3.04 4.99 15.96
C VAL B 145 -3.80 4.43 17.15
N ARG B 146 -3.96 3.10 17.19
CA ARG B 146 -4.71 2.47 18.27
C ARG B 146 -4.08 2.76 19.63
N ASP B 147 -2.74 2.80 19.69
CA ASP B 147 -2.05 3.00 20.96
C ASP B 147 -2.09 4.45 21.44
N LEU B 148 -2.68 5.36 20.66
CA LEU B 148 -2.78 6.75 21.09
C LEU B 148 -4.01 7.02 21.96
N PHE B 149 -5.02 6.15 21.90
CA PHE B 149 -6.27 6.41 22.59
C PHE B 149 -6.18 5.98 24.04
N GLN B 150 -6.49 6.90 24.95
CA GLN B 150 -6.55 6.58 26.37
C GLN B 150 -7.79 5.76 26.71
N MET B 151 -8.84 5.87 25.89
CA MET B 151 -10.06 5.09 26.06
C MET B 151 -10.60 4.71 24.69
N LYS B 152 -10.94 3.44 24.51
CA LYS B 152 -11.36 2.92 23.21
C LYS B 152 -12.77 2.37 23.32
N LEU B 153 -13.69 2.96 22.57
CA LEU B 153 -15.10 2.57 22.58
C LEU B 153 -15.46 1.91 21.24
N PHE B 154 -16.23 0.83 21.31
CA PHE B 154 -16.73 0.15 20.12
C PHE B 154 -18.25 0.12 20.19
N VAL B 155 -18.90 0.66 19.15
CA VAL B 155 -20.35 0.67 19.06
C VAL B 155 -20.76 -0.58 18.29
N ASP B 156 -21.27 -1.58 19.02
CA ASP B 156 -21.52 -2.92 18.48
C ASP B 156 -23.01 -3.07 18.17
N THR B 157 -23.39 -2.92 16.90
CA THR B 157 -24.75 -3.13 16.47
C THR B 157 -24.83 -4.29 15.48
N ASP B 158 -25.92 -5.04 15.56
CA ASP B 158 -26.11 -6.22 14.71
C ASP B 158 -26.04 -5.85 13.23
N ALA B 159 -25.42 -6.73 12.45
CA ALA B 159 -25.12 -6.42 11.04
C ALA B 159 -26.39 -6.12 10.25
N ASP B 160 -27.41 -6.97 10.39
CA ASP B 160 -28.65 -6.74 9.67
C ASP B 160 -29.35 -5.46 10.15
N THR B 161 -29.25 -5.15 11.44
CA THR B 161 -29.74 -3.87 11.92
C THR B 161 -28.97 -2.72 11.27
N ARG B 162 -27.64 -2.81 11.25
CA ARG B 162 -26.86 -1.78 10.59
C ARG B 162 -27.16 -1.73 9.10
N LEU B 163 -27.45 -2.88 8.48
CA LEU B 163 -27.77 -2.88 7.06
C LEU B 163 -29.06 -2.12 6.80
N SER B 164 -30.08 -2.35 7.63
CA SER B 164 -31.33 -1.61 7.48
C SER B 164 -31.10 -0.10 7.63
N ARG B 165 -30.37 0.30 8.67
CA ARG B 165 -30.07 1.72 8.85
C ARG B 165 -29.31 2.29 7.67
N ARG B 166 -28.40 1.50 7.08
CA ARG B 166 -27.57 2.00 6.00
C ARG B 166 -28.36 2.16 4.71
N VAL B 167 -29.24 1.21 4.41
CA VAL B 167 -30.04 1.29 3.18
C VAL B 167 -30.96 2.49 3.22
N LEU B 168 -31.75 2.63 4.29
CA LEU B 168 -32.59 3.81 4.44
C LEU B 168 -31.77 5.08 4.32
N ARG B 169 -30.60 5.09 4.94
CA ARG B 169 -29.76 6.29 4.96
C ARG B 169 -29.31 6.68 3.56
N ASP B 170 -28.93 5.70 2.75
CA ASP B 170 -28.27 6.00 1.48
C ASP B 170 -29.24 6.52 0.43
N ILE B 171 -30.47 6.01 0.40
CA ILE B 171 -31.46 6.54 -0.54
C ILE B 171 -31.95 7.89 -0.08
N SER B 172 -32.36 7.98 1.19
CA SER B 172 -33.06 9.18 1.68
C SER B 172 -32.13 10.39 1.73
N GLU B 173 -30.83 10.18 1.92
CA GLU B 173 -29.90 11.28 2.10
C GLU B 173 -28.83 11.34 1.02
N ARG B 174 -28.99 10.62 -0.09
CA ARG B 174 -27.98 10.67 -1.15
C ARG B 174 -28.55 10.37 -2.52
N GLY B 175 -29.79 9.89 -2.59
CA GLY B 175 -30.42 9.58 -3.86
C GLY B 175 -29.66 8.59 -4.71
N ARG B 176 -29.53 7.36 -4.23
CA ARG B 176 -28.84 6.29 -4.93
C ARG B 176 -29.80 5.14 -5.22
N ASP B 177 -29.40 4.27 -6.14
CA ASP B 177 -30.26 3.18 -6.58
C ASP B 177 -30.22 2.02 -5.58
N LEU B 178 -31.39 1.41 -5.36
CA LEU B 178 -31.51 0.37 -4.34
C LEU B 178 -30.60 -0.83 -4.63
N GLU B 179 -30.63 -1.32 -5.87
CA GLU B 179 -29.79 -2.47 -6.21
C GLU B 179 -28.31 -2.12 -6.16
N GLN B 180 -27.96 -0.89 -6.55
CA GLN B 180 -26.57 -0.46 -6.42
C GLN B 180 -26.15 -0.38 -4.96
N ILE B 181 -27.04 0.10 -4.10
CA ILE B 181 -26.76 0.17 -2.67
C ILE B 181 -26.46 -1.21 -2.11
N LEU B 182 -27.38 -2.16 -2.35
CA LEU B 182 -27.23 -3.49 -1.78
C LEU B 182 -26.05 -4.22 -2.40
N SER B 183 -25.81 -4.02 -3.69
CA SER B 183 -24.66 -4.66 -4.32
C SER B 183 -23.35 -4.16 -3.72
N GLN B 184 -23.24 -2.85 -3.51
CA GLN B 184 -22.01 -2.31 -2.92
C GLN B 184 -21.81 -2.82 -1.50
N TYR B 185 -22.88 -2.88 -0.71
CA TYR B 185 -22.77 -3.38 0.65
C TYR B 185 -22.23 -4.81 0.67
N ILE B 186 -22.80 -5.68 -0.16
CA ILE B 186 -22.40 -7.09 -0.15
C ILE B 186 -21.02 -7.27 -0.76
N THR B 187 -20.62 -6.40 -1.70
CA THR B 187 -19.33 -6.55 -2.36
C THR B 187 -18.19 -5.90 -1.57
N PHE B 188 -18.45 -4.76 -0.92
CA PHE B 188 -17.39 -3.99 -0.28
C PHE B 188 -17.62 -3.80 1.21
N VAL B 189 -18.73 -3.18 1.60
CA VAL B 189 -18.93 -2.80 3.01
C VAL B 189 -18.88 -4.02 3.91
N LYS B 190 -19.62 -5.07 3.55
CA LYS B 190 -19.68 -6.26 4.39
C LYS B 190 -18.33 -6.97 4.51
N PRO B 191 -17.61 -7.28 3.40
CA PRO B 191 -16.31 -7.94 3.56
C PRO B 191 -15.29 -7.09 4.29
N ALA B 192 -15.23 -5.79 3.97
CA ALA B 192 -14.30 -4.90 4.65
C ALA B 192 -14.60 -4.87 6.14
N PHE B 193 -15.87 -4.81 6.52
CA PHE B 193 -16.21 -4.83 7.94
C PHE B 193 -15.69 -6.10 8.59
N GLU B 194 -16.04 -7.25 8.03
CA GLU B 194 -15.67 -8.52 8.65
C GLU B 194 -14.17 -8.78 8.58
N GLU B 195 -13.51 -8.34 7.52
CA GLU B 195 -12.07 -8.56 7.40
C GLU B 195 -11.25 -7.57 8.21
N PHE B 196 -11.76 -6.37 8.46
CA PHE B 196 -10.95 -5.33 9.08
C PHE B 196 -11.57 -4.72 10.34
N CYS B 197 -12.86 -4.40 10.34
CA CYS B 197 -13.47 -3.84 11.54
C CYS B 197 -13.59 -4.87 12.65
N LEU B 198 -14.28 -5.98 12.36
CA LEU B 198 -14.59 -6.94 13.41
C LEU B 198 -13.35 -7.44 14.16
N PRO B 199 -12.20 -7.68 13.51
CA PRO B 199 -11.01 -8.05 14.28
C PRO B 199 -10.63 -7.02 15.34
N THR B 200 -10.89 -5.73 15.11
CA THR B 200 -10.44 -4.69 16.02
C THR B 200 -11.34 -4.51 17.23
N LYS B 201 -12.46 -5.26 17.31
CA LYS B 201 -13.34 -5.16 18.47
C LYS B 201 -12.65 -5.64 19.74
N LYS B 202 -11.69 -6.57 19.62
CA LYS B 202 -11.00 -7.11 20.78
C LYS B 202 -10.15 -6.07 21.50
N TYR B 203 -9.90 -4.91 20.89
CA TYR B 203 -9.10 -3.87 21.50
C TYR B 203 -9.93 -2.85 22.27
N ALA B 204 -11.25 -2.85 22.11
CA ALA B 204 -12.08 -1.86 22.77
C ALA B 204 -12.09 -2.06 24.27
N ASP B 205 -12.06 -0.96 25.02
CA ASP B 205 -12.17 -1.04 26.46
C ASP B 205 -13.62 -1.13 26.92
N VAL B 206 -14.54 -0.54 26.16
CA VAL B 206 -15.96 -0.51 26.51
C VAL B 206 -16.76 -0.69 25.22
N ILE B 207 -17.74 -1.59 25.26
CA ILE B 207 -18.57 -1.88 24.10
C ILE B 207 -19.96 -1.30 24.37
N ILE B 208 -20.43 -0.45 23.46
CA ILE B 208 -21.70 0.26 23.60
C ILE B 208 -22.73 -0.45 22.71
N PRO B 209 -23.75 -1.08 23.29
CA PRO B 209 -24.57 -2.05 22.54
C PRO B 209 -25.43 -1.52 21.40
N ARG B 210 -26.20 -0.46 21.58
CA ARG B 210 -27.16 -0.13 20.52
C ARG B 210 -26.77 1.05 19.66
N GLY B 211 -26.17 2.08 20.24
CA GLY B 211 -25.84 3.27 19.49
C GLY B 211 -26.36 4.51 20.17
N ALA B 212 -26.90 5.45 19.38
CA ALA B 212 -27.38 6.70 19.95
C ALA B 212 -28.57 6.47 20.89
N ASP B 213 -29.35 5.41 20.65
CA ASP B 213 -30.52 5.14 21.48
C ASP B 213 -30.16 4.64 22.87
N ASN B 214 -28.94 4.16 23.07
CA ASN B 214 -28.51 3.68 24.38
C ASN B 214 -28.20 4.89 25.25
N LEU B 215 -29.22 5.39 25.96
CA LEU B 215 -29.09 6.62 26.72
C LEU B 215 -28.31 6.43 28.01
N VAL B 216 -28.37 5.23 28.61
CA VAL B 216 -27.61 4.96 29.83
C VAL B 216 -26.11 5.08 29.56
N ALA B 217 -25.66 4.47 28.47
CA ALA B 217 -24.23 4.47 28.16
C ALA B 217 -23.73 5.87 27.82
N ILE B 218 -24.50 6.63 27.03
CA ILE B 218 -24.10 8.00 26.69
C ILE B 218 -23.97 8.85 27.95
N ASN B 219 -24.93 8.74 28.86
CA ASN B 219 -24.80 9.44 30.14
C ASN B 219 -23.55 8.98 30.88
N LEU B 220 -23.23 7.69 30.77
CA LEU B 220 -22.04 7.16 31.44
C LEU B 220 -20.77 7.83 30.92
N ILE B 221 -20.72 8.09 29.61
CA ILE B 221 -19.54 8.75 29.05
C ILE B 221 -19.63 10.27 29.18
N VAL B 222 -20.82 10.86 28.99
CA VAL B 222 -20.94 12.30 29.10
C VAL B 222 -20.53 12.77 30.49
N GLN B 223 -20.78 11.94 31.51
CA GLN B 223 -20.39 12.28 32.87
C GLN B 223 -18.89 12.13 33.07
N HIS B 224 -18.31 11.03 32.57
CA HIS B 224 -16.86 10.84 32.68
C HIS B 224 -16.09 11.99 32.04
N ILE B 225 -16.62 12.55 30.96
CA ILE B 225 -15.89 13.61 30.26
C ILE B 225 -15.94 14.91 31.07
N GLN B 226 -17.03 15.17 31.76
CA GLN B 226 -17.10 16.37 32.59
C GLN B 226 -16.15 16.29 33.78
N ASP B 227 -15.92 15.08 34.31
CA ASP B 227 -14.87 14.92 35.32
C ASP B 227 -13.50 15.27 34.77
N ILE B 228 -13.25 14.99 33.48
CA ILE B 228 -11.96 15.31 32.88
C ILE B 228 -11.79 16.81 32.77
N LEU B 229 -12.84 17.52 32.38
CA LEU B 229 -12.76 18.97 32.27
C LEU B 229 -12.51 19.62 33.62
N ASN B 230 -13.24 19.18 34.65
CA ASN B 230 -13.09 19.76 35.98
C ASN B 230 -11.84 19.22 36.68
N GLY B 231 -11.56 17.93 36.51
CA GLY B 231 -10.48 17.28 37.22
C GLY B 231 -10.93 16.33 38.32
N GLY B 232 -12.22 16.01 38.37
CA GLY B 232 -12.78 15.22 39.45
C GLY B 232 -14.03 15.87 40.01
N PRO B 233 -14.78 15.13 40.84
CA PRO B 233 -16.01 15.63 41.45
C PRO B 233 -15.76 16.55 42.64
N GLU C 19 -41.29 -46.17 4.99
CA GLU C 19 -40.06 -46.47 4.25
C GLU C 19 -39.47 -45.32 3.39
N PRO C 20 -40.24 -44.28 3.03
CA PRO C 20 -39.63 -43.13 2.36
C PRO C 20 -38.52 -42.48 3.19
N PHE C 21 -37.61 -41.82 2.47
CA PHE C 21 -36.49 -41.11 3.08
C PHE C 21 -36.87 -39.66 3.27
N LEU C 22 -37.02 -39.24 4.52
CA LEU C 22 -37.45 -37.88 4.85
C LEU C 22 -36.22 -37.01 5.10
N ILE C 23 -36.13 -35.89 4.37
CA ILE C 23 -35.03 -34.94 4.51
C ILE C 23 -35.59 -33.61 5.00
N GLY C 24 -35.09 -33.14 6.14
CA GLY C 24 -35.50 -31.86 6.69
C GLY C 24 -34.51 -30.76 6.34
N VAL C 25 -35.05 -29.67 5.80
CA VAL C 25 -34.27 -28.52 5.35
C VAL C 25 -34.80 -27.28 6.05
N SER C 26 -33.94 -26.59 6.80
CA SER C 26 -34.35 -25.40 7.53
C SER C 26 -33.32 -24.29 7.33
N GLY C 27 -33.58 -23.16 7.98
CA GLY C 27 -32.80 -21.95 7.82
C GLY C 27 -33.72 -20.75 7.86
N GLY C 28 -33.11 -19.58 8.09
CA GLY C 28 -33.89 -18.35 8.11
C GLY C 28 -34.43 -17.99 6.73
N THR C 29 -35.32 -17.01 6.70
CA THR C 29 -35.88 -16.58 5.42
C THR C 29 -34.77 -16.06 4.51
N ALA C 30 -34.97 -16.22 3.21
CA ALA C 30 -34.04 -15.81 2.17
C ALA C 30 -32.68 -16.51 2.29
N SER C 31 -32.54 -17.47 3.19
CA SER C 31 -31.31 -18.25 3.23
C SER C 31 -31.14 -19.11 1.99
N GLY C 32 -32.22 -19.41 1.29
CA GLY C 32 -32.18 -20.23 0.11
C GLY C 32 -32.75 -21.63 0.27
N LYS C 33 -33.60 -21.87 1.27
CA LYS C 33 -34.17 -23.20 1.46
C LYS C 33 -34.92 -23.67 0.23
N SER C 34 -35.98 -22.95 -0.15
CA SER C 34 -36.80 -23.37 -1.29
C SER C 34 -35.99 -23.41 -2.58
N SER C 35 -35.08 -22.45 -2.76
CA SER C 35 -34.26 -22.45 -3.96
C SER C 35 -33.33 -23.65 -4.01
N VAL C 36 -32.84 -24.09 -2.85
CA VAL C 36 -32.03 -25.31 -2.81
C VAL C 36 -32.88 -26.51 -3.20
N CYS C 37 -34.08 -26.62 -2.63
CA CYS C 37 -34.96 -27.74 -2.92
C CYS C 37 -35.40 -27.75 -4.38
N ALA C 38 -35.66 -26.56 -4.94
CA ALA C 38 -36.05 -26.48 -6.34
C ALA C 38 -34.94 -26.98 -7.27
N LYS C 39 -33.69 -26.62 -6.98
CA LYS C 39 -32.58 -27.06 -7.81
C LYS C 39 -32.34 -28.55 -7.69
N ILE C 40 -32.62 -29.13 -6.53
CA ILE C 40 -32.32 -30.55 -6.32
C ILE C 40 -33.28 -31.43 -7.11
N VAL C 41 -34.59 -31.13 -7.05
CA VAL C 41 -35.52 -31.91 -7.84
C VAL C 41 -35.32 -31.65 -9.33
N GLN C 42 -34.78 -30.48 -9.69
CA GLN C 42 -34.58 -30.17 -11.10
C GLN C 42 -33.38 -30.94 -11.65
N LEU C 43 -32.25 -30.91 -10.93
CA LEU C 43 -31.07 -31.65 -11.38
C LEU C 43 -31.29 -33.15 -11.37
N LEU C 44 -32.30 -33.64 -10.64
CA LEU C 44 -32.69 -35.04 -10.69
C LEU C 44 -33.61 -35.34 -11.87
N GLY C 45 -33.89 -34.35 -12.72
CA GLY C 45 -34.83 -34.53 -13.81
C GLY C 45 -36.25 -34.81 -13.37
N GLN C 46 -36.56 -34.54 -12.10
CA GLN C 46 -37.88 -34.86 -11.56
C GLN C 46 -38.98 -33.96 -12.09
N ASN C 47 -38.64 -32.88 -12.79
CA ASN C 47 -39.67 -32.09 -13.44
C ASN C 47 -40.21 -32.79 -14.68
N GLU C 48 -39.39 -33.62 -15.32
CA GLU C 48 -39.85 -34.41 -16.46
C GLU C 48 -40.69 -35.61 -16.01
N VAL C 49 -40.38 -36.17 -14.85
CA VAL C 49 -41.15 -37.27 -14.30
C VAL C 49 -42.59 -36.81 -14.04
N ASP C 50 -43.53 -37.73 -14.18
CA ASP C 50 -44.95 -37.40 -14.09
C ASP C 50 -45.38 -37.27 -12.63
N TYR C 51 -46.56 -36.65 -12.44
CA TYR C 51 -47.05 -36.32 -11.11
C TYR C 51 -47.28 -37.57 -10.27
N ARG C 52 -47.94 -38.58 -10.83
CA ARG C 52 -48.18 -39.82 -10.09
C ARG C 52 -46.93 -40.68 -9.97
N GLN C 53 -45.87 -40.37 -10.70
CA GLN C 53 -44.65 -41.16 -10.71
C GLN C 53 -43.47 -40.44 -10.05
N LYS C 54 -43.71 -39.32 -9.37
CA LYS C 54 -42.64 -38.55 -8.74
C LYS C 54 -41.91 -39.38 -7.70
N GLN C 55 -40.57 -39.33 -7.75
CA GLN C 55 -39.75 -39.99 -6.74
C GLN C 55 -39.21 -39.04 -5.68
N VAL C 56 -39.23 -37.74 -5.94
CA VAL C 56 -38.79 -36.73 -4.99
C VAL C 56 -39.86 -35.64 -4.93
N VAL C 57 -40.36 -35.36 -3.72
CA VAL C 57 -41.45 -34.42 -3.53
C VAL C 57 -41.02 -33.36 -2.51
N ILE C 58 -41.49 -32.14 -2.70
CA ILE C 58 -41.16 -31.00 -1.84
C ILE C 58 -42.40 -30.60 -1.06
N LEU C 59 -42.28 -30.54 0.26
CA LEU C 59 -43.35 -30.05 1.13
C LEU C 59 -42.89 -28.81 1.86
N SER C 60 -43.76 -27.81 1.93
CA SER C 60 -43.46 -26.56 2.59
C SER C 60 -44.18 -26.49 3.92
N GLN C 61 -43.50 -25.94 4.92
CA GLN C 61 -44.12 -25.68 6.21
C GLN C 61 -45.22 -24.64 6.10
N ASP C 62 -45.19 -23.81 5.05
CA ASP C 62 -46.21 -22.80 4.84
C ASP C 62 -47.58 -23.41 4.58
N SER C 63 -47.61 -24.59 3.98
CA SER C 63 -48.88 -25.27 3.73
C SER C 63 -49.56 -25.71 5.02
N PHE C 64 -48.91 -25.58 6.16
CA PHE C 64 -49.42 -26.10 7.42
C PHE C 64 -49.62 -25.01 8.46
N TYR C 65 -49.84 -23.77 8.01
CA TYR C 65 -50.17 -22.70 8.93
C TYR C 65 -51.44 -23.03 9.70
N ARG C 66 -51.49 -22.62 10.96
CA ARG C 66 -52.69 -22.84 11.76
C ARG C 66 -53.85 -22.03 11.21
N VAL C 67 -55.06 -22.58 11.36
CA VAL C 67 -56.27 -21.81 11.16
C VAL C 67 -56.38 -20.83 12.32
N LEU C 68 -56.24 -19.54 12.03
CA LEU C 68 -56.16 -18.55 13.08
C LEU C 68 -57.52 -18.31 13.73
N THR C 69 -57.51 -18.18 15.05
CA THR C 69 -58.72 -17.83 15.77
C THR C 69 -59.15 -16.40 15.44
N SER C 70 -60.36 -16.05 15.88
CA SER C 70 -60.84 -14.68 15.68
C SER C 70 -59.98 -13.68 16.42
N GLU C 71 -59.49 -14.04 17.61
CA GLU C 71 -58.57 -13.18 18.33
C GLU C 71 -57.21 -13.13 17.64
N GLN C 72 -56.79 -14.26 17.07
CA GLN C 72 -55.51 -14.30 16.36
C GLN C 72 -55.56 -13.51 15.06
N LYS C 73 -56.62 -13.73 14.27
CA LYS C 73 -56.76 -13.01 13.01
C LYS C 73 -56.98 -11.51 13.23
N ALA C 74 -57.64 -11.14 14.34
CA ALA C 74 -57.77 -9.74 14.68
C ALA C 74 -56.41 -9.07 14.81
N LYS C 75 -55.51 -9.68 15.59
CA LYS C 75 -54.15 -9.18 15.69
C LYS C 75 -53.41 -9.27 14.36
N ALA C 76 -53.81 -10.19 13.49
CA ALA C 76 -53.14 -10.32 12.19
C ALA C 76 -53.44 -9.14 11.28
N LEU C 77 -54.69 -8.68 11.25
CA LEU C 77 -55.06 -7.62 10.32
C LEU C 77 -54.33 -6.32 10.62
N LYS C 78 -54.01 -6.06 11.88
CA LYS C 78 -53.20 -4.90 12.22
C LYS C 78 -51.71 -5.13 12.02
N GLY C 79 -51.30 -6.36 11.74
CA GLY C 79 -49.88 -6.67 11.67
C GLY C 79 -49.23 -6.94 13.00
N GLN C 80 -50.01 -7.08 14.07
CA GLN C 80 -49.47 -7.40 15.38
C GLN C 80 -49.19 -8.90 15.56
N PHE C 81 -49.40 -9.70 14.52
CA PHE C 81 -49.20 -11.15 14.59
C PHE C 81 -47.84 -11.53 14.03
N ASN C 82 -47.15 -12.44 14.70
CA ASN C 82 -45.80 -12.86 14.33
C ASN C 82 -45.91 -14.22 13.63
N PHE C 83 -45.96 -14.19 12.30
CA PHE C 83 -46.12 -15.40 11.50
C PHE C 83 -44.87 -16.28 11.46
N ASP C 84 -43.78 -15.88 12.11
CA ASP C 84 -42.61 -16.71 12.25
C ASP C 84 -42.53 -17.39 13.62
N HIS C 85 -43.47 -17.08 14.51
CA HIS C 85 -43.53 -17.72 15.81
C HIS C 85 -43.96 -19.19 15.67
N PRO C 86 -43.47 -20.07 16.53
CA PRO C 86 -43.89 -21.48 16.46
C PRO C 86 -45.37 -21.69 16.67
N ASP C 87 -46.06 -20.78 17.35
CA ASP C 87 -47.49 -20.92 17.56
C ASP C 87 -48.29 -20.82 16.27
N ALA C 88 -47.70 -20.24 15.21
CA ALA C 88 -48.40 -19.99 13.97
C ALA C 88 -48.56 -21.21 13.09
N PHE C 89 -47.96 -22.34 13.47
CA PHE C 89 -47.97 -23.53 12.63
C PHE C 89 -48.70 -24.67 13.32
N ASP C 90 -49.32 -25.52 12.51
CA ASP C 90 -50.08 -26.68 12.99
C ASP C 90 -49.11 -27.83 13.22
N ASN C 91 -48.52 -27.84 14.42
CA ASN C 91 -47.53 -28.87 14.74
C ASN C 91 -48.13 -30.27 14.65
N GLU C 92 -49.32 -30.44 15.22
CA GLU C 92 -49.94 -31.76 15.26
C GLU C 92 -50.29 -32.25 13.86
N LEU C 93 -50.73 -31.35 12.98
CA LEU C 93 -51.03 -31.75 11.61
C LEU C 93 -49.75 -32.09 10.84
N ILE C 94 -48.70 -31.29 11.06
CA ILE C 94 -47.40 -31.61 10.47
C ILE C 94 -46.94 -32.99 10.91
N LEU C 95 -47.10 -33.30 12.20
CA LEU C 95 -46.71 -34.60 12.70
C LEU C 95 -47.54 -35.72 12.07
N LYS C 96 -48.86 -35.54 12.03
CA LYS C 96 -49.74 -36.55 11.44
C LYS C 96 -49.40 -36.77 9.97
N THR C 97 -49.29 -35.68 9.20
CA THR C 97 -48.99 -35.81 7.78
C THR C 97 -47.63 -36.47 7.56
N LEU C 98 -46.62 -36.08 8.34
CA LEU C 98 -45.29 -36.64 8.12
C LEU C 98 -45.21 -38.10 8.56
N LYS C 99 -45.90 -38.46 9.63
CA LYS C 99 -45.88 -39.85 10.08
C LYS C 99 -46.53 -40.76 9.06
N GLU C 100 -47.65 -40.32 8.47
CA GLU C 100 -48.31 -41.13 7.46
C GLU C 100 -47.46 -41.28 6.21
N ILE C 101 -46.66 -40.27 5.88
CA ILE C 101 -45.79 -40.37 4.71
C ILE C 101 -44.73 -41.46 4.91
N THR C 102 -44.20 -41.57 6.13
CA THR C 102 -43.19 -42.60 6.41
C THR C 102 -43.78 -44.00 6.30
N GLU C 103 -45.08 -44.15 6.55
CA GLU C 103 -45.76 -45.44 6.43
C GLU C 103 -46.10 -45.80 5.00
N GLY C 104 -45.77 -44.95 4.03
CA GLY C 104 -46.14 -45.18 2.65
C GLY C 104 -47.53 -44.71 2.26
N LYS C 105 -48.25 -44.05 3.17
CA LYS C 105 -49.60 -43.60 2.89
C LYS C 105 -49.59 -42.37 1.99
N THR C 106 -50.53 -42.34 1.06
CA THR C 106 -50.82 -41.12 0.31
C THR C 106 -51.67 -40.20 1.19
N VAL C 107 -51.25 -38.93 1.29
CA VAL C 107 -51.80 -38.01 2.28
C VAL C 107 -52.24 -36.73 1.60
N GLN C 108 -53.12 -36.00 2.27
CA GLN C 108 -53.69 -34.76 1.74
C GLN C 108 -53.01 -33.55 2.37
N ILE C 109 -52.60 -32.61 1.53
CA ILE C 109 -51.89 -31.41 1.99
C ILE C 109 -52.81 -30.20 1.84
N PRO C 110 -52.87 -29.33 2.83
CA PRO C 110 -53.76 -28.16 2.75
C PRO C 110 -53.27 -27.16 1.72
N VAL C 111 -54.19 -26.28 1.33
CA VAL C 111 -53.89 -25.12 0.51
C VAL C 111 -54.30 -23.90 1.31
N TYR C 112 -53.33 -23.22 1.92
CA TYR C 112 -53.62 -22.10 2.79
C TYR C 112 -54.04 -20.88 1.98
N ASP C 113 -54.85 -20.03 2.60
CA ASP C 113 -55.24 -18.75 2.03
C ASP C 113 -54.68 -17.66 2.94
N PHE C 114 -53.60 -17.00 2.50
CA PHE C 114 -52.93 -16.01 3.33
C PHE C 114 -53.86 -14.87 3.73
N VAL C 115 -54.82 -14.52 2.87
CA VAL C 115 -55.66 -13.35 3.13
C VAL C 115 -56.68 -13.66 4.22
N SER C 116 -57.41 -14.77 4.08
CA SER C 116 -58.44 -15.14 5.05
C SER C 116 -57.90 -15.95 6.22
N HIS C 117 -56.64 -16.39 6.15
CA HIS C 117 -56.00 -17.17 7.22
C HIS C 117 -56.78 -18.44 7.54
N SER C 118 -57.10 -19.19 6.50
CA SER C 118 -57.75 -20.48 6.64
C SER C 118 -57.31 -21.36 5.48
N ARG C 119 -57.72 -22.63 5.54
CA ARG C 119 -57.41 -23.58 4.49
C ARG C 119 -58.56 -23.65 3.49
N LYS C 120 -58.23 -23.46 2.21
CA LYS C 120 -59.24 -23.61 1.17
C LYS C 120 -59.73 -25.05 1.12
N GLU C 121 -61.00 -25.22 0.75
CA GLU C 121 -61.59 -26.56 0.67
C GLU C 121 -60.81 -27.46 -0.29
N GLU C 122 -60.26 -26.88 -1.37
CA GLU C 122 -59.41 -27.65 -2.26
C GLU C 122 -58.09 -27.97 -1.59
N THR C 123 -57.66 -29.23 -1.71
CA THR C 123 -56.41 -29.69 -1.11
C THR C 123 -55.60 -30.47 -2.14
N VAL C 124 -54.29 -30.52 -1.91
CA VAL C 124 -53.36 -31.21 -2.81
C VAL C 124 -53.05 -32.58 -2.25
N THR C 125 -53.10 -33.60 -3.10
CA THR C 125 -52.74 -34.96 -2.73
C THR C 125 -51.32 -35.24 -3.18
N VAL C 126 -50.52 -35.87 -2.32
CA VAL C 126 -49.17 -36.25 -2.66
C VAL C 126 -49.04 -37.76 -2.48
N TYR C 127 -48.63 -38.45 -3.55
CA TYR C 127 -48.42 -39.88 -3.52
C TYR C 127 -47.07 -40.20 -2.89
N PRO C 128 -46.96 -41.33 -2.18
CA PRO C 128 -45.71 -41.64 -1.48
C PRO C 128 -44.54 -41.76 -2.44
N ALA C 129 -43.57 -40.87 -2.28
CA ALA C 129 -42.33 -40.90 -3.06
C ALA C 129 -41.22 -41.54 -2.23
N ASP C 130 -40.12 -41.85 -2.90
CA ASP C 130 -38.99 -42.45 -2.21
C ASP C 130 -38.26 -41.43 -1.34
N VAL C 131 -38.19 -40.18 -1.80
CA VAL C 131 -37.53 -39.10 -1.07
C VAL C 131 -38.53 -37.97 -0.88
N VAL C 132 -38.52 -37.38 0.33
CA VAL C 132 -39.44 -36.30 0.69
C VAL C 132 -38.61 -35.18 1.32
N LEU C 133 -38.72 -33.97 0.76
CA LEU C 133 -38.04 -32.79 1.28
C LEU C 133 -39.05 -31.87 1.96
N PHE C 134 -39.05 -31.83 3.29
CA PHE C 134 -39.84 -30.89 4.06
C PHE C 134 -38.95 -29.72 4.46
N GLU C 135 -39.39 -28.50 4.15
CA GLU C 135 -38.60 -27.31 4.38
C GLU C 135 -39.42 -26.23 5.10
N GLY C 136 -38.76 -25.52 6.00
CA GLY C 136 -39.40 -24.47 6.76
C GLY C 136 -38.44 -23.91 7.78
N ILE C 137 -38.75 -22.70 8.24
CA ILE C 137 -37.88 -22.04 9.21
C ILE C 137 -37.89 -22.74 10.57
N LEU C 138 -38.86 -23.62 10.82
CA LEU C 138 -38.95 -24.31 12.10
C LEU C 138 -39.04 -25.82 11.92
N ALA C 139 -38.49 -26.35 10.83
CA ALA C 139 -38.55 -27.78 10.58
C ALA C 139 -37.88 -28.61 11.68
N PHE C 140 -37.00 -28.01 12.48
CA PHE C 140 -36.31 -28.72 13.55
C PHE C 140 -36.77 -28.29 14.94
N TYR C 141 -37.86 -27.53 15.05
CA TYR C 141 -38.24 -26.96 16.34
C TYR C 141 -38.79 -28.03 17.28
N SER C 142 -39.75 -28.83 16.82
CA SER C 142 -40.35 -29.86 17.65
C SER C 142 -39.51 -31.13 17.60
N GLN C 143 -39.21 -31.70 18.77
CA GLN C 143 -38.43 -32.92 18.83
C GLN C 143 -39.10 -34.05 18.07
N GLU C 144 -40.43 -34.14 18.15
CA GLU C 144 -41.15 -35.22 17.49
C GLU C 144 -40.98 -35.14 15.98
N VAL C 145 -41.22 -33.96 15.41
CA VAL C 145 -41.04 -33.79 13.97
C VAL C 145 -39.58 -33.90 13.58
N ARG C 146 -38.69 -33.34 14.40
CA ARG C 146 -37.27 -33.36 14.10
C ARG C 146 -36.75 -34.80 13.99
N ASP C 147 -37.25 -35.69 14.85
CA ASP C 147 -36.77 -37.07 14.87
C ASP C 147 -37.31 -37.91 13.73
N LEU C 148 -38.17 -37.35 12.87
CA LEU C 148 -38.65 -38.09 11.70
C LEU C 148 -37.70 -38.00 10.52
N PHE C 149 -36.82 -37.01 10.50
CA PHE C 149 -35.90 -36.83 9.39
C PHE C 149 -34.72 -37.78 9.53
N GLN C 150 -34.38 -38.46 8.43
CA GLN C 150 -33.17 -39.27 8.40
C GLN C 150 -31.95 -38.44 8.00
N MET C 151 -32.16 -37.27 7.41
CA MET C 151 -31.10 -36.32 7.13
C MET C 151 -31.63 -34.92 7.38
N LYS C 152 -30.91 -34.14 8.16
CA LYS C 152 -31.32 -32.78 8.51
C LYS C 152 -30.30 -31.80 7.96
N LEU C 153 -30.75 -30.89 7.10
CA LEU C 153 -29.90 -29.89 6.48
C LEU C 153 -30.28 -28.50 6.97
N PHE C 154 -29.27 -27.68 7.25
CA PHE C 154 -29.49 -26.28 7.62
C PHE C 154 -28.77 -25.40 6.61
N VAL C 155 -29.50 -24.54 5.95
CA VAL C 155 -28.93 -23.60 4.99
C VAL C 155 -28.57 -22.33 5.75
N ASP C 156 -27.28 -22.13 5.96
CA ASP C 156 -26.77 -21.03 6.77
C ASP C 156 -26.34 -19.89 5.86
N THR C 157 -26.95 -18.73 6.05
CA THR C 157 -26.65 -17.55 5.25
C THR C 157 -26.68 -16.33 6.17
N ASP C 158 -25.67 -15.48 6.03
CA ASP C 158 -25.48 -14.36 6.96
C ASP C 158 -26.71 -13.46 6.99
N ALA C 159 -27.01 -12.95 8.19
CA ALA C 159 -28.26 -12.22 8.41
C ALA C 159 -28.37 -11.02 7.47
N ASP C 160 -27.31 -10.22 7.36
CA ASP C 160 -27.39 -9.05 6.51
C ASP C 160 -27.49 -9.44 5.04
N THR C 161 -26.93 -10.60 4.66
CA THR C 161 -27.12 -11.09 3.28
C THR C 161 -28.57 -11.52 3.07
N ARG C 162 -29.15 -12.23 4.03
CA ARG C 162 -30.55 -12.64 3.91
C ARG C 162 -31.48 -11.45 3.92
N LEU C 163 -31.17 -10.43 4.70
CA LEU C 163 -32.00 -9.23 4.74
C LEU C 163 -32.00 -8.51 3.39
N SER C 164 -30.86 -8.54 2.70
CA SER C 164 -30.79 -7.90 1.38
C SER C 164 -31.56 -8.70 0.34
N ARG C 165 -31.49 -10.03 0.43
CA ARG C 165 -32.27 -10.88 -0.48
C ARG C 165 -33.75 -10.65 -0.27
N ARG C 166 -34.20 -10.59 0.98
CA ARG C 166 -35.63 -10.43 1.26
C ARG C 166 -36.15 -9.08 0.80
N VAL C 167 -35.36 -8.03 0.97
CA VAL C 167 -35.81 -6.69 0.59
C VAL C 167 -36.05 -6.62 -0.91
N LEU C 168 -35.16 -7.22 -1.70
CA LEU C 168 -35.33 -7.20 -3.15
C LEU C 168 -36.51 -8.04 -3.58
N ARG C 169 -36.75 -9.17 -2.90
CA ARG C 169 -37.90 -10.01 -3.25
C ARG C 169 -39.21 -9.32 -2.89
N ASP C 170 -39.31 -8.78 -1.67
CA ASP C 170 -40.57 -8.18 -1.22
C ASP C 170 -40.92 -6.91 -1.99
N ILE C 171 -39.96 -6.31 -2.69
CA ILE C 171 -40.28 -5.20 -3.57
C ILE C 171 -40.98 -5.72 -4.82
N SER C 172 -40.37 -6.70 -5.48
CA SER C 172 -40.90 -7.20 -6.75
C SER C 172 -42.10 -8.13 -6.53
N GLU C 173 -41.89 -9.21 -5.77
CA GLU C 173 -42.93 -10.23 -5.64
C GLU C 173 -44.17 -9.71 -4.92
N ARG C 174 -43.98 -8.95 -3.84
CA ARG C 174 -45.08 -8.51 -3.01
C ARG C 174 -45.46 -7.05 -3.21
N GLY C 175 -44.70 -6.29 -3.99
CA GLY C 175 -45.01 -4.90 -4.24
C GLY C 175 -45.18 -4.07 -2.97
N ARG C 176 -44.44 -4.44 -1.94
CA ARG C 176 -44.55 -3.77 -0.64
C ARG C 176 -43.69 -2.51 -0.61
N ASP C 177 -43.67 -1.85 0.54
CA ASP C 177 -42.96 -0.59 0.72
C ASP C 177 -41.75 -0.79 1.62
N LEU C 178 -40.66 -0.09 1.30
CA LEU C 178 -39.36 -0.40 1.89
C LEU C 178 -39.31 -0.11 3.38
N GLU C 179 -39.78 1.07 3.80
CA GLU C 179 -39.79 1.39 5.22
C GLU C 179 -40.66 0.42 6.01
N GLN C 180 -41.60 -0.25 5.34
CA GLN C 180 -42.44 -1.25 6.00
C GLN C 180 -41.74 -2.61 6.05
N ILE C 181 -41.07 -2.98 4.95
CA ILE C 181 -40.32 -4.23 4.92
C ILE C 181 -39.29 -4.26 6.03
N LEU C 182 -38.51 -3.19 6.16
CA LEU C 182 -37.47 -3.12 7.18
C LEU C 182 -38.07 -3.04 8.57
N SER C 183 -39.26 -2.46 8.71
CA SER C 183 -39.89 -2.37 10.02
C SER C 183 -40.33 -3.75 10.53
N GLN C 184 -40.93 -4.56 9.65
CA GLN C 184 -41.41 -5.86 10.09
C GLN C 184 -40.26 -6.85 10.33
N TYR C 185 -39.15 -6.68 9.62
CA TYR C 185 -37.99 -7.55 9.82
C TYR C 185 -37.39 -7.33 11.21
N ILE C 186 -37.12 -6.07 11.55
CA ILE C 186 -36.48 -5.77 12.82
C ILE C 186 -37.36 -6.21 13.99
N THR C 187 -38.67 -6.04 13.86
CA THR C 187 -39.57 -6.28 14.99
C THR C 187 -40.04 -7.73 15.08
N PHE C 188 -40.28 -8.39 13.95
CA PHE C 188 -40.88 -9.72 13.94
C PHE C 188 -39.94 -10.80 13.44
N VAL C 189 -39.42 -10.66 12.22
CA VAL C 189 -38.65 -11.74 11.60
C VAL C 189 -37.34 -11.97 12.33
N LYS C 190 -36.58 -10.89 12.58
CA LYS C 190 -35.29 -11.02 13.25
C LYS C 190 -35.40 -11.64 14.64
N PRO C 191 -36.28 -11.18 15.54
CA PRO C 191 -36.32 -11.80 16.88
C PRO C 191 -36.86 -13.21 16.86
N ALA C 192 -37.72 -13.55 15.90
CA ALA C 192 -38.21 -14.92 15.81
C ALA C 192 -37.14 -15.85 15.23
N PHE C 193 -36.27 -15.33 14.38
CA PHE C 193 -35.15 -16.12 13.87
C PHE C 193 -34.18 -16.44 15.00
N GLU C 194 -33.84 -15.44 15.80
CA GLU C 194 -32.85 -15.63 16.85
C GLU C 194 -33.38 -16.51 17.97
N GLU C 195 -34.64 -16.32 18.35
CA GLU C 195 -35.16 -17.05 19.50
C GLU C 195 -35.54 -18.49 19.17
N PHE C 196 -36.00 -18.75 17.95
CA PHE C 196 -36.54 -20.06 17.60
C PHE C 196 -35.73 -20.77 16.51
N CYS C 197 -35.47 -20.11 15.39
CA CYS C 197 -34.89 -20.81 14.25
C CYS C 197 -33.40 -21.11 14.47
N LEU C 198 -32.64 -20.09 14.86
CA LEU C 198 -31.21 -20.27 15.04
C LEU C 198 -30.84 -21.32 16.09
N PRO C 199 -31.52 -21.42 17.25
CA PRO C 199 -31.16 -22.46 18.21
C PRO C 199 -31.35 -23.88 17.69
N THR C 200 -32.06 -24.07 16.59
CA THR C 200 -32.25 -25.38 16.00
C THR C 200 -31.14 -25.75 15.01
N LYS C 201 -30.20 -24.84 14.74
CA LYS C 201 -29.08 -25.15 13.86
C LYS C 201 -28.24 -26.29 14.41
N LYS C 202 -28.23 -26.48 15.73
CA LYS C 202 -27.39 -27.50 16.34
C LYS C 202 -27.84 -28.92 15.97
N TYR C 203 -29.13 -29.10 15.67
CA TYR C 203 -29.64 -30.41 15.31
C TYR C 203 -29.32 -30.81 13.88
N ALA C 204 -28.75 -29.90 13.09
CA ALA C 204 -28.50 -30.17 11.68
C ALA C 204 -27.34 -31.15 11.51
N ASP C 205 -27.52 -32.10 10.59
CA ASP C 205 -26.44 -33.03 10.29
C ASP C 205 -25.42 -32.42 9.34
N VAL C 206 -25.88 -31.66 8.35
CA VAL C 206 -25.01 -30.99 7.38
C VAL C 206 -25.47 -29.56 7.22
N ILE C 207 -24.53 -28.64 7.12
CA ILE C 207 -24.82 -27.22 6.95
C ILE C 207 -24.45 -26.81 5.53
N ILE C 208 -25.42 -26.31 4.78
CA ILE C 208 -25.23 -25.87 3.41
C ILE C 208 -25.05 -24.36 3.41
N PRO C 209 -23.84 -23.83 3.21
CA PRO C 209 -23.64 -22.39 3.25
C PRO C 209 -24.23 -21.68 2.04
N ARG C 210 -24.79 -20.50 2.29
CA ARG C 210 -25.14 -19.48 1.30
C ARG C 210 -26.09 -19.97 0.20
N GLY C 211 -26.75 -21.11 0.39
CA GLY C 211 -27.94 -21.40 -0.39
C GLY C 211 -27.69 -22.02 -1.76
N ALA C 212 -28.58 -21.70 -2.69
CA ALA C 212 -28.63 -22.42 -3.97
C ALA C 212 -27.42 -22.17 -4.85
N ASP C 213 -26.66 -21.09 -4.60
CA ASP C 213 -25.44 -20.87 -5.35
C ASP C 213 -24.39 -21.92 -5.03
N ASN C 214 -24.55 -22.67 -3.94
CA ASN C 214 -23.61 -23.70 -3.51
C ASN C 214 -23.84 -24.96 -4.34
N LEU C 215 -23.39 -24.91 -5.60
CA LEU C 215 -23.63 -26.02 -6.51
C LEU C 215 -22.91 -27.29 -6.07
N VAL C 216 -21.76 -27.14 -5.41
CA VAL C 216 -21.06 -28.30 -4.87
C VAL C 216 -21.93 -29.01 -3.86
N ALA C 217 -22.60 -28.27 -2.98
CA ALA C 217 -23.43 -28.88 -1.96
C ALA C 217 -24.71 -29.45 -2.57
N ILE C 218 -25.25 -28.77 -3.57
CA ILE C 218 -26.47 -29.26 -4.22
C ILE C 218 -26.18 -30.54 -4.99
N ASN C 219 -25.08 -30.56 -5.74
CA ASN C 219 -24.68 -31.77 -6.44
C ASN C 219 -24.36 -32.92 -5.49
N LEU C 220 -24.02 -32.61 -4.24
CA LEU C 220 -23.75 -33.66 -3.26
C LEU C 220 -25.05 -34.27 -2.73
N ILE C 221 -26.08 -33.46 -2.56
CA ILE C 221 -27.39 -33.99 -2.16
C ILE C 221 -28.09 -34.62 -3.36
N VAL C 222 -27.94 -34.01 -4.54
CA VAL C 222 -28.53 -34.58 -5.75
C VAL C 222 -27.95 -35.97 -6.01
N GLN C 223 -26.62 -36.10 -5.92
CA GLN C 223 -26.00 -37.39 -6.18
C GLN C 223 -26.36 -38.42 -5.11
N HIS C 224 -26.51 -37.99 -3.86
CA HIS C 224 -26.87 -38.93 -2.79
C HIS C 224 -28.30 -39.41 -2.94
N ILE C 225 -29.21 -38.53 -3.36
CA ILE C 225 -30.58 -38.94 -3.58
C ILE C 225 -30.67 -39.92 -4.74
N GLN C 226 -29.88 -39.71 -5.78
CA GLN C 226 -29.84 -40.64 -6.91
C GLN C 226 -29.49 -42.05 -6.44
N ASP C 227 -28.59 -42.16 -5.46
CA ASP C 227 -28.22 -43.47 -4.94
C ASP C 227 -29.34 -44.08 -4.10
N ILE C 228 -30.19 -43.24 -3.50
CA ILE C 228 -31.33 -43.77 -2.76
C ILE C 228 -32.38 -44.31 -3.72
N LEU C 229 -32.59 -43.64 -4.86
CA LEU C 229 -33.56 -44.09 -5.84
C LEU C 229 -33.12 -45.35 -6.57
N ASN C 230 -31.89 -45.83 -6.37
CA ASN C 230 -31.45 -47.06 -6.98
C ASN C 230 -31.05 -48.08 -5.91
N GLY D 18 -3.25 -7.49 -40.44
CA GLY D 18 -3.70 -6.33 -41.19
C GLY D 18 -4.42 -5.31 -40.31
N GLU D 19 -3.66 -4.67 -39.43
CA GLU D 19 -4.18 -3.71 -38.48
C GLU D 19 -3.52 -2.36 -38.71
N PRO D 20 -4.16 -1.27 -38.26
CA PRO D 20 -3.49 0.03 -38.30
C PRO D 20 -2.21 0.03 -37.47
N PHE D 21 -1.18 0.65 -38.02
CA PHE D 21 0.10 0.79 -37.32
C PHE D 21 0.05 2.04 -36.45
N LEU D 22 0.04 1.85 -35.14
CA LEU D 22 0.03 2.97 -34.20
C LEU D 22 1.45 3.44 -33.92
N ILE D 23 1.65 4.75 -33.96
CA ILE D 23 2.91 5.37 -33.61
C ILE D 23 2.60 6.39 -32.52
N GLY D 24 3.09 6.15 -31.31
CA GLY D 24 2.94 7.10 -30.23
C GLY D 24 4.07 8.12 -30.24
N VAL D 25 3.71 9.37 -29.97
CA VAL D 25 4.65 10.48 -29.96
C VAL D 25 4.48 11.26 -28.66
N SER D 26 5.55 11.37 -27.88
CA SER D 26 5.52 12.12 -26.64
C SER D 26 6.67 13.11 -26.63
N GLY D 27 6.82 13.81 -25.51
CA GLY D 27 7.82 14.86 -25.37
C GLY D 27 7.29 16.02 -24.57
N GLY D 28 8.17 16.91 -24.12
CA GLY D 28 7.72 18.06 -23.37
C GLY D 28 6.98 19.06 -24.22
N THR D 29 6.30 19.99 -23.56
CA THR D 29 5.61 21.05 -24.28
C THR D 29 6.62 21.93 -25.01
N ALA D 30 6.24 22.39 -26.20
CA ALA D 30 7.10 23.17 -27.08
C ALA D 30 8.35 22.41 -27.51
N SER D 31 8.33 21.09 -27.42
CA SER D 31 9.46 20.30 -27.94
C SER D 31 9.38 20.11 -29.44
N GLY D 32 8.21 20.21 -30.02
CA GLY D 32 8.02 20.01 -31.43
C GLY D 32 7.25 18.77 -31.83
N LYS D 33 6.44 18.20 -30.92
CA LYS D 33 5.63 17.04 -31.26
C LYS D 33 4.75 17.35 -32.47
N SER D 34 3.82 18.29 -32.29
CA SER D 34 2.82 18.59 -33.31
C SER D 34 3.47 18.93 -34.64
N SER D 35 4.51 19.76 -34.63
CA SER D 35 5.21 20.09 -35.86
C SER D 35 5.89 18.87 -36.46
N VAL D 36 6.39 17.96 -35.61
CA VAL D 36 7.02 16.74 -36.15
C VAL D 36 5.99 15.91 -36.89
N CYS D 37 4.87 15.60 -36.24
CA CYS D 37 3.82 14.82 -36.89
C CYS D 37 3.24 15.56 -38.09
N ALA D 38 2.97 16.86 -37.94
CA ALA D 38 2.40 17.63 -39.04
C ALA D 38 3.34 17.66 -40.24
N LYS D 39 4.65 17.76 -39.99
CA LYS D 39 5.62 17.71 -41.08
C LYS D 39 5.63 16.35 -41.76
N ILE D 40 5.40 15.28 -41.00
CA ILE D 40 5.42 13.94 -41.60
C ILE D 40 4.31 13.82 -42.64
N VAL D 41 3.06 14.09 -42.26
CA VAL D 41 1.95 13.90 -43.18
C VAL D 41 2.03 14.88 -44.35
N GLN D 42 2.48 16.11 -44.10
CA GLN D 42 2.74 17.03 -45.20
C GLN D 42 3.78 16.45 -46.15
N LEU D 43 4.81 15.80 -45.60
CA LEU D 43 5.86 15.22 -46.43
C LEU D 43 5.35 14.05 -47.25
N LEU D 44 4.47 13.22 -46.67
CA LEU D 44 3.83 12.17 -47.45
C LEU D 44 2.83 12.74 -48.44
N GLY D 45 2.16 13.83 -48.10
CA GLY D 45 1.12 14.40 -48.92
C GLY D 45 -0.30 14.04 -48.51
N GLN D 46 -0.50 13.56 -47.29
CA GLN D 46 -1.78 13.02 -46.85
C GLN D 46 -2.78 14.08 -46.40
N ASN D 47 -2.53 15.36 -46.66
CA ASN D 47 -3.55 16.37 -46.39
C ASN D 47 -3.88 17.16 -47.65
N ASP D 50 -7.83 13.02 -49.03
CA ASP D 50 -9.23 12.71 -48.81
C ASP D 50 -9.44 12.05 -47.44
N TYR D 51 -10.27 12.69 -46.61
CA TYR D 51 -10.46 12.20 -45.25
C TYR D 51 -11.14 10.83 -45.22
N ARG D 52 -11.88 10.49 -46.26
CA ARG D 52 -12.52 9.17 -46.30
C ARG D 52 -11.50 8.08 -46.64
N GLN D 53 -10.48 8.41 -47.44
CA GLN D 53 -9.54 7.41 -47.94
C GLN D 53 -8.10 7.70 -47.52
N LYS D 54 -7.89 8.59 -46.55
CA LYS D 54 -6.54 8.87 -46.08
C LYS D 54 -5.96 7.67 -45.36
N GLN D 55 -4.65 7.45 -45.52
CA GLN D 55 -3.99 6.29 -44.94
C GLN D 55 -3.16 6.61 -43.71
N VAL D 56 -2.77 7.87 -43.51
CA VAL D 56 -2.05 8.30 -42.32
C VAL D 56 -2.88 9.39 -41.66
N VAL D 57 -3.07 9.27 -40.35
CA VAL D 57 -3.92 10.21 -39.62
C VAL D 57 -3.27 10.53 -38.28
N ILE D 58 -3.69 11.66 -37.71
CA ILE D 58 -3.10 12.21 -36.50
C ILE D 58 -4.20 12.35 -35.45
N LEU D 59 -3.99 11.76 -34.29
CA LEU D 59 -4.83 11.99 -33.12
C LEU D 59 -4.04 12.78 -32.09
N SER D 60 -4.71 13.73 -31.46
CA SER D 60 -4.10 14.58 -30.45
C SER D 60 -4.68 14.27 -29.09
N GLN D 61 -3.80 14.11 -28.10
CA GLN D 61 -4.25 13.94 -26.72
C GLN D 61 -5.15 15.09 -26.28
N ASP D 62 -4.95 16.28 -26.86
CA ASP D 62 -5.74 17.45 -26.51
C ASP D 62 -7.21 17.28 -26.86
N SER D 63 -7.54 16.38 -27.80
CA SER D 63 -8.94 16.12 -28.12
C SER D 63 -9.70 15.48 -26.97
N PHE D 64 -8.99 14.84 -26.04
CA PHE D 64 -9.59 13.95 -25.05
C PHE D 64 -9.58 14.56 -23.65
N TYR D 65 -9.77 15.88 -23.56
CA TYR D 65 -9.91 16.51 -22.26
C TYR D 65 -11.23 16.10 -21.62
N ARG D 66 -11.20 15.86 -20.32
CA ARG D 66 -12.42 15.57 -19.60
C ARG D 66 -13.35 16.78 -19.59
N VAL D 67 -14.62 16.53 -19.31
CA VAL D 67 -15.57 17.61 -19.12
C VAL D 67 -15.46 18.12 -17.68
N LEU D 68 -15.31 19.43 -17.55
CA LEU D 68 -15.06 20.05 -16.25
C LEU D 68 -16.37 20.30 -15.51
N THR D 69 -16.34 20.12 -14.19
CA THR D 69 -17.46 20.54 -13.36
C THR D 69 -17.45 22.05 -13.19
N SER D 70 -18.56 22.58 -12.65
CA SER D 70 -18.63 24.01 -12.41
C SER D 70 -17.55 24.48 -11.45
N GLU D 71 -17.14 23.61 -10.51
CA GLU D 71 -16.01 23.93 -9.65
C GLU D 71 -14.71 23.90 -10.44
N GLN D 72 -14.59 22.99 -11.40
CA GLN D 72 -13.40 22.94 -12.23
C GLN D 72 -13.40 24.08 -13.25
N LYS D 73 -14.56 24.43 -13.80
CA LYS D 73 -14.65 25.55 -14.71
C LYS D 73 -14.20 26.85 -14.03
N ALA D 74 -14.64 27.05 -12.79
CA ALA D 74 -14.39 28.32 -12.11
C ALA D 74 -12.91 28.51 -11.79
N LYS D 75 -12.22 27.45 -11.39
CA LYS D 75 -10.78 27.57 -11.14
C LYS D 75 -10.01 27.74 -12.45
N ALA D 76 -10.50 27.16 -13.55
CA ALA D 76 -9.85 27.31 -14.84
C ALA D 76 -9.82 28.77 -15.29
N LEU D 77 -10.84 29.54 -14.92
CA LEU D 77 -10.85 30.97 -15.26
C LEU D 77 -9.84 31.73 -14.42
N LYS D 78 -9.65 31.33 -13.17
CA LYS D 78 -8.65 31.95 -12.30
C LYS D 78 -7.25 31.41 -12.55
N GLY D 79 -7.07 30.59 -13.58
CA GLY D 79 -5.77 30.04 -13.91
C GLY D 79 -5.25 28.99 -12.95
N GLN D 80 -6.09 28.44 -12.09
CA GLN D 80 -5.68 27.46 -11.09
C GLN D 80 -5.93 26.02 -11.51
N PHE D 81 -6.41 25.79 -12.73
CA PHE D 81 -6.59 24.43 -13.22
C PHE D 81 -5.31 23.94 -13.90
N ASN D 82 -5.04 22.66 -13.74
CA ASN D 82 -3.82 22.04 -14.26
C ASN D 82 -4.17 21.21 -15.50
N PHE D 83 -4.11 21.84 -16.66
CA PHE D 83 -4.42 21.14 -17.91
C PHE D 83 -3.32 20.18 -18.34
N ASP D 84 -2.19 20.13 -17.63
CA ASP D 84 -1.10 19.22 -17.96
C ASP D 84 -1.08 18.00 -17.04
N HIS D 85 -1.97 17.94 -16.05
CA HIS D 85 -2.07 16.80 -15.15
C HIS D 85 -2.81 15.66 -15.85
N PRO D 86 -2.44 14.40 -15.58
CA PRO D 86 -3.16 13.28 -16.20
C PRO D 86 -4.61 13.21 -15.80
N ASP D 87 -4.99 13.78 -14.65
CA ASP D 87 -6.39 13.80 -14.25
C ASP D 87 -7.23 14.68 -15.16
N ALA D 88 -6.60 15.56 -15.93
CA ALA D 88 -7.33 16.44 -16.84
C ALA D 88 -7.73 15.76 -18.14
N PHE D 89 -7.39 14.48 -18.31
CA PHE D 89 -7.60 13.78 -19.57
C PHE D 89 -8.43 12.51 -19.36
N ASP D 90 -9.14 12.10 -20.41
CA ASP D 90 -10.05 10.95 -20.36
C ASP D 90 -9.29 9.70 -20.78
N ASN D 91 -8.55 9.13 -19.83
CA ASN D 91 -7.77 7.93 -20.14
C ASN D 91 -8.68 6.79 -20.60
N GLU D 92 -9.85 6.64 -19.98
CA GLU D 92 -10.79 5.60 -20.40
C GLU D 92 -11.18 5.79 -21.86
N LEU D 93 -11.52 7.02 -22.25
CA LEU D 93 -11.89 7.29 -23.63
C LEU D 93 -10.72 7.06 -24.59
N ILE D 94 -9.52 7.46 -24.18
CA ILE D 94 -8.34 7.30 -25.05
C ILE D 94 -8.08 5.82 -25.29
N LEU D 95 -8.11 5.02 -24.23
CA LEU D 95 -7.89 3.59 -24.37
C LEU D 95 -8.97 2.94 -25.23
N LYS D 96 -10.24 3.25 -24.96
CA LYS D 96 -11.32 2.68 -25.74
C LYS D 96 -11.21 3.10 -27.21
N THR D 97 -10.82 4.34 -27.46
CA THR D 97 -10.71 4.84 -28.82
C THR D 97 -9.55 4.18 -29.56
N LEU D 98 -8.41 4.01 -28.89
CA LEU D 98 -7.22 3.47 -29.55
C LEU D 98 -7.27 1.95 -29.67
N LYS D 99 -8.00 1.28 -28.77
CA LYS D 99 -8.17 -0.17 -28.91
C LYS D 99 -9.06 -0.49 -30.11
N GLU D 100 -10.17 0.23 -30.27
CA GLU D 100 -11.03 0.02 -31.41
C GLU D 100 -10.33 0.40 -32.72
N ILE D 101 -9.33 1.27 -32.66
CA ILE D 101 -8.58 1.61 -33.87
C ILE D 101 -7.65 0.46 -34.26
N THR D 102 -6.96 -0.13 -33.29
CA THR D 102 -6.13 -1.30 -33.58
C THR D 102 -6.98 -2.48 -34.03
N GLU D 103 -8.25 -2.52 -33.63
CA GLU D 103 -9.20 -3.52 -34.08
C GLU D 103 -9.79 -3.19 -35.45
N GLY D 104 -9.36 -2.09 -36.07
CA GLY D 104 -9.78 -1.77 -37.43
C GLY D 104 -11.15 -1.17 -37.57
N LYS D 105 -11.71 -0.61 -36.51
CA LYS D 105 -13.03 0.01 -36.58
C LYS D 105 -12.91 1.51 -36.89
N THR D 106 -14.06 2.13 -37.12
CA THR D 106 -14.15 3.58 -37.21
C THR D 106 -14.56 4.12 -35.85
N VAL D 107 -13.95 5.22 -35.44
CA VAL D 107 -14.19 5.79 -34.12
C VAL D 107 -14.58 7.25 -34.26
N GLN D 108 -15.26 7.76 -33.23
CA GLN D 108 -15.68 9.15 -33.17
C GLN D 108 -14.74 9.90 -32.24
N ILE D 109 -14.03 10.89 -32.79
CA ILE D 109 -13.11 11.70 -32.00
C ILE D 109 -13.88 12.90 -31.46
N PRO D 110 -13.79 13.21 -30.18
CA PRO D 110 -14.51 14.36 -29.64
C PRO D 110 -13.94 15.68 -30.16
N VAL D 111 -14.79 16.71 -30.09
CA VAL D 111 -14.41 18.08 -30.41
C VAL D 111 -14.66 18.91 -29.17
N TYR D 112 -13.58 19.29 -28.48
CA TYR D 112 -13.70 19.98 -27.21
C TYR D 112 -14.01 21.45 -27.42
N ASP D 113 -14.94 21.97 -26.61
CA ASP D 113 -15.28 23.40 -26.60
C ASP D 113 -14.69 23.96 -25.31
N PHE D 114 -13.54 24.64 -25.43
CA PHE D 114 -12.88 25.17 -24.26
C PHE D 114 -13.67 26.30 -23.61
N VAL D 115 -14.55 26.96 -24.36
CA VAL D 115 -15.37 28.02 -23.78
C VAL D 115 -16.32 27.44 -22.75
N SER D 116 -17.01 26.35 -23.09
CA SER D 116 -17.87 25.67 -22.14
C SER D 116 -17.16 24.57 -21.37
N HIS D 117 -15.90 24.27 -21.74
CA HIS D 117 -15.12 23.22 -21.08
C HIS D 117 -15.88 21.90 -21.05
N SER D 118 -16.48 21.58 -22.19
CA SER D 118 -17.22 20.33 -22.38
C SER D 118 -17.09 19.94 -23.84
N ARG D 119 -17.72 18.82 -24.20
CA ARG D 119 -17.64 18.32 -25.57
C ARG D 119 -18.82 18.82 -26.39
N LYS D 120 -18.54 19.19 -27.63
CA LYS D 120 -19.58 19.48 -28.60
C LYS D 120 -20.27 18.17 -28.99
N GLU D 121 -21.59 18.24 -29.18
CA GLU D 121 -22.31 17.06 -29.68
C GLU D 121 -21.76 16.62 -31.03
N GLU D 122 -21.39 17.58 -31.87
CA GLU D 122 -20.74 17.29 -33.13
C GLU D 122 -19.37 16.66 -32.88
N THR D 123 -19.01 15.68 -33.72
CA THR D 123 -17.80 14.90 -33.49
C THR D 123 -17.13 14.56 -34.81
N VAL D 124 -15.80 14.40 -34.76
CA VAL D 124 -14.98 14.09 -35.92
C VAL D 124 -14.95 12.58 -36.13
N THR D 125 -15.09 12.16 -37.38
CA THR D 125 -15.11 10.75 -37.74
C THR D 125 -13.82 10.40 -38.45
N VAL D 126 -13.08 9.43 -37.91
CA VAL D 126 -11.84 8.96 -38.52
C VAL D 126 -12.00 7.48 -38.85
N TYR D 127 -11.62 7.10 -40.06
CA TYR D 127 -11.72 5.75 -40.57
C TYR D 127 -10.41 5.00 -40.35
N PRO D 128 -10.45 3.65 -40.39
CA PRO D 128 -9.20 2.88 -40.22
C PRO D 128 -8.13 3.26 -41.23
N ALA D 129 -7.10 3.95 -40.74
CA ALA D 129 -5.93 4.32 -41.52
C ALA D 129 -4.84 3.29 -41.33
N ASP D 130 -3.94 3.18 -42.32
CA ASP D 130 -2.88 2.18 -42.23
C ASP D 130 -1.86 2.52 -41.16
N VAL D 131 -1.61 3.81 -40.93
CA VAL D 131 -0.71 4.28 -39.87
C VAL D 131 -1.42 5.41 -39.14
N VAL D 132 -1.44 5.34 -37.81
CA VAL D 132 -2.08 6.35 -36.99
C VAL D 132 -1.05 6.93 -36.04
N LEU D 133 -0.94 8.26 -36.03
CA LEU D 133 -0.04 8.97 -35.12
C LEU D 133 -0.84 9.54 -33.96
N PHE D 134 -0.44 9.21 -32.73
CA PHE D 134 -1.05 9.72 -31.52
C PHE D 134 0.00 10.48 -30.73
N GLU D 135 -0.12 11.81 -30.71
CA GLU D 135 0.86 12.67 -30.05
C GLU D 135 0.27 13.29 -28.80
N GLY D 136 1.07 13.34 -27.74
CA GLY D 136 0.62 13.93 -26.50
C GLY D 136 1.76 13.92 -25.49
N ILE D 137 1.66 14.86 -24.54
CA ILE D 137 2.70 14.96 -23.51
C ILE D 137 2.71 13.72 -22.64
N LEU D 138 1.53 13.17 -22.34
CA LEU D 138 1.40 12.03 -21.44
C LEU D 138 1.01 10.77 -22.20
N ALA D 139 1.40 10.68 -23.48
CA ALA D 139 0.98 9.56 -24.33
C ALA D 139 1.41 8.23 -23.75
N PHE D 140 2.60 8.17 -23.17
CA PHE D 140 3.16 6.92 -22.63
C PHE D 140 2.86 6.74 -21.15
N TYR D 141 2.04 7.61 -20.55
CA TYR D 141 1.81 7.55 -19.11
C TYR D 141 1.12 6.25 -18.74
N SER D 142 -0.08 6.03 -19.29
CA SER D 142 -0.82 4.79 -19.03
C SER D 142 -0.14 3.61 -19.70
N GLN D 143 0.07 2.53 -18.94
CA GLN D 143 0.70 1.36 -19.53
C GLN D 143 -0.19 0.72 -20.59
N GLU D 144 -1.50 0.60 -20.31
CA GLU D 144 -2.41 -0.01 -21.27
C GLU D 144 -2.38 0.72 -22.60
N VAL D 145 -2.40 2.06 -22.57
CA VAL D 145 -2.25 2.83 -23.80
C VAL D 145 -0.86 2.61 -24.39
N ARG D 146 0.15 2.50 -23.53
CA ARG D 146 1.54 2.40 -23.97
C ARG D 146 1.81 1.11 -24.73
N ASP D 147 1.14 0.01 -24.35
CA ASP D 147 1.29 -1.26 -25.04
C ASP D 147 0.56 -1.31 -26.38
N LEU D 148 -0.36 -0.37 -26.64
CA LEU D 148 -1.05 -0.30 -27.92
C LEU D 148 -0.18 0.26 -29.04
N PHE D 149 0.95 0.89 -28.71
CA PHE D 149 1.79 1.52 -29.70
C PHE D 149 2.83 0.52 -30.20
N GLN D 150 2.88 0.33 -31.52
CA GLN D 150 3.93 -0.48 -32.12
C GLN D 150 5.27 0.25 -32.09
N MET D 151 5.24 1.57 -32.23
CA MET D 151 6.43 2.41 -32.25
C MET D 151 6.19 3.60 -31.35
N LYS D 152 7.19 3.93 -30.53
CA LYS D 152 7.09 5.03 -29.58
C LYS D 152 8.21 6.03 -29.85
N LEU D 153 7.84 7.28 -30.12
CA LEU D 153 8.78 8.35 -30.43
C LEU D 153 8.72 9.42 -29.36
N PHE D 154 9.90 9.92 -28.97
CA PHE D 154 10.01 10.95 -27.94
C PHE D 154 10.80 12.11 -28.51
N VAL D 155 10.20 13.30 -28.50
CA VAL D 155 10.83 14.51 -29.02
C VAL D 155 11.55 15.19 -27.84
N ASP D 156 12.87 15.07 -27.81
CA ASP D 156 13.70 15.52 -26.70
C ASP D 156 14.40 16.83 -27.06
N THR D 157 13.96 17.94 -26.47
CA THR D 157 14.68 19.19 -26.53
C THR D 157 14.80 19.76 -25.12
N ASP D 158 15.80 20.62 -24.94
CA ASP D 158 16.21 21.04 -23.61
C ASP D 158 15.10 21.76 -22.88
N ALA D 159 15.08 21.61 -21.55
CA ALA D 159 14.00 22.15 -20.74
C ALA D 159 13.88 23.66 -20.90
N ASP D 160 15.01 24.37 -20.91
CA ASP D 160 14.97 25.81 -21.11
C ASP D 160 14.85 26.21 -22.57
N THR D 161 15.27 25.35 -23.50
CA THR D 161 14.98 25.61 -24.90
C THR D 161 13.47 25.55 -25.14
N ARG D 162 12.81 24.54 -24.59
CA ARG D 162 11.37 24.42 -24.70
C ARG D 162 10.65 25.62 -24.10
N LEU D 163 11.16 26.11 -22.96
CA LEU D 163 10.50 27.22 -22.28
C LEU D 163 10.55 28.49 -23.12
N SER D 164 11.70 28.77 -23.75
CA SER D 164 11.81 29.96 -24.58
C SER D 164 10.88 29.88 -25.79
N ARG D 165 10.62 28.66 -26.29
CA ARG D 165 9.65 28.51 -27.37
C ARG D 165 8.24 28.75 -26.86
N ARG D 166 7.89 28.13 -25.74
CA ARG D 166 6.54 28.24 -25.21
C ARG D 166 6.19 29.68 -24.85
N VAL D 167 7.18 30.44 -24.38
CA VAL D 167 6.93 31.82 -23.96
C VAL D 167 6.60 32.69 -25.17
N LEU D 168 7.35 32.54 -26.26
CA LEU D 168 7.07 33.31 -27.47
C LEU D 168 5.75 32.91 -28.09
N ARG D 169 5.43 31.61 -28.07
CA ARG D 169 4.15 31.14 -28.57
C ARG D 169 2.99 31.78 -27.81
N ASP D 170 3.06 31.75 -26.47
CA ASP D 170 1.93 32.23 -25.68
C ASP D 170 1.76 33.74 -25.74
N ILE D 171 2.78 34.48 -26.15
CA ILE D 171 2.70 35.93 -26.24
C ILE D 171 2.37 36.38 -27.66
N SER D 172 3.10 35.89 -28.65
CA SER D 172 2.91 36.35 -30.02
C SER D 172 1.74 35.69 -30.72
N GLU D 173 1.42 34.44 -30.34
CA GLU D 173 0.31 33.71 -30.95
C GLU D 173 -0.95 33.72 -30.10
N ARG D 174 -0.82 33.59 -28.79
CA ARG D 174 -1.98 33.55 -27.91
C ARG D 174 -2.21 34.85 -27.14
N GLY D 175 -1.21 35.73 -27.06
CA GLY D 175 -1.40 37.02 -26.43
C GLY D 175 -1.60 36.95 -24.93
N ARG D 176 -0.77 36.17 -24.25
CA ARG D 176 -0.86 36.01 -22.82
C ARG D 176 0.04 37.00 -22.10
N ASP D 177 -0.21 37.17 -20.80
CA ASP D 177 0.61 38.03 -19.95
C ASP D 177 1.85 37.28 -19.50
N LEU D 178 3.01 37.93 -19.62
CA LEU D 178 4.28 37.24 -19.41
C LEU D 178 4.40 36.66 -18.00
N GLU D 179 3.97 37.41 -16.99
CA GLU D 179 4.12 36.91 -15.63
C GLU D 179 3.25 35.69 -15.36
N GLN D 180 2.01 35.70 -15.86
CA GLN D 180 1.13 34.55 -15.68
C GLN D 180 1.68 33.32 -16.39
N ILE D 181 2.22 33.51 -17.60
CA ILE D 181 2.90 32.43 -18.31
C ILE D 181 3.93 31.76 -17.42
N LEU D 182 4.89 32.55 -16.93
CA LEU D 182 5.98 31.99 -16.14
C LEU D 182 5.49 31.45 -14.80
N SER D 183 4.49 32.09 -14.20
CA SER D 183 3.97 31.60 -12.92
C SER D 183 3.29 30.26 -13.08
N GLN D 184 2.48 30.11 -14.13
CA GLN D 184 1.83 28.83 -14.39
C GLN D 184 2.85 27.76 -14.76
N TYR D 185 3.86 28.12 -15.57
CA TYR D 185 4.86 27.14 -15.96
C TYR D 185 5.56 26.55 -14.75
N ILE D 186 5.92 27.39 -13.78
CA ILE D 186 6.61 26.90 -12.60
C ILE D 186 5.67 26.13 -11.69
N THR D 187 4.40 26.54 -11.62
CA THR D 187 3.46 25.88 -10.72
C THR D 187 2.94 24.57 -11.31
N PHE D 188 2.55 24.58 -12.58
CA PHE D 188 1.83 23.46 -13.18
C PHE D 188 2.66 22.75 -14.25
N VAL D 189 3.11 23.48 -15.28
CA VAL D 189 3.69 22.83 -16.45
C VAL D 189 4.98 22.09 -16.08
N LYS D 190 5.90 22.78 -15.40
CA LYS D 190 7.17 22.15 -15.04
C LYS D 190 6.97 20.92 -14.15
N PRO D 191 6.23 20.97 -13.03
CA PRO D 191 6.08 19.74 -12.24
C PRO D 191 5.40 18.61 -13.00
N ALA D 192 4.33 18.91 -13.73
CA ALA D 192 3.61 17.87 -14.48
C ALA D 192 4.54 17.16 -15.45
N PHE D 193 5.44 17.91 -16.10
CA PHE D 193 6.39 17.29 -17.02
C PHE D 193 7.40 16.43 -16.27
N GLU D 194 7.87 16.90 -15.13
CA GLU D 194 8.89 16.16 -14.39
C GLU D 194 8.32 14.98 -13.63
N GLU D 195 7.06 15.06 -13.19
CA GLU D 195 6.47 13.99 -12.42
C GLU D 195 5.84 12.92 -13.29
N PHE D 196 5.33 13.27 -14.46
CA PHE D 196 4.57 12.33 -15.28
C PHE D 196 5.19 12.11 -16.66
N CYS D 197 5.51 13.18 -17.38
CA CYS D 197 5.98 13.01 -18.76
C CYS D 197 7.38 12.44 -18.80
N LEU D 198 8.35 13.18 -18.25
CA LEU D 198 9.75 12.77 -18.37
C LEU D 198 10.04 11.38 -17.85
N PRO D 199 9.41 10.87 -16.78
CA PRO D 199 9.62 9.47 -16.39
C PRO D 199 9.31 8.47 -17.48
N THR D 200 8.51 8.82 -18.49
CA THR D 200 8.14 7.90 -19.56
C THR D 200 9.10 7.95 -20.74
N LYS D 201 10.17 8.72 -20.65
CA LYS D 201 11.14 8.81 -21.75
C LYS D 201 11.80 7.47 -22.02
N LYS D 202 11.99 6.65 -20.99
CA LYS D 202 12.70 5.38 -21.16
C LYS D 202 11.88 4.40 -21.99
N TYR D 203 10.56 4.55 -22.02
CA TYR D 203 9.70 3.65 -22.77
C TYR D 203 9.80 3.86 -24.28
N ALA D 204 10.42 4.96 -24.71
CA ALA D 204 10.49 5.27 -26.13
C ALA D 204 11.47 4.36 -26.84
N ASP D 205 11.10 3.94 -28.05
CA ASP D 205 11.98 3.11 -28.86
C ASP D 205 13.02 3.94 -29.58
N VAL D 206 12.68 5.17 -29.95
CA VAL D 206 13.55 6.04 -30.73
C VAL D 206 13.35 7.47 -30.25
N ILE D 207 14.43 8.17 -29.98
CA ILE D 207 14.39 9.52 -29.44
C ILE D 207 14.84 10.51 -30.50
N ILE D 208 13.99 11.49 -30.79
CA ILE D 208 14.23 12.50 -31.82
C ILE D 208 14.63 13.78 -31.11
N PRO D 209 15.91 14.18 -31.14
CA PRO D 209 16.30 15.46 -30.54
C PRO D 209 15.97 16.65 -31.44
N ARG D 210 15.76 17.80 -30.79
CA ARG D 210 15.59 19.11 -31.38
C ARG D 210 14.30 19.29 -32.19
N GLY D 211 13.48 18.27 -32.31
CA GLY D 211 12.13 18.49 -32.82
C GLY D 211 12.08 18.62 -34.34
N ALA D 212 11.26 19.58 -34.80
CA ALA D 212 10.90 19.67 -36.20
C ALA D 212 12.07 20.05 -37.10
N ASP D 213 13.10 20.72 -36.57
CA ASP D 213 14.27 21.04 -37.37
C ASP D 213 15.08 19.81 -37.73
N ASN D 214 14.95 18.73 -36.95
CA ASN D 214 15.68 17.49 -37.22
C ASN D 214 15.09 16.81 -38.45
N LEU D 215 15.65 17.09 -39.62
CA LEU D 215 15.08 16.57 -40.86
C LEU D 215 15.55 15.16 -41.16
N VAL D 216 16.77 14.80 -40.78
CA VAL D 216 17.24 13.43 -40.97
C VAL D 216 16.35 12.45 -40.22
N ALA D 217 15.93 12.80 -39.00
CA ALA D 217 15.06 11.92 -38.25
C ALA D 217 13.66 11.88 -38.85
N ILE D 218 13.16 13.02 -39.32
CA ILE D 218 11.83 13.07 -39.90
C ILE D 218 11.78 12.25 -41.19
N ASN D 219 12.77 12.44 -42.07
CA ASN D 219 12.81 11.66 -43.30
C ASN D 219 12.99 10.17 -43.02
N LEU D 220 13.72 9.84 -41.97
CA LEU D 220 13.82 8.43 -41.56
C LEU D 220 12.45 7.87 -41.21
N ILE D 221 11.64 8.64 -40.48
CA ILE D 221 10.30 8.19 -40.14
C ILE D 221 9.40 8.24 -41.37
N VAL D 222 9.59 9.24 -42.23
CA VAL D 222 8.72 9.42 -43.38
C VAL D 222 8.82 8.21 -44.31
N GLN D 223 10.04 7.80 -44.64
CA GLN D 223 10.22 6.68 -45.56
C GLN D 223 9.60 5.41 -45.00
N HIS D 224 9.78 5.17 -43.70
N HIS D 224 9.76 5.15 -43.70
CA HIS D 224 9.28 3.98 -43.04
CA HIS D 224 9.25 3.88 -43.19
C HIS D 224 7.77 3.86 -43.17
C HIS D 224 7.74 3.85 -43.03
N ILE D 225 7.06 5.00 -43.09
CA ILE D 225 5.61 4.96 -43.18
C ILE D 225 5.18 4.62 -44.61
N GLN D 226 5.95 5.08 -45.61
CA GLN D 226 5.69 4.67 -46.98
C GLN D 226 5.96 3.18 -47.17
N ASP D 227 7.07 2.67 -46.63
CA ASP D 227 7.32 1.23 -46.67
C ASP D 227 6.19 0.44 -46.04
N ILE D 228 5.58 0.98 -44.98
CA ILE D 228 4.38 0.35 -44.42
C ILE D 228 3.21 0.53 -45.39
N LEU D 229 3.16 1.66 -46.08
CA LEU D 229 2.10 1.88 -47.06
C LEU D 229 2.35 1.08 -48.34
N ASN D 230 3.61 0.93 -48.75
CA ASN D 230 3.92 0.14 -49.93
C ASN D 230 3.71 -1.35 -49.67
N GLY D 231 4.33 -1.88 -48.63
CA GLY D 231 4.19 -3.28 -48.29
C GLY D 231 5.47 -3.90 -47.75
N GLY E 18 -5.87 -40.55 -13.24
CA GLY E 18 -5.93 -39.65 -14.39
C GLY E 18 -6.15 -38.21 -13.99
N GLU E 19 -7.36 -37.90 -13.52
CA GLU E 19 -7.72 -36.58 -12.99
C GLU E 19 -8.11 -36.76 -11.53
N PRO E 20 -7.16 -36.71 -10.60
CA PRO E 20 -7.48 -36.96 -9.20
C PRO E 20 -8.39 -35.90 -8.62
N PHE E 21 -9.33 -36.35 -7.79
CA PHE E 21 -10.33 -35.50 -7.16
C PHE E 21 -9.81 -35.05 -5.80
N LEU E 22 -9.47 -33.78 -5.68
CA LEU E 22 -8.98 -33.22 -4.43
C LEU E 22 -10.15 -32.79 -3.55
N ILE E 23 -10.00 -33.00 -2.24
CA ILE E 23 -10.99 -32.57 -1.27
C ILE E 23 -10.26 -31.88 -0.12
N GLY E 24 -10.58 -30.60 0.10
CA GLY E 24 -10.01 -29.86 1.21
C GLY E 24 -10.85 -30.03 2.46
N VAL E 25 -10.17 -30.34 3.57
CA VAL E 25 -10.80 -30.47 4.87
C VAL E 25 -10.09 -29.51 5.82
N SER E 26 -10.83 -28.54 6.37
CA SER E 26 -10.27 -27.63 7.35
C SER E 26 -11.14 -27.62 8.59
N GLY E 27 -10.77 -26.78 9.54
CA GLY E 27 -11.45 -26.69 10.81
C GLY E 27 -10.46 -26.35 11.91
N GLY E 28 -11.01 -26.00 13.07
CA GLY E 28 -10.18 -25.70 14.21
C GLY E 28 -9.48 -26.93 14.75
N THR E 29 -8.50 -26.71 15.62
CA THR E 29 -7.83 -27.81 16.27
C THR E 29 -8.79 -28.56 17.18
N ALA E 30 -8.62 -29.88 17.24
CA ALA E 30 -9.48 -30.77 18.01
C ALA E 30 -10.94 -30.72 17.54
N SER E 31 -11.19 -30.21 16.34
CA SER E 31 -12.54 -30.23 15.80
C SER E 31 -12.93 -31.60 15.27
N GLY E 32 -11.96 -32.40 14.84
CA GLY E 32 -12.26 -33.76 14.44
C GLY E 32 -11.83 -34.11 13.03
N LYS E 33 -11.13 -33.19 12.36
CA LYS E 33 -10.74 -33.40 10.96
C LYS E 33 -10.04 -34.75 10.75
N SER E 34 -8.99 -35.01 11.52
CA SER E 34 -8.23 -36.24 11.35
C SER E 34 -9.12 -37.46 11.59
N SER E 35 -10.05 -37.37 12.53
CA SER E 35 -10.93 -38.49 12.83
C SER E 35 -11.99 -38.66 11.75
N VAL E 36 -12.50 -37.55 11.21
CA VAL E 36 -13.39 -37.64 10.06
C VAL E 36 -12.67 -38.28 8.89
N CYS E 37 -11.49 -37.75 8.54
CA CYS E 37 -10.75 -38.27 7.41
C CYS E 37 -10.41 -39.75 7.59
N ALA E 38 -9.97 -40.13 8.79
CA ALA E 38 -9.71 -41.54 9.08
C ALA E 38 -10.98 -42.36 8.92
N LYS E 39 -12.08 -41.92 9.55
CA LYS E 39 -13.33 -42.65 9.46
C LYS E 39 -13.79 -42.80 8.01
N ILE E 40 -13.49 -41.82 7.16
CA ILE E 40 -13.91 -41.88 5.76
C ILE E 40 -13.14 -42.98 5.02
N VAL E 41 -11.84 -43.09 5.27
CA VAL E 41 -10.99 -44.07 4.60
C VAL E 41 -10.97 -45.37 5.41
N GLN E 42 -11.79 -45.45 6.44
CA GLN E 42 -12.09 -46.73 7.08
C GLN E 42 -13.36 -47.33 6.51
N LEU E 43 -14.41 -46.51 6.38
CA LEU E 43 -15.65 -46.97 5.76
C LEU E 43 -15.40 -47.39 4.32
N LEU E 44 -14.59 -46.62 3.59
CA LEU E 44 -13.98 -47.10 2.35
C LEU E 44 -12.78 -47.94 2.71
N GLY E 45 -12.76 -49.20 2.28
CA GLY E 45 -11.68 -50.09 2.67
C GLY E 45 -10.35 -49.80 2.00
N GLN E 46 -9.73 -48.65 2.31
CA GLN E 46 -8.53 -48.22 1.60
C GLN E 46 -7.24 -48.32 2.42
N ASN E 47 -7.31 -48.66 3.71
CA ASN E 47 -6.10 -48.88 4.48
C ASN E 47 -5.59 -50.32 4.38
N GLU E 48 -6.39 -51.24 3.85
CA GLU E 48 -5.97 -52.61 3.61
C GLU E 48 -5.56 -52.87 2.16
N VAL E 49 -5.56 -51.84 1.32
CA VAL E 49 -5.13 -51.97 -0.06
C VAL E 49 -3.64 -51.71 -0.14
N ASP E 50 -2.97 -52.34 -1.10
CA ASP E 50 -1.56 -52.11 -1.32
C ASP E 50 -1.31 -50.62 -1.58
N TYR E 51 -0.26 -50.09 -0.93
CA TYR E 51 0.02 -48.66 -1.03
C TYR E 51 0.27 -48.23 -2.47
N ARG E 52 0.74 -49.15 -3.31
CA ARG E 52 0.93 -48.83 -4.73
C ARG E 52 -0.39 -48.59 -5.43
N GLN E 53 -1.40 -49.41 -5.13
CA GLN E 53 -2.71 -49.34 -5.78
C GLN E 53 -3.76 -48.95 -4.74
N LYS E 54 -3.65 -47.71 -4.26
CA LYS E 54 -4.61 -47.14 -3.30
C LYS E 54 -5.45 -46.09 -4.00
N GLN E 55 -6.77 -46.25 -3.94
CA GLN E 55 -7.65 -45.34 -4.67
C GLN E 55 -7.97 -44.07 -3.89
N VAL E 56 -7.90 -44.11 -2.55
CA VAL E 56 -8.18 -42.95 -1.71
C VAL E 56 -7.06 -42.80 -0.70
N VAL E 57 -6.49 -41.62 -0.61
CA VAL E 57 -5.32 -41.37 0.22
C VAL E 57 -5.52 -40.06 0.97
N ILE E 58 -4.88 -39.95 2.15
CA ILE E 58 -5.01 -38.80 3.02
C ILE E 58 -3.67 -38.08 3.07
N LEU E 59 -3.66 -36.81 2.67
CA LEU E 59 -2.53 -35.92 2.89
C LEU E 59 -2.79 -35.07 4.12
N SER E 60 -1.70 -34.69 4.80
CA SER E 60 -1.78 -33.87 6.00
C SER E 60 -0.89 -32.65 5.86
N GLN E 61 -1.40 -31.50 6.31
CA GLN E 61 -0.62 -30.27 6.36
C GLN E 61 0.54 -30.37 7.34
N ASP E 62 0.45 -31.27 8.32
CA ASP E 62 1.51 -31.43 9.31
C ASP E 62 2.77 -32.07 8.74
N SER E 63 2.72 -32.62 7.53
CA SER E 63 3.93 -33.10 6.87
C SER E 63 4.76 -31.96 6.30
N PHE E 64 4.17 -30.79 6.08
CA PHE E 64 4.80 -29.71 5.34
C PHE E 64 5.27 -28.59 6.26
N TYR E 65 5.68 -28.93 7.48
CA TYR E 65 6.31 -27.94 8.34
C TYR E 65 7.65 -27.52 7.75
N ARG E 66 7.92 -26.23 7.82
CA ARG E 66 9.23 -25.73 7.41
C ARG E 66 10.31 -26.29 8.32
N VAL E 67 11.53 -26.33 7.81
CA VAL E 67 12.67 -26.64 8.66
C VAL E 67 13.05 -25.38 9.41
N LEU E 68 13.24 -25.50 10.72
CA LEU E 68 13.51 -24.32 11.55
C LEU E 68 15.00 -24.00 11.60
N THR E 69 15.31 -22.72 11.49
CA THR E 69 16.65 -22.24 11.75
C THR E 69 16.98 -22.41 13.24
N SER E 70 18.26 -22.23 13.57
CA SER E 70 18.69 -22.45 14.94
C SER E 70 18.03 -21.48 15.90
N GLU E 71 17.80 -20.23 15.46
CA GLU E 71 17.05 -19.30 16.29
C GLU E 71 15.60 -19.76 16.47
N GLN E 72 15.03 -20.38 15.43
CA GLN E 72 13.67 -20.88 15.53
C GLN E 72 13.61 -22.17 16.35
N LYS E 73 14.61 -23.04 16.19
CA LYS E 73 14.67 -24.26 17.00
C LYS E 73 14.72 -23.92 18.48
N ALA E 74 15.58 -22.98 18.86
CA ALA E 74 15.75 -22.65 20.27
C ALA E 74 14.50 -22.00 20.85
N LYS E 75 13.71 -21.31 20.03
CA LYS E 75 12.45 -20.78 20.50
C LYS E 75 11.41 -21.89 20.65
N ALA E 76 11.39 -22.83 19.71
CA ALA E 76 10.47 -23.96 19.80
C ALA E 76 10.67 -24.76 21.08
N LEU E 77 11.92 -24.81 21.57
CA LEU E 77 12.22 -25.58 22.76
C LEU E 77 11.69 -24.90 24.01
N LYS E 78 11.70 -23.57 24.03
CA LYS E 78 11.17 -22.80 25.15
C LYS E 78 9.65 -22.63 25.07
N GLY E 79 8.99 -23.28 24.12
CA GLY E 79 7.56 -23.16 23.96
C GLY E 79 7.09 -21.88 23.33
N GLN E 80 7.99 -21.14 22.66
CA GLN E 80 7.67 -19.84 22.11
C GLN E 80 7.53 -19.85 20.59
N PHE E 81 7.39 -21.01 19.98
CA PHE E 81 7.21 -21.12 18.54
C PHE E 81 5.74 -21.37 18.20
N ASN E 82 5.19 -20.54 17.32
CA ASN E 82 3.77 -20.66 16.93
C ASN E 82 3.66 -21.67 15.80
N PHE E 83 3.47 -22.94 16.15
CA PHE E 83 3.28 -24.00 15.18
C PHE E 83 1.92 -23.93 14.48
N ASP E 84 1.07 -22.96 14.82
CA ASP E 84 -0.23 -22.81 14.20
C ASP E 84 -0.32 -21.61 13.26
N HIS E 85 0.78 -20.89 13.06
CA HIS E 85 0.88 -19.72 12.22
C HIS E 85 1.26 -20.14 10.79
N PRO E 86 0.74 -19.45 9.77
CA PRO E 86 1.02 -19.86 8.39
C PRO E 86 2.49 -19.88 8.03
N ASP E 87 3.33 -19.10 8.72
CA ASP E 87 4.74 -19.05 8.37
C ASP E 87 5.50 -20.29 8.80
N ALA E 88 4.92 -21.12 9.66
CA ALA E 88 5.55 -22.38 10.05
C ALA E 88 5.33 -23.48 9.03
N PHE E 89 4.65 -23.18 7.91
CA PHE E 89 4.29 -24.17 6.91
C PHE E 89 4.83 -23.75 5.55
N ASP E 90 5.27 -24.73 4.77
CA ASP E 90 5.86 -24.51 3.45
C ASP E 90 4.73 -24.47 2.43
N ASN E 91 4.22 -23.26 2.15
CA ASN E 91 3.13 -23.12 1.19
C ASN E 91 3.53 -23.53 -0.22
N GLU E 92 4.75 -23.18 -0.63
CA GLU E 92 5.21 -23.55 -1.96
C GLU E 92 5.22 -25.06 -2.14
N LEU E 93 5.75 -25.78 -1.15
CA LEU E 93 5.77 -27.24 -1.22
C LEU E 93 4.36 -27.81 -1.25
N ILE E 94 3.45 -27.25 -0.44
CA ILE E 94 2.05 -27.69 -0.48
C ILE E 94 1.45 -27.41 -1.86
N LEU E 95 1.63 -26.18 -2.35
CA LEU E 95 1.06 -25.81 -3.65
C LEU E 95 1.67 -26.62 -4.78
N LYS E 96 3.00 -26.82 -4.73
CA LYS E 96 3.67 -27.61 -5.76
C LYS E 96 3.20 -29.05 -5.73
N THR E 97 3.16 -29.66 -4.55
CA THR E 97 2.76 -31.06 -4.44
C THR E 97 1.34 -31.28 -4.94
N LEU E 98 0.39 -30.46 -4.47
CA LEU E 98 -1.00 -30.66 -4.87
C LEU E 98 -1.22 -30.34 -6.34
N LYS E 99 -0.45 -29.39 -6.89
CA LYS E 99 -0.53 -29.12 -8.32
C LYS E 99 -0.12 -30.34 -9.13
N GLU E 100 1.02 -30.94 -8.78
CA GLU E 100 1.45 -32.17 -9.45
C GLU E 100 0.51 -33.33 -9.18
N ILE E 101 -0.21 -33.31 -8.06
CA ILE E 101 -1.18 -34.37 -7.80
C ILE E 101 -2.36 -34.25 -8.76
N THR E 102 -2.87 -33.04 -8.99
CA THR E 102 -3.96 -32.87 -9.94
C THR E 102 -3.55 -33.23 -11.35
N GLU E 103 -2.26 -33.06 -11.67
CA GLU E 103 -1.73 -33.42 -12.98
C GLU E 103 -1.56 -34.93 -13.16
N GLY E 104 -2.17 -35.74 -12.29
CA GLY E 104 -2.00 -37.18 -12.38
C GLY E 104 -0.61 -37.69 -12.14
N LYS E 105 0.25 -36.94 -11.44
CA LYS E 105 1.63 -37.36 -11.22
C LYS E 105 1.82 -38.05 -9.86
N THR E 106 3.01 -38.61 -9.67
CA THR E 106 3.43 -39.18 -8.39
C THR E 106 4.27 -38.15 -7.65
N VAL E 107 4.05 -38.07 -6.33
CA VAL E 107 4.69 -37.08 -5.48
C VAL E 107 5.37 -37.79 -4.32
N GLN E 108 6.26 -37.06 -3.66
CA GLN E 108 7.04 -37.60 -2.54
C GLN E 108 6.80 -36.71 -1.35
N ILE E 109 6.13 -37.25 -0.33
CA ILE E 109 5.76 -36.47 0.84
C ILE E 109 6.90 -36.56 1.85
N PRO E 110 7.36 -35.44 2.40
CA PRO E 110 8.38 -35.51 3.44
C PRO E 110 7.84 -36.13 4.72
N VAL E 111 8.76 -36.65 5.52
CA VAL E 111 8.46 -37.10 6.88
C VAL E 111 9.22 -36.17 7.81
N TYR E 112 8.48 -35.35 8.55
CA TYR E 112 9.09 -34.34 9.39
C TYR E 112 9.64 -34.99 10.65
N ASP E 113 10.86 -34.61 11.01
CA ASP E 113 11.49 -35.07 12.26
C ASP E 113 11.44 -33.91 13.24
N PHE E 114 10.41 -33.90 14.10
CA PHE E 114 10.24 -32.79 15.03
C PHE E 114 11.38 -32.68 16.02
N VAL E 115 12.10 -33.78 16.28
CA VAL E 115 13.21 -33.72 17.23
C VAL E 115 14.34 -32.85 16.67
N SER E 116 14.72 -33.09 15.41
CA SER E 116 15.71 -32.24 14.76
C SER E 116 15.07 -31.04 14.05
N HIS E 117 13.74 -31.03 13.93
CA HIS E 117 13.03 -29.94 13.23
C HIS E 117 13.50 -29.81 11.79
N SER E 118 13.74 -30.96 11.16
CA SER E 118 14.24 -31.05 9.80
C SER E 118 13.43 -32.12 9.07
N ARG E 119 13.56 -32.13 7.74
CA ARG E 119 12.98 -33.19 6.93
C ARG E 119 13.96 -34.36 6.87
N LYS E 120 13.46 -35.55 7.16
CA LYS E 120 14.28 -36.75 7.06
C LYS E 120 14.66 -37.02 5.61
N GLU E 121 15.70 -37.84 5.43
CA GLU E 121 16.07 -38.25 4.08
C GLU E 121 15.01 -39.19 3.49
N GLU E 122 14.44 -40.06 4.32
CA GLU E 122 13.35 -40.91 3.87
C GLU E 122 12.13 -40.06 3.52
N THR E 123 11.20 -40.67 2.78
CA THR E 123 10.06 -39.94 2.26
C THR E 123 8.94 -40.90 1.88
N VAL E 124 7.71 -40.42 2.00
CA VAL E 124 6.52 -41.20 1.63
C VAL E 124 6.17 -40.89 0.19
N THR E 125 6.03 -41.92 -0.62
CA THR E 125 5.65 -41.78 -2.02
C THR E 125 4.15 -41.99 -2.15
N VAL E 126 3.48 -41.07 -2.84
CA VAL E 126 2.04 -41.14 -3.03
C VAL E 126 1.77 -41.24 -4.52
N TYR E 127 1.25 -42.39 -4.93
CA TYR E 127 0.89 -42.62 -6.32
C TYR E 127 -0.44 -41.93 -6.64
N PRO E 128 -0.65 -41.53 -7.90
CA PRO E 128 -1.90 -40.84 -8.27
C PRO E 128 -3.13 -41.61 -7.85
N ALA E 129 -3.82 -41.10 -6.83
CA ALA E 129 -5.07 -41.69 -6.36
C ALA E 129 -6.25 -41.03 -7.06
N ASP E 130 -7.40 -41.71 -7.00
CA ASP E 130 -8.59 -41.15 -7.63
C ASP E 130 -9.19 -40.02 -6.80
N VAL E 131 -9.19 -40.15 -5.48
CA VAL E 131 -9.60 -39.08 -4.58
C VAL E 131 -8.56 -38.95 -3.47
N VAL E 132 -8.07 -37.73 -3.27
CA VAL E 132 -7.05 -37.45 -2.26
C VAL E 132 -7.58 -36.37 -1.31
N LEU E 133 -7.54 -36.67 -0.01
CA LEU E 133 -7.96 -35.74 1.02
C LEU E 133 -6.78 -34.94 1.52
N PHE E 134 -6.93 -33.62 1.59
CA PHE E 134 -5.96 -32.74 2.23
C PHE E 134 -6.63 -32.08 3.43
N GLU E 135 -6.14 -32.38 4.62
CA GLU E 135 -6.68 -31.82 5.85
C GLU E 135 -5.65 -30.93 6.52
N GLY E 136 -6.13 -29.89 7.19
CA GLY E 136 -5.26 -28.96 7.88
C GLY E 136 -5.98 -27.73 8.40
N ILE E 137 -5.43 -27.12 9.46
CA ILE E 137 -6.06 -25.93 10.04
C ILE E 137 -6.04 -24.77 9.06
N LEU E 138 -5.04 -24.71 8.18
CA LEU E 138 -4.90 -23.61 7.23
C LEU E 138 -5.05 -24.09 5.79
N ALA E 139 -5.77 -25.19 5.58
CA ALA E 139 -5.91 -25.77 4.25
C ALA E 139 -6.50 -24.79 3.26
N PHE E 140 -7.35 -23.88 3.71
CA PHE E 140 -8.00 -22.91 2.83
C PHE E 140 -7.36 -21.54 2.90
N TYR E 141 -6.25 -21.39 3.63
CA TYR E 141 -5.64 -20.08 3.80
C TYR E 141 -5.14 -19.53 2.47
N SER E 142 -4.26 -20.26 1.80
CA SER E 142 -3.69 -19.80 0.54
C SER E 142 -4.71 -19.93 -0.58
N GLN E 143 -5.01 -18.81 -1.25
CA GLN E 143 -6.02 -18.83 -2.30
C GLN E 143 -5.61 -19.73 -3.46
N GLU E 144 -4.31 -19.84 -3.71
CA GLU E 144 -3.82 -20.70 -4.79
C GLU E 144 -4.11 -22.17 -4.49
N VAL E 145 -3.82 -22.61 -3.27
CA VAL E 145 -4.12 -23.99 -2.91
C VAL E 145 -5.61 -24.19 -2.68
N ARG E 146 -6.35 -23.12 -2.32
CA ARG E 146 -7.79 -23.22 -2.10
C ARG E 146 -8.53 -23.51 -3.41
N ASP E 147 -8.04 -22.97 -4.53
CA ASP E 147 -8.72 -23.18 -5.81
C ASP E 147 -8.48 -24.56 -6.38
N LEU E 148 -7.49 -25.30 -5.87
CA LEU E 148 -7.22 -26.64 -6.33
C LEU E 148 -8.23 -27.65 -5.80
N PHE E 149 -8.93 -27.32 -4.72
CA PHE E 149 -9.89 -28.24 -4.12
C PHE E 149 -11.20 -28.18 -4.90
N GLN E 150 -11.64 -29.34 -5.40
CA GLN E 150 -12.94 -29.42 -6.06
C GLN E 150 -14.08 -29.39 -5.06
N MET E 151 -13.84 -29.90 -3.86
CA MET E 151 -14.81 -29.85 -2.77
C MET E 151 -14.09 -29.39 -1.51
N LYS E 152 -14.72 -28.48 -0.78
CA LYS E 152 -14.12 -27.89 0.42
C LYS E 152 -15.01 -28.18 1.62
N LEU E 153 -14.49 -28.94 2.56
CA LEU E 153 -15.20 -29.30 3.79
C LEU E 153 -14.62 -28.55 4.98
N PHE E 154 -15.48 -28.23 5.94
CA PHE E 154 -15.10 -27.52 7.15
C PHE E 154 -15.81 -28.12 8.35
N VAL E 155 -15.04 -28.49 9.36
CA VAL E 155 -15.57 -29.09 10.58
C VAL E 155 -15.80 -27.97 11.60
N ASP E 156 -17.04 -27.82 12.06
CA ASP E 156 -17.45 -26.70 12.92
C ASP E 156 -17.84 -27.23 14.30
N THR E 157 -16.85 -27.30 15.19
CA THR E 157 -17.05 -27.62 16.60
C THR E 157 -16.81 -26.38 17.43
N ASP E 158 -17.66 -26.18 18.44
CA ASP E 158 -17.61 -24.95 19.24
C ASP E 158 -16.22 -24.75 19.84
N ALA E 159 -15.85 -23.48 19.99
CA ALA E 159 -14.50 -23.12 20.43
C ALA E 159 -14.15 -23.78 21.76
N ASP E 160 -15.04 -23.69 22.75
CA ASP E 160 -14.73 -24.26 24.05
C ASP E 160 -14.84 -25.78 24.03
N THR E 161 -15.69 -26.33 23.17
CA THR E 161 -15.73 -27.79 23.02
C THR E 161 -14.39 -28.30 22.51
N ARG E 162 -13.81 -27.63 21.53
CA ARG E 162 -12.50 -28.02 21.01
C ARG E 162 -11.43 -27.90 22.08
N LEU E 163 -11.48 -26.83 22.88
CA LEU E 163 -10.48 -26.65 23.94
C LEU E 163 -10.52 -27.81 24.93
N SER E 164 -11.72 -28.14 25.44
CA SER E 164 -11.82 -29.23 26.39
C SER E 164 -11.36 -30.56 25.78
N ARG E 165 -11.54 -30.73 24.47
CA ARG E 165 -10.97 -31.88 23.79
C ARG E 165 -9.45 -31.79 23.76
N ARG E 166 -8.94 -30.65 23.29
CA ARG E 166 -7.50 -30.48 23.13
C ARG E 166 -6.78 -30.66 24.46
N VAL E 167 -7.34 -30.13 25.54
CA VAL E 167 -6.70 -30.22 26.85
C VAL E 167 -6.59 -31.68 27.27
N LEU E 168 -7.63 -32.48 27.04
CA LEU E 168 -7.58 -33.89 27.41
C LEU E 168 -6.58 -34.66 26.55
N ARG E 169 -6.58 -34.40 25.24
CA ARG E 169 -5.60 -35.04 24.37
C ARG E 169 -4.18 -34.64 24.78
N ASP E 170 -3.97 -33.36 25.08
CA ASP E 170 -2.64 -32.87 25.41
C ASP E 170 -2.17 -33.38 26.77
N ILE E 171 -3.10 -33.71 27.67
CA ILE E 171 -2.74 -34.21 28.99
C ILE E 171 -2.64 -35.72 29.02
N SER E 172 -3.65 -36.42 28.51
CA SER E 172 -3.68 -37.87 28.63
C SER E 172 -2.88 -38.56 27.52
N GLU E 173 -2.97 -38.08 26.28
CA GLU E 173 -2.20 -38.70 25.19
C GLU E 173 -0.76 -38.21 25.15
N ARG E 174 -0.50 -36.95 25.55
CA ARG E 174 0.82 -36.37 25.42
C ARG E 174 1.54 -36.11 26.73
N GLY E 175 0.82 -35.96 27.83
CA GLY E 175 1.48 -35.76 29.11
C GLY E 175 2.05 -34.36 29.29
N ARG E 176 1.36 -33.35 28.80
CA ARG E 176 1.80 -31.97 28.92
C ARG E 176 1.33 -31.36 30.24
N ASP E 177 1.82 -30.15 30.52
CA ASP E 177 1.45 -29.39 31.71
C ASP E 177 0.19 -28.57 31.46
N LEU E 178 -0.76 -28.64 32.39
CA LEU E 178 -2.04 -27.95 32.23
C LEU E 178 -1.87 -26.45 32.03
N GLU E 179 -1.02 -25.82 32.86
CA GLU E 179 -0.83 -24.38 32.75
C GLU E 179 -0.18 -24.01 31.42
N GLN E 180 0.85 -24.76 31.01
CA GLN E 180 1.49 -24.50 29.73
C GLN E 180 0.53 -24.74 28.58
N ILE E 181 -0.34 -25.74 28.71
CA ILE E 181 -1.33 -26.01 27.68
C ILE E 181 -2.25 -24.80 27.51
N LEU E 182 -2.84 -24.33 28.60
CA LEU E 182 -3.79 -23.24 28.52
C LEU E 182 -3.11 -21.92 28.18
N SER E 183 -1.90 -21.71 28.71
CA SER E 183 -1.16 -20.50 28.37
C SER E 183 -0.79 -20.47 26.90
N GLN E 184 -0.31 -21.59 26.36
CA GLN E 184 0.01 -21.64 24.94
C GLN E 184 -1.25 -21.51 24.09
N TYR E 185 -2.36 -22.09 24.55
CA TYR E 185 -3.60 -21.99 23.79
C TYR E 185 -4.06 -20.55 23.67
N ILE E 186 -4.10 -19.84 24.80
CA ILE E 186 -4.54 -18.45 24.80
C ILE E 186 -3.57 -17.56 24.02
N THR E 187 -2.28 -17.90 24.04
CA THR E 187 -1.27 -17.05 23.40
C THR E 187 -1.14 -17.33 21.91
N PHE E 188 -1.09 -18.61 21.51
CA PHE E 188 -0.79 -18.99 20.14
C PHE E 188 -1.98 -19.59 19.41
N VAL E 189 -2.56 -20.68 19.93
CA VAL E 189 -3.53 -21.46 19.17
C VAL E 189 -4.82 -20.67 18.96
N LYS E 190 -5.33 -20.04 20.00
CA LYS E 190 -6.56 -19.27 19.87
C LYS E 190 -6.40 -18.10 18.89
N PRO E 191 -5.38 -17.25 18.99
CA PRO E 191 -5.25 -16.18 17.97
C PRO E 191 -5.01 -16.71 16.57
N ALA E 192 -4.18 -17.75 16.42
CA ALA E 192 -3.90 -18.25 15.08
C ALA E 192 -5.15 -18.80 14.42
N PHE E 193 -6.02 -19.43 15.20
CA PHE E 193 -7.29 -19.91 14.66
C PHE E 193 -8.20 -18.75 14.29
N GLU E 194 -8.32 -17.77 15.18
CA GLU E 194 -9.24 -16.66 14.94
C GLU E 194 -8.77 -15.76 13.81
N GLU E 195 -7.47 -15.62 13.63
CA GLU E 195 -6.95 -14.70 12.61
C GLU E 195 -6.86 -15.35 11.25
N PHE E 196 -6.49 -16.63 11.18
CA PHE E 196 -6.19 -17.29 9.93
C PHE E 196 -7.14 -18.42 9.56
N CYS E 197 -7.68 -19.14 10.54
CA CYS E 197 -8.50 -20.30 10.24
C CYS E 197 -9.99 -19.96 10.14
N LEU E 198 -10.54 -19.32 11.16
CA LEU E 198 -11.97 -19.01 11.15
C LEU E 198 -12.39 -18.14 9.96
N PRO E 199 -11.64 -17.10 9.55
CA PRO E 199 -12.01 -16.37 8.34
C PRO E 199 -12.31 -17.25 7.14
N THR E 200 -11.53 -18.32 6.93
CA THR E 200 -11.66 -19.16 5.74
C THR E 200 -12.87 -20.08 5.79
N LYS E 201 -13.68 -20.03 6.84
CA LYS E 201 -14.85 -20.89 6.92
C LYS E 201 -15.82 -20.62 5.79
N LYS E 202 -15.93 -19.37 5.35
CA LYS E 202 -16.89 -19.01 4.31
C LYS E 202 -16.58 -19.65 2.97
N TYR E 203 -15.34 -20.10 2.76
CA TYR E 203 -14.94 -20.72 1.50
C TYR E 203 -15.40 -22.17 1.37
N ALA E 204 -15.86 -22.78 2.46
CA ALA E 204 -16.29 -24.17 2.42
C ALA E 204 -17.58 -24.30 1.63
N ASP E 205 -17.70 -25.42 0.91
CA ASP E 205 -18.95 -25.75 0.23
C ASP E 205 -19.92 -26.50 1.15
N VAL E 206 -19.39 -27.29 2.08
CA VAL E 206 -20.18 -28.09 3.00
C VAL E 206 -19.58 -27.97 4.38
N ILE E 207 -20.42 -27.77 5.39
CA ILE E 207 -20.00 -27.62 6.77
C ILE E 207 -20.55 -28.79 7.58
N ILE E 208 -19.65 -29.49 8.28
CA ILE E 208 -19.96 -30.70 9.02
C ILE E 208 -19.82 -30.40 10.50
N PRO E 209 -20.90 -30.22 11.24
CA PRO E 209 -20.77 -29.90 12.66
C PRO E 209 -20.46 -31.12 13.51
N ARG E 210 -19.84 -30.84 14.67
CA ARG E 210 -19.56 -31.80 15.73
C ARG E 210 -18.49 -32.84 15.39
N GLY E 211 -18.04 -32.87 14.15
CA GLY E 211 -16.90 -33.69 13.79
C GLY E 211 -17.15 -35.16 13.55
N ALA E 212 -16.30 -36.00 14.16
CA ALA E 212 -16.27 -37.42 13.84
C ALA E 212 -17.56 -38.13 14.21
N ASP E 213 -18.15 -37.78 15.35
CA ASP E 213 -19.34 -38.48 15.81
C ASP E 213 -20.56 -38.21 14.93
N ASN E 214 -20.49 -37.26 14.00
CA ASN E 214 -21.58 -36.97 13.07
C ASN E 214 -21.55 -38.04 11.98
N LEU E 215 -22.29 -39.14 12.23
CA LEU E 215 -22.24 -40.28 11.33
C LEU E 215 -23.01 -40.04 10.04
N VAL E 216 -24.11 -39.29 10.11
CA VAL E 216 -24.88 -38.96 8.90
C VAL E 216 -24.02 -38.18 7.91
N ALA E 217 -23.28 -37.19 8.41
CA ALA E 217 -22.44 -36.38 7.52
C ALA E 217 -21.34 -37.21 6.89
N ILE E 218 -20.69 -38.08 7.68
CA ILE E 218 -19.60 -38.90 7.16
C ILE E 218 -20.10 -39.84 6.08
N ASN E 219 -21.22 -40.52 6.35
CA ASN E 219 -21.76 -41.44 5.36
C ASN E 219 -22.19 -40.73 4.09
N LEU E 220 -22.58 -39.46 4.21
CA LEU E 220 -22.86 -38.67 3.01
C LEU E 220 -21.61 -38.51 2.16
N ILE E 221 -20.48 -38.19 2.80
CA ILE E 221 -19.23 -38.05 2.07
C ILE E 221 -18.75 -39.39 1.56
N VAL E 222 -18.94 -40.44 2.36
CA VAL E 222 -18.43 -41.77 2.00
C VAL E 222 -19.05 -42.26 0.71
N GLN E 223 -20.38 -42.22 0.63
CA GLN E 223 -21.05 -42.72 -0.57
C GLN E 223 -20.70 -41.90 -1.80
N HIS E 224 -20.53 -40.58 -1.62
CA HIS E 224 -20.17 -39.72 -2.75
C HIS E 224 -18.83 -40.12 -3.35
N ILE E 225 -17.90 -40.64 -2.53
CA ILE E 225 -16.62 -41.04 -3.07
C ILE E 225 -16.75 -42.35 -3.84
N GLN E 226 -17.58 -43.27 -3.36
CA GLN E 226 -17.85 -44.48 -4.12
C GLN E 226 -18.52 -44.16 -5.44
N ASP E 227 -19.30 -43.08 -5.49
CA ASP E 227 -19.82 -42.60 -6.77
C ASP E 227 -18.70 -42.09 -7.66
N ILE E 228 -17.64 -41.52 -7.07
CA ILE E 228 -16.51 -41.05 -7.85
C ILE E 228 -15.63 -42.23 -8.27
N LEU E 229 -15.47 -43.22 -7.39
CA LEU E 229 -14.70 -44.40 -7.74
C LEU E 229 -15.40 -45.29 -8.76
N ASN E 230 -16.69 -45.09 -8.97
CA ASN E 230 -17.44 -45.88 -9.95
C ASN E 230 -18.05 -44.98 -11.02
N GLU F 19 29.29 8.90 -53.11
CA GLU F 19 28.22 7.96 -53.45
C GLU F 19 27.75 7.09 -52.26
N PRO F 20 28.68 6.47 -51.52
CA PRO F 20 28.24 5.59 -50.42
C PRO F 20 27.64 6.36 -49.26
N PHE F 21 26.62 5.77 -48.65
CA PHE F 21 25.94 6.38 -47.51
C PHE F 21 26.73 6.07 -46.24
N LEU F 22 27.24 7.11 -45.60
CA LEU F 22 27.99 6.97 -44.36
C LEU F 22 27.07 7.22 -43.17
N ILE F 23 27.17 6.35 -42.16
CA ILE F 23 26.37 6.45 -40.94
C ILE F 23 27.31 6.35 -39.76
N GLY F 24 27.31 7.38 -38.91
CA GLY F 24 28.15 7.40 -37.73
C GLY F 24 27.36 6.95 -36.50
N VAL F 25 27.94 6.01 -35.77
CA VAL F 25 27.34 5.47 -34.55
C VAL F 25 28.28 5.77 -33.40
N SER F 26 27.74 6.33 -32.32
CA SER F 26 28.56 6.67 -31.16
C SER F 26 27.76 6.44 -29.89
N GLY F 27 28.39 6.70 -28.75
CA GLY F 27 27.84 6.42 -27.45
C GLY F 27 28.94 5.94 -26.51
N GLY F 28 28.67 5.88 -25.21
CA GLY F 28 29.65 5.39 -24.28
C GLY F 28 29.91 3.90 -24.44
N THR F 29 30.97 3.43 -23.79
CA THR F 29 31.27 2.00 -23.81
C THR F 29 30.15 1.22 -23.15
N ALA F 30 29.91 0.02 -23.67
CA ALA F 30 28.83 -0.88 -23.25
C ALA F 30 27.45 -0.31 -23.52
N SER F 31 27.35 0.80 -24.27
CA SER F 31 26.05 1.30 -24.69
C SER F 31 25.38 0.36 -25.67
N GLY F 32 26.17 -0.42 -26.42
CA GLY F 32 25.65 -1.33 -27.39
C GLY F 32 25.85 -0.95 -28.85
N LYS F 33 26.76 -0.02 -29.15
CA LYS F 33 26.95 0.41 -30.54
C LYS F 33 27.46 -0.73 -31.40
N SER F 34 28.42 -1.49 -30.90
CA SER F 34 28.92 -2.62 -31.68
C SER F 34 27.85 -3.69 -31.85
N SER F 35 27.07 -3.95 -30.80
CA SER F 35 25.97 -4.91 -30.90
C SER F 35 24.87 -4.39 -31.81
N VAL F 36 24.68 -3.07 -31.86
CA VAL F 36 23.68 -2.50 -32.77
C VAL F 36 24.07 -2.73 -34.22
N CYS F 37 25.31 -2.38 -34.58
CA CYS F 37 25.76 -2.54 -35.96
C CYS F 37 25.78 -4.01 -36.37
N ALA F 38 26.32 -4.88 -35.50
CA ALA F 38 26.34 -6.31 -35.79
C ALA F 38 24.94 -6.83 -36.10
N LYS F 39 23.95 -6.41 -35.31
CA LYS F 39 22.59 -6.89 -35.52
C LYS F 39 21.97 -6.28 -36.77
N ILE F 40 22.41 -5.08 -37.16
CA ILE F 40 21.83 -4.42 -38.33
C ILE F 40 22.30 -5.08 -39.62
N VAL F 41 23.61 -5.31 -39.75
CA VAL F 41 24.11 -6.00 -40.93
C VAL F 41 23.63 -7.44 -40.94
N GLN F 42 23.42 -8.03 -39.75
CA GLN F 42 22.97 -9.41 -39.68
C GLN F 42 21.56 -9.56 -40.24
N LEU F 43 20.65 -8.65 -39.88
CA LEU F 43 19.28 -8.73 -40.36
C LEU F 43 19.17 -8.41 -41.85
N LEU F 44 20.12 -7.67 -42.40
CA LEU F 44 20.12 -7.35 -43.82
C LEU F 44 20.58 -8.52 -44.69
N GLY F 45 20.84 -9.67 -44.09
CA GLY F 45 21.39 -10.80 -44.84
C GLY F 45 22.82 -10.59 -45.30
N GLN F 46 23.56 -9.68 -44.67
CA GLN F 46 24.90 -9.34 -45.13
C GLN F 46 25.94 -10.35 -44.68
N ASN F 47 25.61 -11.26 -43.77
CA ASN F 47 26.51 -12.36 -43.46
C ASN F 47 26.46 -13.47 -44.50
N GLU F 48 25.51 -13.39 -45.44
CA GLU F 48 25.42 -14.33 -46.55
C GLU F 48 26.00 -13.77 -47.85
N VAL F 49 25.89 -12.46 -48.06
CA VAL F 49 26.53 -11.83 -49.21
C VAL F 49 28.04 -11.98 -49.06
N ASP F 50 28.70 -12.28 -50.17
CA ASP F 50 30.13 -12.56 -50.14
C ASP F 50 30.95 -11.31 -49.84
N TYR F 51 32.21 -11.57 -49.45
CA TYR F 51 33.06 -10.50 -48.93
C TYR F 51 33.30 -9.38 -49.95
N ARG F 52 33.63 -9.72 -51.19
CA ARG F 52 33.82 -8.68 -52.19
C ARG F 52 32.51 -8.01 -52.60
N GLN F 53 31.36 -8.62 -52.30
CA GLN F 53 30.06 -8.10 -52.74
C GLN F 53 29.24 -7.49 -51.62
N LYS F 54 29.77 -7.42 -50.40
CA LYS F 54 29.02 -6.85 -49.28
C LYS F 54 28.66 -5.39 -49.54
N GLN F 55 27.36 -5.08 -49.48
CA GLN F 55 26.85 -3.72 -49.65
C GLN F 55 26.85 -2.92 -48.36
N VAL F 56 27.03 -3.57 -47.21
CA VAL F 56 27.05 -2.91 -45.92
C VAL F 56 28.27 -3.40 -45.14
N VAL F 57 29.09 -2.47 -44.66
CA VAL F 57 30.33 -2.80 -43.97
C VAL F 57 30.42 -1.99 -42.67
N ILE F 58 31.03 -2.59 -41.66
CA ILE F 58 31.18 -1.98 -40.34
C ILE F 58 32.64 -1.63 -40.12
N LEU F 59 32.91 -0.35 -39.87
CA LEU F 59 34.22 0.12 -39.46
C LEU F 59 34.19 0.51 -37.98
N SER F 60 35.31 0.29 -37.30
CA SER F 60 35.43 0.58 -35.88
C SER F 60 36.55 1.58 -35.67
N GLN F 61 36.27 2.60 -34.84
CA GLN F 61 37.30 3.56 -34.46
C GLN F 61 38.43 2.91 -33.69
N ASP F 62 38.20 1.71 -33.13
CA ASP F 62 39.25 1.00 -32.40
C ASP F 62 40.39 0.59 -33.32
N SER F 63 40.11 0.42 -34.62
CA SER F 63 41.16 0.06 -35.55
C SER F 63 42.15 1.21 -35.73
N PHE F 64 41.69 2.45 -35.63
CA PHE F 64 42.51 3.61 -35.93
C PHE F 64 43.21 4.18 -34.71
N TYR F 65 43.52 3.35 -33.72
CA TYR F 65 44.34 3.80 -32.60
C TYR F 65 45.70 4.26 -33.14
N ARG F 66 46.20 5.36 -32.58
CA ARG F 66 47.52 5.83 -33.01
C ARG F 66 48.60 4.84 -32.61
N VAL F 67 49.71 4.90 -33.34
CA VAL F 67 50.93 4.22 -32.93
C VAL F 67 51.55 5.05 -31.81
N LEU F 68 51.68 4.46 -30.63
CA LEU F 68 52.13 5.21 -29.46
C LEU F 68 53.63 5.40 -29.48
N THR F 69 54.07 6.59 -29.07
CA THR F 69 55.49 6.86 -28.95
C THR F 69 56.07 6.09 -27.76
N SER F 70 57.40 6.02 -27.71
CA SER F 70 58.05 5.37 -26.57
C SER F 70 57.80 6.14 -25.28
N GLU F 71 57.54 7.44 -25.37
CA GLU F 71 57.08 8.18 -24.21
C GLU F 71 55.63 7.85 -23.88
N GLN F 72 54.81 7.68 -24.91
CA GLN F 72 53.42 7.26 -24.70
C GLN F 72 53.35 5.83 -24.17
N LYS F 73 54.13 4.92 -24.76
CA LYS F 73 54.14 3.54 -24.32
C LYS F 73 54.63 3.40 -22.89
N ALA F 74 55.53 4.29 -22.46
CA ALA F 74 55.99 4.28 -21.08
C ALA F 74 54.83 4.49 -20.11
N LYS F 75 53.99 5.50 -20.39
CA LYS F 75 52.83 5.74 -19.53
C LYS F 75 51.80 4.63 -19.66
N ALA F 76 51.70 4.01 -20.84
CA ALA F 76 50.71 2.96 -21.04
C ALA F 76 51.05 1.72 -20.22
N LEU F 77 52.30 1.25 -20.29
CA LEU F 77 52.69 0.08 -19.53
C LEU F 77 52.54 0.31 -18.03
N LYS F 78 52.80 1.54 -17.58
CA LYS F 78 52.56 1.87 -16.18
C LYS F 78 51.08 1.81 -15.82
N GLY F 79 50.20 2.08 -16.78
CA GLY F 79 48.79 2.18 -16.52
C GLY F 79 48.27 3.59 -16.37
N GLN F 80 49.05 4.60 -16.76
CA GLN F 80 48.66 6.00 -16.65
C GLN F 80 48.18 6.58 -17.97
N PHE F 81 47.93 5.75 -18.98
CA PHE F 81 47.44 6.20 -20.27
C PHE F 81 45.93 5.99 -20.38
N ASN F 82 45.27 6.90 -21.08
CA ASN F 82 43.82 6.92 -21.21
C ASN F 82 43.46 6.63 -22.66
N PHE F 83 43.07 5.38 -22.93
CA PHE F 83 42.74 4.97 -24.28
C PHE F 83 41.36 5.42 -24.73
N ASP F 84 40.64 6.18 -23.91
CA ASP F 84 39.39 6.81 -24.32
C ASP F 84 39.57 8.30 -24.60
N HIS F 85 40.78 8.82 -24.44
CA HIS F 85 41.05 10.22 -24.72
C HIS F 85 41.10 10.46 -26.23
N PRO F 86 40.73 11.66 -26.69
CA PRO F 86 40.81 11.95 -28.13
C PRO F 86 42.21 11.80 -28.70
N ASP F 87 43.25 12.07 -27.91
CA ASP F 87 44.60 12.06 -28.45
C ASP F 87 45.06 10.66 -28.85
N ALA F 88 44.51 9.63 -28.25
CA ALA F 88 44.94 8.27 -28.54
C ALA F 88 44.48 7.77 -29.91
N PHE F 89 43.67 8.53 -30.64
CA PHE F 89 43.13 8.09 -31.91
C PHE F 89 43.74 8.87 -33.07
N ASP F 90 43.88 8.18 -34.21
CA ASP F 90 44.50 8.74 -35.41
C ASP F 90 43.44 9.50 -36.19
N ASN F 91 43.21 10.76 -35.78
CA ASN F 91 42.14 11.55 -36.38
C ASN F 91 42.39 11.79 -37.87
N GLU F 92 43.65 12.03 -38.24
CA GLU F 92 43.95 12.32 -39.63
C GLU F 92 43.74 11.11 -40.53
N LEU F 93 44.17 9.93 -40.06
CA LEU F 93 43.99 8.72 -40.87
C LEU F 93 42.51 8.38 -41.01
N ILE F 94 41.74 8.56 -39.93
CA ILE F 94 40.29 8.34 -40.00
C ILE F 94 39.68 9.27 -41.05
N LEU F 95 40.08 10.54 -41.03
CA LEU F 95 39.59 11.50 -42.00
C LEU F 95 39.94 11.06 -43.42
N LYS F 96 41.24 10.86 -43.67
CA LYS F 96 41.69 10.45 -45.01
C LYS F 96 40.97 9.19 -45.47
N THR F 97 40.92 8.17 -44.61
CA THR F 97 40.27 6.92 -44.97
C THR F 97 38.81 7.13 -45.31
N LEU F 98 38.08 7.81 -44.42
CA LEU F 98 36.66 8.05 -44.66
C LEU F 98 36.46 8.99 -45.85
N LYS F 99 37.34 9.99 -45.99
CA LYS F 99 37.29 10.85 -47.16
C LYS F 99 37.46 10.04 -48.44
N GLU F 100 38.41 9.10 -48.44
CA GLU F 100 38.63 8.28 -49.63
C GLU F 100 37.55 7.23 -49.82
N ILE F 101 36.83 6.86 -48.76
CA ILE F 101 35.69 5.95 -48.92
C ILE F 101 34.57 6.62 -49.70
N THR F 102 34.28 7.89 -49.38
CA THR F 102 33.20 8.61 -50.05
C THR F 102 33.42 8.71 -51.56
N GLU F 103 34.68 8.78 -51.98
CA GLU F 103 35.03 8.89 -53.39
C GLU F 103 34.89 7.58 -54.15
N GLY F 104 34.42 6.52 -53.49
CA GLY F 104 34.36 5.21 -54.11
C GLY F 104 35.68 4.50 -54.22
N LYS F 105 36.73 5.01 -53.58
CA LYS F 105 38.04 4.37 -53.62
C LYS F 105 38.10 3.23 -52.62
N THR F 106 38.73 2.13 -53.03
CA THR F 106 39.02 1.06 -52.09
C THR F 106 40.16 1.47 -51.18
N VAL F 107 39.94 1.39 -49.87
CA VAL F 107 40.93 1.79 -48.89
C VAL F 107 41.36 0.54 -48.11
N GLN F 108 42.46 0.69 -47.38
CA GLN F 108 43.04 -0.40 -46.60
C GLN F 108 43.03 -0.02 -45.12
N ILE F 109 42.49 -0.91 -44.29
CA ILE F 109 42.27 -0.64 -42.87
C ILE F 109 43.40 -1.28 -42.08
N PRO F 110 44.12 -0.54 -41.25
CA PRO F 110 45.21 -1.14 -40.48
C PRO F 110 44.68 -2.07 -39.41
N VAL F 111 45.57 -2.94 -38.93
CA VAL F 111 45.28 -3.86 -37.84
C VAL F 111 46.17 -3.48 -36.66
N TYR F 112 45.56 -3.31 -35.51
CA TYR F 112 46.25 -2.80 -34.33
C TYR F 112 46.56 -3.94 -33.36
N ASP F 113 47.82 -4.00 -32.92
CA ASP F 113 48.23 -4.92 -31.86
C ASP F 113 48.20 -4.17 -30.54
N PHE F 114 47.22 -4.50 -29.70
CA PHE F 114 47.03 -3.78 -28.45
C PHE F 114 48.26 -3.88 -27.55
N VAL F 115 48.86 -5.06 -27.45
CA VAL F 115 49.95 -5.27 -26.51
C VAL F 115 51.21 -4.53 -26.94
N SER F 116 51.39 -4.29 -28.24
CA SER F 116 52.55 -3.58 -28.74
C SER F 116 52.25 -2.14 -29.11
N HIS F 117 50.98 -1.74 -29.12
CA HIS F 117 50.56 -0.38 -29.44
C HIS F 117 51.18 0.09 -30.76
N SER F 118 51.11 -0.80 -31.76
CA SER F 118 51.59 -0.50 -33.10
C SER F 118 50.68 -1.19 -34.09
N ARG F 119 50.78 -0.78 -35.35
CA ARG F 119 49.96 -1.36 -36.40
C ARG F 119 50.72 -2.49 -37.07
N LYS F 120 50.08 -3.65 -37.14
CA LYS F 120 50.70 -4.84 -37.72
C LYS F 120 50.98 -4.63 -39.20
N GLU F 121 51.97 -5.36 -39.72
CA GLU F 121 52.25 -5.32 -41.15
C GLU F 121 51.04 -5.74 -41.97
N GLU F 122 50.15 -6.55 -41.41
CA GLU F 122 48.92 -6.91 -42.10
C GLU F 122 47.96 -5.73 -42.14
N THR F 123 47.16 -5.69 -43.21
CA THR F 123 46.21 -4.61 -43.45
C THR F 123 44.96 -5.20 -44.09
N VAL F 124 43.79 -4.67 -43.73
CA VAL F 124 42.51 -5.20 -44.17
C VAL F 124 41.97 -4.36 -45.33
N THR F 125 41.41 -5.03 -46.33
CA THR F 125 40.86 -4.39 -47.50
C THR F 125 39.35 -4.27 -47.35
N VAL F 126 38.81 -3.10 -47.73
CA VAL F 126 37.36 -2.91 -47.75
C VAL F 126 36.98 -2.34 -49.11
N TYR F 127 36.18 -3.09 -49.87
CA TYR F 127 35.71 -2.63 -51.16
C TYR F 127 34.54 -1.68 -50.97
N PRO F 128 34.35 -0.72 -51.88
CA PRO F 128 33.30 0.29 -51.70
C PRO F 128 31.94 -0.35 -51.58
N ALA F 129 31.32 -0.17 -50.42
CA ALA F 129 29.96 -0.64 -50.17
C ALA F 129 28.99 0.52 -50.31
N ASP F 130 27.72 0.18 -50.52
CA ASP F 130 26.71 1.22 -50.68
C ASP F 130 26.43 1.94 -49.37
N VAL F 131 26.53 1.24 -48.24
CA VAL F 131 26.32 1.82 -46.91
C VAL F 131 27.51 1.47 -46.04
N VAL F 132 28.03 2.46 -45.30
CA VAL F 132 29.18 2.27 -44.42
C VAL F 132 28.78 2.72 -43.02
N LEU F 133 29.00 1.85 -42.04
CA LEU F 133 28.76 2.15 -40.63
C LEU F 133 30.08 2.30 -39.90
N PHE F 134 30.36 3.49 -39.39
CA PHE F 134 31.55 3.76 -38.58
C PHE F 134 31.10 4.03 -37.15
N GLU F 135 31.53 3.17 -36.23
CA GLU F 135 31.14 3.29 -34.82
C GLU F 135 32.38 3.50 -33.96
N GLY F 136 32.22 4.32 -32.92
CA GLY F 136 33.31 4.63 -32.00
C GLY F 136 32.88 5.66 -30.96
N ILE F 137 33.51 5.63 -29.79
CA ILE F 137 33.10 6.53 -28.71
C ILE F 137 33.31 7.99 -29.07
N LEU F 138 34.20 8.28 -30.02
CA LEU F 138 34.52 9.64 -30.40
C LEU F 138 34.28 9.90 -31.89
N ALA F 139 33.30 9.21 -32.46
CA ALA F 139 32.99 9.41 -33.87
C ALA F 139 32.63 10.86 -34.16
N PHE F 140 31.96 11.52 -33.23
CA PHE F 140 31.46 12.88 -33.44
C PHE F 140 32.34 13.95 -32.79
N TYR F 141 33.51 13.57 -32.26
CA TYR F 141 34.33 14.54 -31.53
C TYR F 141 34.91 15.59 -32.47
N SER F 142 35.41 15.17 -33.63
CA SER F 142 36.00 16.10 -34.59
C SER F 142 34.95 16.56 -35.59
N GLN F 143 34.93 17.87 -35.87
CA GLN F 143 33.98 18.42 -36.82
C GLN F 143 34.17 17.80 -38.21
N GLU F 144 35.43 17.61 -38.63
CA GLU F 144 35.70 17.17 -40.00
C GLU F 144 35.17 15.76 -40.24
N VAL F 145 35.46 14.82 -39.33
CA VAL F 145 34.93 13.48 -39.47
C VAL F 145 33.43 13.47 -39.27
N ARG F 146 32.95 14.19 -38.26
CA ARG F 146 31.52 14.28 -38.00
C ARG F 146 30.74 14.65 -39.25
N ASP F 147 31.23 15.63 -40.01
CA ASP F 147 30.48 16.16 -41.13
C ASP F 147 30.51 15.25 -42.36
N LEU F 148 31.17 14.10 -42.29
CA LEU F 148 31.11 13.12 -43.37
C LEU F 148 29.97 12.13 -43.20
N PHE F 149 29.27 12.16 -42.07
CA PHE F 149 28.17 11.24 -41.80
C PHE F 149 26.88 11.86 -42.31
N GLN F 150 26.20 11.17 -43.23
CA GLN F 150 24.87 11.59 -43.66
C GLN F 150 23.80 11.26 -42.63
N MET F 151 24.10 10.34 -41.72
CA MET F 151 23.21 10.03 -40.61
C MET F 151 24.06 9.72 -39.39
N LYS F 152 23.78 10.39 -38.27
CA LYS F 152 24.55 10.22 -37.04
C LYS F 152 23.64 9.62 -35.98
N LEU F 153 24.00 8.44 -35.50
CA LEU F 153 23.24 7.70 -34.49
C LEU F 153 24.00 7.67 -33.18
N PHE F 154 23.28 7.85 -32.08
CA PHE F 154 23.85 7.80 -30.75
C PHE F 154 23.08 6.79 -29.91
N VAL F 155 23.79 5.87 -29.25
CA VAL F 155 23.19 4.89 -28.37
C VAL F 155 23.30 5.41 -26.94
N ASP F 156 22.16 5.65 -26.31
CA ASP F 156 22.09 6.39 -25.04
C ASP F 156 21.64 5.45 -23.93
N THR F 157 22.59 4.69 -23.41
CA THR F 157 22.34 3.77 -22.30
C THR F 157 22.84 4.38 -21.00
N ASP F 158 22.09 4.15 -19.91
CA ASP F 158 22.37 4.79 -18.64
C ASP F 158 23.78 4.46 -18.15
N ALA F 159 24.39 5.44 -17.48
CA ALA F 159 25.79 5.31 -17.07
C ALA F 159 25.99 4.11 -16.15
N ASP F 160 25.03 3.84 -15.26
CA ASP F 160 25.17 2.69 -14.38
C ASP F 160 24.82 1.39 -15.08
N THR F 161 23.88 1.43 -16.04
CA THR F 161 23.58 0.22 -16.80
C THR F 161 24.77 -0.21 -17.66
N ARG F 162 25.41 0.75 -18.32
CA ARG F 162 26.59 0.43 -19.12
C ARG F 162 27.69 -0.18 -18.26
N LEU F 163 28.00 0.45 -17.12
CA LEU F 163 29.06 -0.05 -16.25
C LEU F 163 28.77 -1.46 -15.78
N SER F 164 27.49 -1.79 -15.58
CA SER F 164 27.15 -3.16 -15.19
C SER F 164 27.52 -4.14 -16.30
N ARG F 165 27.22 -3.81 -17.55
CA ARG F 165 27.60 -4.66 -18.67
C ARG F 165 29.11 -4.77 -18.77
N ARG F 166 29.82 -3.64 -18.60
CA ARG F 166 31.28 -3.63 -18.74
C ARG F 166 31.93 -4.59 -17.76
N VAL F 167 31.45 -4.61 -16.51
CA VAL F 167 32.03 -5.47 -15.49
C VAL F 167 31.93 -6.93 -15.90
N LEU F 168 30.71 -7.39 -16.21
CA LEU F 168 30.53 -8.76 -16.68
C LEU F 168 31.34 -9.02 -17.95
N ARG F 169 31.43 -8.02 -18.82
CA ARG F 169 32.20 -8.15 -20.05
C ARG F 169 33.67 -8.41 -19.77
N ASP F 170 34.28 -7.58 -18.92
CA ASP F 170 35.71 -7.59 -18.69
C ASP F 170 36.18 -8.71 -17.76
N ILE F 171 35.34 -9.69 -17.48
CA ILE F 171 35.74 -10.92 -16.82
C ILE F 171 35.67 -12.11 -17.75
N SER F 172 34.68 -12.12 -18.65
CA SER F 172 34.61 -13.16 -19.68
C SER F 172 35.55 -12.85 -20.84
N GLU F 173 35.72 -11.57 -21.18
CA GLU F 173 36.61 -11.18 -22.26
C GLU F 173 38.07 -11.28 -21.85
N ARG F 174 38.39 -10.90 -20.61
CA ARG F 174 39.77 -10.91 -20.14
C ARG F 174 39.80 -11.43 -18.70
N GLY F 175 41.02 -11.68 -18.21
CA GLY F 175 41.21 -12.10 -16.85
C GLY F 175 41.73 -10.97 -15.98
N ARG F 176 40.85 -10.41 -15.14
CA ARG F 176 41.21 -9.24 -14.34
C ARG F 176 40.33 -9.23 -13.09
N ASP F 177 40.73 -8.40 -12.13
CA ASP F 177 40.00 -8.28 -10.89
C ASP F 177 38.75 -7.42 -11.07
N LEU F 178 37.77 -7.62 -10.18
CA LEU F 178 36.74 -6.62 -10.00
C LEU F 178 37.33 -5.32 -9.50
N GLU F 179 38.30 -5.42 -8.59
CA GLU F 179 38.98 -4.24 -8.07
C GLU F 179 39.65 -3.45 -9.19
N GLN F 180 40.24 -4.16 -10.14
CA GLN F 180 40.96 -3.52 -11.25
C GLN F 180 40.01 -2.79 -12.19
N ILE F 181 38.89 -3.43 -12.53
CA ILE F 181 37.99 -2.90 -13.55
C ILE F 181 37.37 -1.59 -13.07
N LEU F 182 36.88 -1.57 -11.83
CA LEU F 182 36.17 -0.40 -11.33
C LEU F 182 37.12 0.77 -11.10
N SER F 183 38.30 0.50 -10.54
CA SER F 183 39.27 1.57 -10.34
C SER F 183 39.70 2.19 -11.66
N GLN F 184 39.88 1.36 -12.69
CA GLN F 184 40.19 1.88 -14.02
C GLN F 184 39.01 2.64 -14.62
N TYR F 185 37.80 2.12 -14.45
CA TYR F 185 36.62 2.79 -15.00
C TYR F 185 36.40 4.13 -14.33
N ILE F 186 36.54 4.19 -13.01
CA ILE F 186 36.30 5.44 -12.30
C ILE F 186 37.34 6.49 -12.69
N THR F 187 38.60 6.08 -12.84
CA THR F 187 39.68 7.03 -13.06
C THR F 187 39.82 7.43 -14.53
N PHE F 188 39.60 6.49 -15.45
CA PHE F 188 39.86 6.71 -16.87
C PHE F 188 38.59 6.76 -17.71
N VAL F 189 37.76 5.72 -17.67
CA VAL F 189 36.64 5.62 -18.60
C VAL F 189 35.57 6.66 -18.28
N LYS F 190 35.26 6.85 -17.00
CA LYS F 190 34.20 7.80 -16.63
C LYS F 190 34.53 9.22 -17.05
N PRO F 191 35.68 9.82 -16.68
CA PRO F 191 35.91 11.22 -17.07
C PRO F 191 36.02 11.40 -18.58
N ALA F 192 36.57 10.42 -19.29
CA ALA F 192 36.73 10.56 -20.73
C ALA F 192 35.38 10.54 -21.44
N PHE F 193 34.42 9.76 -20.91
CA PHE F 193 33.07 9.76 -21.46
C PHE F 193 32.41 11.12 -21.29
N GLU F 194 32.47 11.67 -20.08
CA GLU F 194 31.77 12.90 -19.77
C GLU F 194 32.47 14.13 -20.36
N GLU F 195 33.79 14.11 -20.45
CA GLU F 195 34.50 15.27 -20.99
C GLU F 195 34.47 15.31 -22.51
N PHE F 196 34.37 14.15 -23.16
CA PHE F 196 34.54 14.11 -24.61
C PHE F 196 33.37 13.47 -25.33
N CYS F 197 32.99 12.26 -24.93
CA CYS F 197 31.92 11.54 -25.63
C CYS F 197 30.57 12.24 -25.46
N LEU F 198 30.15 12.44 -24.21
CA LEU F 198 28.81 12.95 -23.96
C LEU F 198 28.55 14.32 -24.57
N PRO F 199 29.48 15.29 -24.54
CA PRO F 199 29.21 16.57 -25.19
C PRO F 199 28.97 16.48 -26.68
N THR F 200 29.16 15.32 -27.30
CA THR F 200 28.89 15.13 -28.71
C THR F 200 27.51 14.54 -28.98
N LYS F 201 26.75 14.20 -27.94
CA LYS F 201 25.39 13.71 -28.17
C LYS F 201 24.52 14.75 -28.85
N LYS F 202 24.85 16.04 -28.66
CA LYS F 202 24.06 17.10 -29.27
C LYS F 202 24.11 17.08 -30.79
N TYR F 203 25.12 16.43 -31.38
CA TYR F 203 25.26 16.36 -32.83
C TYR F 203 24.51 15.19 -33.44
N ALA F 204 23.85 14.37 -32.62
CA ALA F 204 23.22 13.16 -33.13
C ALA F 204 21.91 13.50 -33.82
N ASP F 205 21.69 12.85 -34.97
CA ASP F 205 20.40 12.99 -35.66
C ASP F 205 19.33 12.14 -34.98
N VAL F 206 19.66 10.90 -34.63
CA VAL F 206 18.74 10.01 -33.94
C VAL F 206 19.42 9.45 -32.71
N ILE F 207 18.62 9.10 -31.70
CA ILE F 207 19.13 8.58 -30.44
C ILE F 207 18.45 7.25 -30.17
N ILE F 208 19.25 6.19 -30.09
CA ILE F 208 18.77 4.82 -29.89
C ILE F 208 18.98 4.47 -28.42
N PRO F 209 17.92 4.34 -27.62
CA PRO F 209 18.08 4.21 -26.16
C PRO F 209 18.93 3.05 -25.64
N ARG F 210 18.56 1.80 -25.86
CA ARG F 210 19.16 0.71 -25.09
C ARG F 210 20.15 -0.15 -25.88
N GLY F 211 20.29 0.04 -27.18
CA GLY F 211 21.23 -0.76 -27.93
C GLY F 211 20.57 -1.91 -28.67
N ALA F 212 21.29 -3.02 -28.85
CA ALA F 212 20.76 -4.14 -29.63
C ALA F 212 19.48 -4.70 -29.01
N ASP F 213 19.18 -4.35 -27.76
CA ASP F 213 17.92 -4.75 -27.14
C ASP F 213 16.74 -4.07 -27.83
N ASN F 214 16.95 -2.88 -28.38
CA ASN F 214 15.90 -2.04 -28.96
C ASN F 214 15.64 -2.50 -30.39
N LEU F 215 14.74 -3.47 -30.52
CA LEU F 215 14.49 -4.07 -31.84
C LEU F 215 13.76 -3.12 -32.77
N VAL F 216 12.79 -2.35 -32.23
CA VAL F 216 12.08 -1.36 -33.03
C VAL F 216 13.07 -0.43 -33.71
N ALA F 217 14.06 0.07 -32.97
CA ALA F 217 15.02 1.02 -33.54
C ALA F 217 15.87 0.35 -34.60
N ILE F 218 16.23 -0.92 -34.41
CA ILE F 218 17.15 -1.58 -35.32
C ILE F 218 16.48 -1.81 -36.67
N ASN F 219 15.29 -2.41 -36.66
CA ASN F 219 14.56 -2.63 -37.91
C ASN F 219 14.28 -1.32 -38.64
N LEU F 220 14.08 -0.23 -37.89
CA LEU F 220 13.87 1.07 -38.52
C LEU F 220 15.11 1.50 -39.30
N ILE F 221 16.30 1.31 -38.72
CA ILE F 221 17.52 1.57 -39.47
C ILE F 221 17.75 0.48 -40.52
N VAL F 222 17.41 -0.76 -40.19
CA VAL F 222 17.53 -1.85 -41.16
C VAL F 222 16.65 -1.57 -42.37
N GLN F 223 15.39 -1.20 -42.13
CA GLN F 223 14.49 -0.90 -43.23
C GLN F 223 14.93 0.33 -44.00
N HIS F 224 15.52 1.31 -43.31
CA HIS F 224 16.03 2.49 -44.00
C HIS F 224 17.17 2.10 -44.93
N ILE F 225 18.07 1.23 -44.46
CA ILE F 225 19.22 0.84 -45.27
C ILE F 225 18.76 0.01 -46.46
N GLN F 226 17.69 -0.77 -46.30
CA GLN F 226 17.18 -1.56 -47.41
C GLN F 226 16.75 -0.69 -48.58
N ASP F 227 16.03 0.40 -48.29
CA ASP F 227 15.62 1.32 -49.36
C ASP F 227 16.82 1.95 -50.03
N ILE F 228 17.84 2.32 -49.25
CA ILE F 228 19.06 2.87 -49.83
C ILE F 228 19.69 1.86 -50.78
N LEU F 229 19.79 0.61 -50.34
CA LEU F 229 20.32 -0.46 -51.19
C LEU F 229 19.42 -0.68 -52.41
N ASN F 230 18.10 -0.60 -52.21
CA ASN F 230 17.14 -0.89 -53.26
C ASN F 230 16.80 0.34 -54.11
N GLY F 231 17.29 1.52 -53.73
CA GLY F 231 17.01 2.73 -54.48
C GLY F 231 17.74 2.78 -55.81
N GLU G 19 44.88 34.43 8.20
CA GLU G 19 44.66 34.60 6.77
C GLU G 19 43.16 34.72 6.48
N PRO G 20 42.80 35.56 5.50
CA PRO G 20 41.37 35.74 5.19
C PRO G 20 40.74 34.44 4.72
N PHE G 21 39.50 34.22 5.16
CA PHE G 21 38.74 33.03 4.78
C PHE G 21 38.00 33.33 3.49
N LEU G 22 38.48 32.75 2.38
CA LEU G 22 37.89 32.99 1.08
C LEU G 22 36.85 31.92 0.77
N ILE G 23 35.66 32.37 0.39
CA ILE G 23 34.56 31.49 -0.01
C ILE G 23 34.20 31.82 -1.45
N GLY G 24 34.38 30.83 -2.34
CA GLY G 24 34.02 31.00 -3.73
C GLY G 24 32.62 30.48 -3.97
N VAL G 25 31.77 31.32 -4.56
CA VAL G 25 30.39 30.99 -4.86
C VAL G 25 30.21 30.96 -6.37
N SER G 26 29.63 29.88 -6.88
CA SER G 26 29.38 29.74 -8.31
C SER G 26 27.94 29.31 -8.54
N GLY G 27 27.55 29.32 -9.80
CA GLY G 27 26.23 28.93 -10.23
C GLY G 27 25.86 29.63 -11.52
N GLY G 28 24.95 29.00 -12.27
CA GLY G 28 24.48 29.58 -13.52
C GLY G 28 23.86 30.95 -13.31
N THR G 29 23.57 31.62 -14.42
CA THR G 29 22.98 32.94 -14.33
C THR G 29 21.60 32.86 -13.69
N ALA G 30 21.26 33.90 -12.93
CA ALA G 30 19.98 34.02 -12.23
C ALA G 30 19.71 32.84 -11.29
N SER G 31 20.74 32.09 -10.90
CA SER G 31 20.55 31.03 -9.92
C SER G 31 20.45 31.57 -8.49
N GLY G 32 20.80 32.83 -8.27
CA GLY G 32 20.73 33.42 -6.95
C GLY G 32 22.04 33.55 -6.21
N LYS G 33 23.19 33.53 -6.90
CA LYS G 33 24.48 33.66 -6.23
C LYS G 33 24.58 34.99 -5.50
N SER G 34 24.43 36.10 -6.22
CA SER G 34 24.56 37.42 -5.61
C SER G 34 23.52 37.62 -4.51
N SER G 35 22.30 37.15 -4.74
CA SER G 35 21.26 37.28 -3.74
C SER G 35 21.60 36.50 -2.48
N VAL G 36 22.21 35.32 -2.63
CA VAL G 36 22.66 34.57 -1.48
C VAL G 36 23.80 35.29 -0.79
N CYS G 37 24.74 35.82 -1.56
CA CYS G 37 25.88 36.52 -0.98
C CYS G 37 25.45 37.81 -0.30
N ALA G 38 24.54 38.55 -0.93
CA ALA G 38 24.02 39.76 -0.29
C ALA G 38 23.30 39.43 1.01
N LYS G 39 22.49 38.37 1.01
CA LYS G 39 21.77 37.98 2.23
C LYS G 39 22.75 37.62 3.34
N ILE G 40 23.79 36.83 3.01
CA ILE G 40 24.69 36.32 4.03
C ILE G 40 25.32 37.46 4.81
N VAL G 41 25.79 38.50 4.11
CA VAL G 41 26.37 39.63 4.81
C VAL G 41 25.30 40.46 5.50
N GLN G 42 24.05 40.41 5.01
CA GLN G 42 23.01 41.22 5.63
C GLN G 42 22.48 40.59 6.91
N LEU G 43 22.50 39.27 7.03
CA LEU G 43 22.16 38.64 8.30
C LEU G 43 23.32 38.64 9.28
N LEU G 44 24.53 38.96 8.84
CA LEU G 44 25.69 39.02 9.71
C LEU G 44 25.83 40.37 10.39
N GLY G 45 25.33 41.43 9.79
CA GLY G 45 25.36 42.75 10.36
C GLY G 45 26.30 43.75 9.72
N GLN G 46 26.76 43.49 8.48
CA GLN G 46 27.72 44.37 7.83
C GLN G 46 27.08 45.61 7.21
N ASN G 47 25.79 45.55 6.89
CA ASN G 47 25.13 46.71 6.30
C ASN G 47 24.96 47.83 7.31
N GLU G 48 24.80 47.50 8.58
CA GLU G 48 24.79 48.47 9.67
C GLU G 48 26.12 48.40 10.42
N VAL G 49 27.18 48.89 9.77
CA VAL G 49 28.52 48.84 10.34
C VAL G 49 29.38 49.95 9.74
N ASP G 50 30.56 50.18 10.34
CA ASP G 50 31.54 51.06 9.75
C ASP G 50 31.98 50.51 8.40
N TYR G 51 31.70 51.26 7.33
CA TYR G 51 31.80 50.69 5.99
C TYR G 51 33.23 50.35 5.61
N ARG G 52 34.19 51.17 6.04
CA ARG G 52 35.60 50.85 5.77
C ARG G 52 36.05 49.71 6.66
N GLN G 53 36.73 48.73 6.05
CA GLN G 53 37.15 47.49 6.72
C GLN G 53 35.98 46.80 7.41
N LYS G 54 35.13 46.20 6.59
CA LYS G 54 34.16 45.25 7.07
C LYS G 54 34.82 43.89 7.27
N GLN G 55 34.28 43.10 8.18
CA GLN G 55 34.82 41.77 8.44
C GLN G 55 34.65 40.85 7.23
N VAL G 56 33.49 40.97 6.57
CA VAL G 56 33.16 40.16 5.41
C VAL G 56 32.90 41.09 4.24
N VAL G 57 33.34 40.67 3.05
CA VAL G 57 33.18 41.48 1.85
C VAL G 57 32.84 40.58 0.67
N ILE G 58 32.05 41.11 -0.24
CA ILE G 58 31.64 40.40 -1.44
C ILE G 58 32.38 40.99 -2.64
N LEU G 59 33.14 40.15 -3.33
CA LEU G 59 33.72 40.51 -4.62
C LEU G 59 32.96 39.75 -5.70
N SER G 60 32.40 40.51 -6.64
CA SER G 60 31.71 39.92 -7.78
C SER G 60 32.68 39.76 -8.94
N GLN G 61 32.59 38.64 -9.64
CA GLN G 61 33.47 38.40 -10.78
C GLN G 61 33.20 39.37 -11.93
N ASP G 62 31.99 39.92 -12.01
CA ASP G 62 31.65 40.84 -13.09
C ASP G 62 32.54 42.09 -13.09
N SER G 63 33.10 42.46 -11.94
CA SER G 63 33.97 43.64 -11.89
C SER G 63 35.26 43.43 -12.68
N PHE G 64 35.70 42.18 -12.83
CA PHE G 64 37.00 41.88 -13.44
C PHE G 64 36.86 41.48 -14.91
N TYR G 65 36.15 42.28 -15.70
CA TYR G 65 36.02 41.99 -17.12
C TYR G 65 37.30 42.43 -17.85
N ARG G 66 37.59 41.76 -18.96
CA ARG G 66 38.82 42.07 -19.68
C ARG G 66 38.67 43.40 -20.43
N VAL G 67 39.83 43.94 -20.84
CA VAL G 67 39.91 45.34 -21.22
C VAL G 67 39.79 45.58 -22.73
N LEU G 68 40.07 44.59 -23.56
CA LEU G 68 40.12 44.82 -25.01
C LEU G 68 38.73 45.08 -25.57
N THR G 69 38.55 46.25 -26.19
CA THR G 69 37.28 46.60 -26.83
C THR G 69 37.45 47.56 -27.99
N SER G 70 38.15 47.14 -29.03
CA SER G 70 38.12 47.86 -30.31
C SER G 70 37.67 46.94 -31.43
N GLU G 71 38.44 45.90 -31.74
CA GLU G 71 37.96 44.84 -32.63
C GLU G 71 36.92 43.96 -31.94
N GLN G 72 37.07 43.74 -30.63
CA GLN G 72 36.02 43.10 -29.86
C GLN G 72 34.77 43.99 -29.82
N LYS G 73 34.98 45.30 -29.61
CA LYS G 73 33.87 46.25 -29.66
C LYS G 73 33.19 46.22 -31.01
N ALA G 74 33.95 45.94 -32.06
CA ALA G 74 33.36 45.68 -33.37
C ALA G 74 32.40 44.50 -33.30
N LYS G 75 32.84 43.39 -32.72
CA LYS G 75 31.94 42.27 -32.50
C LYS G 75 30.93 42.57 -31.40
N ALA G 76 31.35 43.29 -30.36
CA ALA G 76 30.53 43.44 -29.16
C ALA G 76 29.37 44.42 -29.32
N LEU G 77 29.55 45.49 -30.10
CA LEU G 77 28.58 46.59 -30.08
C LEU G 77 27.20 46.14 -30.58
N LYS G 78 27.15 45.39 -31.69
CA LYS G 78 25.86 44.99 -32.25
C LYS G 78 25.15 44.01 -31.34
N GLY G 79 25.89 43.16 -30.64
CA GLY G 79 25.32 42.10 -29.84
C GLY G 79 25.86 40.76 -30.25
N GLN G 80 27.03 40.78 -30.91
CA GLN G 80 27.66 39.61 -31.48
C GLN G 80 28.73 39.02 -30.55
N PHE G 81 28.84 39.53 -29.33
CA PHE G 81 29.90 39.14 -28.41
C PHE G 81 29.35 38.26 -27.29
N ASN G 82 30.18 37.31 -26.87
CA ASN G 82 29.85 36.41 -25.76
C ASN G 82 30.55 36.91 -24.52
N PHE G 83 29.81 37.60 -23.65
CA PHE G 83 30.35 38.05 -22.37
C PHE G 83 30.34 36.96 -21.32
N ASP G 84 29.87 35.76 -21.66
CA ASP G 84 29.86 34.62 -20.74
C ASP G 84 31.05 33.70 -20.91
N HIS G 85 31.88 33.92 -21.93
CA HIS G 85 33.04 33.07 -22.21
C HIS G 85 34.17 33.38 -21.23
N PRO G 86 34.94 32.37 -20.83
CA PRO G 86 36.06 32.62 -19.90
C PRO G 86 37.10 33.57 -20.46
N ASP G 87 37.25 33.63 -21.78
CA ASP G 87 38.23 34.53 -22.37
C ASP G 87 37.94 35.99 -22.06
N ALA G 88 36.69 36.32 -21.77
CA ALA G 88 36.31 37.70 -21.47
C ALA G 88 36.59 38.11 -20.03
N PHE G 89 37.23 37.26 -19.24
CA PHE G 89 37.50 37.53 -17.83
C PHE G 89 38.99 37.49 -17.56
N ASP G 90 39.50 38.55 -16.92
CA ASP G 90 40.91 38.69 -16.62
C ASP G 90 41.31 37.68 -15.55
N ASN G 91 41.59 36.45 -16.00
CA ASN G 91 42.03 35.40 -15.08
C ASN G 91 43.23 35.85 -14.28
N GLU G 92 44.21 36.47 -14.94
CA GLU G 92 45.44 36.86 -14.27
C GLU G 92 45.19 37.94 -13.22
N LEU G 93 44.27 38.86 -13.50
CA LEU G 93 43.89 39.85 -12.48
C LEU G 93 43.14 39.19 -11.33
N ILE G 94 42.15 38.34 -11.66
CA ILE G 94 41.48 37.52 -10.65
C ILE G 94 42.50 36.85 -9.75
N LEU G 95 43.41 36.07 -10.35
CA LEU G 95 44.44 35.37 -9.58
C LEU G 95 45.30 36.35 -8.80
N LYS G 96 45.66 37.48 -9.41
CA LYS G 96 46.49 38.46 -8.71
C LYS G 96 45.77 39.03 -7.50
N THR G 97 44.54 39.51 -7.70
CA THR G 97 43.81 40.14 -6.61
C THR G 97 43.49 39.14 -5.50
N LEU G 98 43.05 37.94 -5.88
CA LEU G 98 42.64 36.97 -4.86
C LEU G 98 43.82 36.49 -4.05
N LYS G 99 44.91 36.10 -4.73
CA LYS G 99 46.06 35.58 -4.00
C LYS G 99 46.76 36.69 -3.22
N GLU G 100 46.67 37.93 -3.69
CA GLU G 100 47.15 39.06 -2.88
C GLU G 100 46.26 39.28 -1.66
N ILE G 101 44.95 39.03 -1.80
CA ILE G 101 44.03 39.17 -0.67
C ILE G 101 44.31 38.09 0.37
N THR G 102 44.70 36.89 -0.07
CA THR G 102 45.03 35.82 0.86
C THR G 102 46.22 36.21 1.72
N GLU G 103 47.21 36.88 1.13
CA GLU G 103 48.41 37.31 1.85
C GLU G 103 48.15 38.43 2.85
N GLY G 104 46.91 38.94 2.94
CA GLY G 104 46.59 40.01 3.86
C GLY G 104 46.76 41.41 3.31
N LYS G 105 47.13 41.54 2.03
CA LYS G 105 47.36 42.85 1.44
C LYS G 105 46.03 43.55 1.16
N THR G 106 46.11 44.86 0.94
CA THR G 106 44.97 45.64 0.47
C THR G 106 45.02 45.70 -1.05
N VAL G 107 43.86 45.65 -1.69
CA VAL G 107 43.77 45.61 -3.14
C VAL G 107 42.85 46.73 -3.63
N GLN G 108 42.98 47.04 -4.91
CA GLN G 108 42.09 47.95 -5.60
C GLN G 108 41.33 47.16 -6.66
N ILE G 109 40.01 47.35 -6.68
CA ILE G 109 39.11 46.57 -7.54
C ILE G 109 38.65 47.47 -8.68
N PRO G 110 38.66 46.99 -9.93
CA PRO G 110 38.13 47.79 -11.03
C PRO G 110 36.66 48.12 -10.84
N VAL G 111 36.21 49.14 -11.55
CA VAL G 111 34.81 49.51 -11.61
C VAL G 111 34.38 49.55 -13.06
N TYR G 112 33.17 49.08 -13.35
CA TYR G 112 32.77 48.75 -14.70
C TYR G 112 31.37 49.24 -15.01
N ASP G 113 31.17 49.60 -16.28
CA ASP G 113 29.85 49.84 -16.85
C ASP G 113 29.52 48.63 -17.72
N PHE G 114 28.48 47.88 -17.31
CA PHE G 114 28.15 46.65 -18.01
C PHE G 114 27.79 46.89 -19.46
N VAL G 115 27.22 48.06 -19.78
CA VAL G 115 26.74 48.31 -21.13
C VAL G 115 27.88 48.80 -22.03
N SER G 116 28.73 49.69 -21.52
CA SER G 116 29.68 50.44 -22.36
C SER G 116 31.03 49.77 -22.50
N HIS G 117 31.24 48.59 -21.89
CA HIS G 117 32.57 48.00 -21.73
C HIS G 117 33.52 49.10 -21.28
N SER G 118 33.42 49.51 -20.02
CA SER G 118 34.19 50.62 -19.49
C SER G 118 35.01 50.14 -18.30
N ARG G 119 36.33 50.28 -18.40
CA ARG G 119 37.23 50.06 -17.27
C ARG G 119 37.55 51.45 -16.73
N LYS G 120 36.69 51.95 -15.85
CA LYS G 120 36.79 53.34 -15.39
C LYS G 120 38.14 53.60 -14.72
N GLU G 121 38.58 54.86 -14.79
CA GLU G 121 39.87 55.22 -14.22
C GLU G 121 39.88 55.02 -12.71
N GLU G 122 38.74 55.23 -12.05
CA GLU G 122 38.66 55.05 -10.62
C GLU G 122 38.72 53.57 -10.24
N THR G 123 39.01 53.31 -8.97
CA THR G 123 38.95 51.96 -8.42
C THR G 123 38.31 52.03 -7.05
N VAL G 124 37.82 50.89 -6.60
CA VAL G 124 37.26 50.74 -5.26
C VAL G 124 38.31 50.05 -4.40
N THR G 125 38.81 50.75 -3.39
CA THR G 125 39.84 50.21 -2.51
C THR G 125 39.19 49.31 -1.47
N VAL G 126 39.60 48.04 -1.45
CA VAL G 126 39.04 47.04 -0.57
C VAL G 126 40.08 46.71 0.50
N TYR G 127 39.80 47.13 1.73
CA TYR G 127 40.68 46.75 2.84
C TYR G 127 40.50 45.27 3.16
N PRO G 128 41.55 44.61 3.65
CA PRO G 128 41.46 43.16 3.86
C PRO G 128 40.42 42.82 4.92
N ALA G 129 39.68 41.74 4.66
CA ALA G 129 38.58 41.31 5.50
C ALA G 129 38.85 39.91 6.03
N ASP G 130 38.16 39.55 7.11
CA ASP G 130 38.35 38.24 7.71
C ASP G 130 37.79 37.14 6.83
N VAL G 131 36.61 37.36 6.23
CA VAL G 131 36.01 36.44 5.27
C VAL G 131 35.69 37.20 4.00
N VAL G 132 35.98 36.58 2.85
CA VAL G 132 35.77 37.21 1.55
C VAL G 132 34.94 36.27 0.69
N LEU G 133 33.85 36.79 0.13
CA LEU G 133 32.97 36.03 -0.75
C LEU G 133 33.23 36.45 -2.18
N PHE G 134 33.55 35.48 -3.04
CA PHE G 134 33.79 35.73 -4.46
C PHE G 134 32.76 34.96 -5.26
N GLU G 135 31.80 35.67 -5.84
CA GLU G 135 30.70 35.06 -6.59
C GLU G 135 30.86 35.33 -8.08
N GLY G 136 30.67 34.29 -8.88
CA GLY G 136 30.76 34.40 -10.32
C GLY G 136 30.38 33.12 -11.03
N ILE G 137 29.90 33.24 -12.27
CA ILE G 137 29.48 32.06 -13.02
C ILE G 137 30.66 31.09 -13.19
N LEU G 138 31.86 31.62 -13.38
CA LEU G 138 33.04 30.80 -13.68
C LEU G 138 34.08 30.88 -12.57
N ALA G 139 33.64 31.05 -11.32
CA ALA G 139 34.56 31.18 -10.21
C ALA G 139 35.42 29.94 -10.01
N PHE G 140 34.98 28.78 -10.51
CA PHE G 140 35.70 27.52 -10.33
C PHE G 140 36.40 27.08 -11.62
N TYR G 141 36.39 27.90 -12.66
CA TYR G 141 36.85 27.46 -13.97
C TYR G 141 38.36 27.24 -14.00
N SER G 142 39.14 28.27 -13.67
CA SER G 142 40.59 28.15 -13.69
C SER G 142 41.08 27.44 -12.43
N GLN G 143 42.02 26.51 -12.62
CA GLN G 143 42.48 25.68 -11.51
C GLN G 143 43.22 26.50 -10.46
N GLU G 144 43.95 27.53 -10.90
CA GLU G 144 44.77 28.32 -9.97
C GLU G 144 43.90 29.12 -9.01
N VAL G 145 42.90 29.83 -9.54
CA VAL G 145 42.03 30.62 -8.68
C VAL G 145 41.16 29.71 -7.81
N ARG G 146 40.86 28.51 -8.29
CA ARG G 146 40.00 27.61 -7.55
C ARG G 146 40.65 27.16 -6.25
N ASP G 147 41.95 26.84 -6.27
CA ASP G 147 42.63 26.36 -5.07
C ASP G 147 42.71 27.45 -3.98
N LEU G 148 42.58 28.71 -4.35
CA LEU G 148 42.60 29.79 -3.37
C LEU G 148 41.40 29.73 -2.43
N PHE G 149 40.31 29.10 -2.85
CA PHE G 149 39.09 29.06 -2.06
C PHE G 149 39.18 27.97 -1.00
N GLN G 150 38.94 28.36 0.25
CA GLN G 150 38.84 27.37 1.32
C GLN G 150 37.59 26.53 1.14
N MET G 151 36.45 27.19 0.99
CA MET G 151 35.15 26.57 0.81
C MET G 151 34.60 26.98 -0.53
N LYS G 152 33.96 26.03 -1.23
CA LYS G 152 33.40 26.28 -2.55
C LYS G 152 31.92 25.92 -2.54
N LEU G 153 31.07 26.89 -2.87
CA LEU G 153 29.62 26.71 -2.92
C LEU G 153 29.12 26.82 -4.35
N PHE G 154 28.09 26.04 -4.66
CA PHE G 154 27.45 26.05 -5.98
C PHE G 154 25.94 26.12 -5.78
N VAL G 155 25.29 27.03 -6.49
CA VAL G 155 23.84 27.25 -6.37
C VAL G 155 23.16 26.56 -7.55
N ASP G 156 22.41 25.50 -7.26
CA ASP G 156 21.92 24.57 -8.29
C ASP G 156 20.44 24.79 -8.60
N THR G 157 20.15 25.90 -9.28
CA THR G 157 18.78 26.18 -9.70
C THR G 157 18.57 25.64 -11.11
N ASP G 158 17.40 25.03 -11.33
CA ASP G 158 17.13 24.35 -12.59
C ASP G 158 17.24 25.31 -13.77
N ALA G 159 17.49 24.73 -14.95
CA ALA G 159 17.84 25.55 -16.11
C ALA G 159 16.68 26.43 -16.55
N ASP G 160 15.46 25.90 -16.58
CA ASP G 160 14.32 26.71 -16.97
C ASP G 160 13.87 27.65 -15.87
N THR G 161 14.05 27.26 -14.60
CA THR G 161 13.72 28.18 -13.50
C THR G 161 14.62 29.41 -13.52
N ARG G 162 15.92 29.20 -13.75
CA ARG G 162 16.84 30.33 -13.86
C ARG G 162 16.48 31.25 -15.02
N LEU G 163 16.12 30.67 -16.17
CA LEU G 163 15.78 31.46 -17.34
C LEU G 163 14.54 32.31 -17.11
N SER G 164 13.55 31.78 -16.37
CA SER G 164 12.36 32.58 -16.09
C SER G 164 12.68 33.75 -15.18
N ARG G 165 13.51 33.51 -14.16
CA ARG G 165 14.02 34.60 -13.33
C ARG G 165 14.81 35.60 -14.17
N ARG G 166 15.69 35.09 -15.02
CA ARG G 166 16.52 35.97 -15.85
C ARG G 166 15.65 36.86 -16.74
N VAL G 167 14.67 36.28 -17.40
CA VAL G 167 13.80 37.04 -18.30
C VAL G 167 13.10 38.16 -17.54
N LEU G 168 12.54 37.85 -16.37
CA LEU G 168 11.82 38.87 -15.61
C LEU G 168 12.74 39.99 -15.14
N ARG G 169 14.01 39.68 -14.85
CA ARG G 169 14.94 40.71 -14.39
C ARG G 169 15.31 41.67 -15.52
N ASP G 170 15.70 41.13 -16.68
CA ASP G 170 16.15 41.99 -17.77
C ASP G 170 15.03 42.88 -18.30
N ILE G 171 13.80 42.36 -18.34
CA ILE G 171 12.69 43.18 -18.83
C ILE G 171 12.41 44.33 -17.88
N SER G 172 12.36 44.05 -16.58
CA SER G 172 11.99 45.06 -15.60
C SER G 172 13.18 45.94 -15.21
N GLU G 173 14.32 45.32 -14.88
CA GLU G 173 15.46 46.05 -14.34
C GLU G 173 16.39 46.62 -15.41
N ARG G 174 16.25 46.19 -16.67
CA ARG G 174 17.11 46.70 -17.72
C ARG G 174 16.34 47.25 -18.92
N GLY G 175 15.00 47.27 -18.86
CA GLY G 175 14.21 47.79 -19.96
C GLY G 175 14.47 47.12 -21.29
N ARG G 176 14.66 45.81 -21.27
CA ARG G 176 14.97 45.04 -22.47
C ARG G 176 13.76 44.22 -22.89
N ASP G 177 13.73 43.84 -24.17
CA ASP G 177 12.59 43.13 -24.75
C ASP G 177 12.87 41.63 -24.86
N LEU G 178 11.78 40.86 -24.99
CA LEU G 178 11.87 39.40 -24.89
C LEU G 178 12.71 38.78 -25.99
N GLU G 179 12.45 39.17 -27.24
CA GLU G 179 13.09 38.46 -28.35
C GLU G 179 14.60 38.59 -28.30
N GLN G 180 15.12 39.77 -27.93
CA GLN G 180 16.55 39.92 -27.80
C GLN G 180 17.08 39.20 -26.57
N ILE G 181 16.38 39.31 -25.44
CA ILE G 181 16.76 38.60 -24.22
C ILE G 181 16.85 37.10 -24.49
N LEU G 182 15.78 36.53 -25.06
CA LEU G 182 15.75 35.09 -25.32
C LEU G 182 16.78 34.69 -26.37
N SER G 183 16.96 35.51 -27.41
CA SER G 183 17.96 35.17 -28.41
C SER G 183 19.37 35.34 -27.87
N GLN G 184 19.58 36.29 -26.95
CA GLN G 184 20.88 36.38 -26.30
C GLN G 184 21.11 35.17 -25.40
N TYR G 185 20.07 34.72 -24.70
CA TYR G 185 20.22 33.59 -23.79
C TYR G 185 20.50 32.29 -24.54
N ILE G 186 19.74 32.02 -25.60
CA ILE G 186 19.90 30.78 -26.35
C ILE G 186 21.22 30.77 -27.10
N THR G 187 21.56 31.90 -27.73
CA THR G 187 22.78 31.95 -28.54
C THR G 187 24.03 31.89 -27.68
N PHE G 188 24.04 32.63 -26.57
CA PHE G 188 25.27 32.85 -25.80
C PHE G 188 25.20 32.29 -24.39
N VAL G 189 24.23 32.73 -23.57
CA VAL G 189 24.23 32.35 -22.16
C VAL G 189 24.15 30.84 -21.99
N LYS G 190 23.23 30.20 -22.71
CA LYS G 190 23.03 28.76 -22.55
C LYS G 190 24.28 27.95 -22.90
N PRO G 191 24.89 28.11 -24.08
CA PRO G 191 26.06 27.28 -24.39
C PRO G 191 27.21 27.44 -23.41
N ALA G 192 27.53 28.67 -23.02
CA ALA G 192 28.67 28.90 -22.14
C ALA G 192 28.46 28.25 -20.78
N PHE G 193 27.22 28.28 -20.27
CA PHE G 193 26.94 27.63 -18.99
C PHE G 193 27.19 26.13 -19.08
N GLU G 194 26.68 25.50 -20.14
CA GLU G 194 26.80 24.05 -20.27
C GLU G 194 28.25 23.63 -20.51
N GLU G 195 28.99 24.42 -21.29
CA GLU G 195 30.36 24.04 -21.62
C GLU G 195 31.33 24.38 -20.51
N PHE G 196 31.19 25.55 -19.89
CA PHE G 196 32.17 26.02 -18.92
C PHE G 196 31.68 25.98 -17.48
N CYS G 197 30.51 26.56 -17.19
CA CYS G 197 30.05 26.63 -15.80
C CYS G 197 29.64 25.27 -15.26
N LEU G 198 28.78 24.56 -15.99
CA LEU G 198 28.23 23.31 -15.48
C LEU G 198 29.29 22.25 -15.16
N PRO G 199 30.34 22.04 -15.96
CA PRO G 199 31.34 21.02 -15.58
C PRO G 199 32.15 21.37 -14.34
N THR G 200 32.07 22.60 -13.84
CA THR G 200 32.79 22.96 -12.62
C THR G 200 31.99 22.71 -11.35
N LYS G 201 30.77 22.17 -11.46
CA LYS G 201 30.04 21.77 -10.27
C LYS G 201 30.73 20.61 -9.57
N LYS G 202 31.60 19.90 -10.28
CA LYS G 202 32.42 18.85 -9.68
C LYS G 202 33.18 19.36 -8.46
N TYR G 203 33.72 20.57 -8.54
CA TYR G 203 34.65 21.08 -7.55
C TYR G 203 33.98 21.71 -6.34
N ALA G 204 32.65 21.72 -6.27
CA ALA G 204 31.96 22.34 -5.16
C ALA G 204 31.99 21.45 -3.93
N ASP G 205 32.15 22.07 -2.76
CA ASP G 205 32.15 21.33 -1.51
C ASP G 205 30.74 21.17 -0.95
N VAL G 206 29.92 22.22 -1.08
CA VAL G 206 28.53 22.21 -0.65
C VAL G 206 27.68 22.79 -1.76
N ILE G 207 26.58 22.12 -2.08
CA ILE G 207 25.64 22.59 -3.10
C ILE G 207 24.39 23.12 -2.41
N ILE G 208 23.96 24.30 -2.82
CA ILE G 208 22.81 24.99 -2.27
C ILE G 208 21.71 25.00 -3.33
N PRO G 209 20.61 24.28 -3.11
CA PRO G 209 19.65 24.01 -4.19
C PRO G 209 18.97 25.18 -4.86
N ARG G 210 18.19 25.99 -4.15
CA ARG G 210 17.22 26.81 -4.87
C ARG G 210 17.65 28.26 -5.05
N GLY G 211 18.67 28.73 -4.33
CA GLY G 211 19.00 30.15 -4.39
C GLY G 211 18.82 30.85 -3.06
N ALA G 212 18.25 32.05 -3.08
CA ALA G 212 18.25 32.90 -1.90
C ALA G 212 17.09 32.64 -0.94
N ASP G 213 16.07 31.89 -1.35
CA ASP G 213 15.01 31.54 -0.41
C ASP G 213 15.43 30.43 0.54
N ASN G 214 16.47 29.68 0.18
CA ASN G 214 16.85 28.49 0.94
C ASN G 214 17.47 28.96 2.25
N LEU G 215 16.60 29.35 3.19
CA LEU G 215 17.05 29.97 4.43
C LEU G 215 17.83 28.99 5.30
N VAL G 216 17.53 27.69 5.19
CA VAL G 216 18.27 26.71 5.99
C VAL G 216 19.72 26.66 5.57
N ALA G 217 19.99 26.64 4.25
CA ALA G 217 21.37 26.66 3.79
C ALA G 217 22.04 28.01 4.03
N ILE G 218 21.26 29.09 4.01
CA ILE G 218 21.82 30.41 4.23
C ILE G 218 22.21 30.59 5.69
N ASN G 219 21.33 30.21 6.61
CA ASN G 219 21.66 30.31 8.03
C ASN G 219 22.77 29.36 8.42
N LEU G 220 22.86 28.19 7.78
CA LEU G 220 23.96 27.27 8.05
C LEU G 220 25.30 27.94 7.76
N ILE G 221 25.40 28.62 6.61
CA ILE G 221 26.66 29.21 6.22
C ILE G 221 26.87 30.56 6.92
N VAL G 222 25.80 31.32 7.11
CA VAL G 222 25.89 32.55 7.90
C VAL G 222 26.45 32.24 9.29
N GLN G 223 25.92 31.20 9.91
CA GLN G 223 26.37 30.84 11.26
C GLN G 223 27.78 30.28 11.25
N HIS G 224 28.17 29.59 10.17
CA HIS G 224 29.53 29.09 10.07
C HIS G 224 30.53 30.23 9.98
N ILE G 225 30.21 31.27 9.21
CA ILE G 225 31.09 32.43 9.13
C ILE G 225 31.21 33.11 10.49
N GLN G 226 30.09 33.26 11.19
CA GLN G 226 30.10 33.84 12.53
C GLN G 226 31.06 33.09 13.44
N ASP G 227 31.17 31.78 13.26
CA ASP G 227 32.08 30.99 14.10
C ASP G 227 33.53 31.24 13.72
N ILE G 228 33.79 31.63 12.47
CA ILE G 228 35.12 32.04 12.06
C ILE G 228 35.41 33.45 12.55
N LEU G 229 34.40 34.33 12.49
CA LEU G 229 34.56 35.70 12.99
C LEU G 229 34.73 35.73 14.50
N ASN G 230 34.10 34.79 15.22
CA ASN G 230 34.10 34.79 16.68
C ASN G 230 35.23 33.96 17.27
N GLY G 231 36.27 33.66 16.49
CA GLY G 231 37.41 32.92 17.01
C GLY G 231 37.80 31.71 16.20
N GLU H 19 -32.96 6.32 48.08
CA GLU H 19 -33.12 5.33 47.02
C GLU H 19 -31.76 4.82 46.54
N PRO H 20 -31.44 3.57 46.88
CA PRO H 20 -30.18 2.99 46.42
C PRO H 20 -30.12 2.86 44.91
N PHE H 21 -28.92 3.06 44.36
CA PHE H 21 -28.66 2.89 42.93
C PHE H 21 -28.26 1.44 42.67
N LEU H 22 -29.13 0.70 42.00
CA LEU H 22 -28.87 -0.70 41.71
C LEU H 22 -28.13 -0.84 40.39
N ILE H 23 -27.04 -1.61 40.41
CA ILE H 23 -26.26 -1.90 39.22
C ILE H 23 -26.19 -3.42 39.10
N GLY H 24 -26.84 -3.97 38.07
CA GLY H 24 -26.77 -5.39 37.81
C GLY H 24 -25.59 -5.71 36.91
N VAL H 25 -24.82 -6.73 37.29
CA VAL H 25 -23.70 -7.23 36.49
C VAL H 25 -23.99 -8.68 36.13
N SER H 26 -23.72 -9.03 34.87
CA SER H 26 -23.95 -10.40 34.42
C SER H 26 -22.78 -10.84 33.54
N GLY H 27 -22.85 -12.09 33.12
CA GLY H 27 -21.82 -12.70 32.29
C GLY H 27 -21.66 -14.16 32.63
N GLY H 28 -21.01 -14.87 31.71
CA GLY H 28 -20.79 -16.30 31.89
C GLY H 28 -19.87 -16.60 33.05
N THR H 29 -19.73 -17.89 33.33
CA THR H 29 -18.83 -18.31 34.40
C THR H 29 -17.40 -17.95 34.05
N ALA H 30 -16.62 -17.63 35.08
CA ALA H 30 -15.21 -17.24 34.95
C ALA H 30 -15.00 -16.03 34.05
N SER H 31 -16.06 -15.34 33.65
CA SER H 31 -15.90 -14.13 32.85
C SER H 31 -15.30 -12.99 33.66
N GLY H 32 -15.32 -13.08 34.99
CA GLY H 32 -14.74 -12.07 35.84
C GLY H 32 -15.71 -11.09 36.45
N LYS H 33 -16.99 -11.44 36.60
CA LYS H 33 -17.96 -10.53 37.18
C LYS H 33 -17.59 -10.17 38.61
N SER H 34 -17.43 -11.19 39.47
CA SER H 34 -17.12 -10.94 40.87
C SER H 34 -15.80 -10.19 41.01
N SER H 35 -14.76 -10.62 40.29
CA SER H 35 -13.49 -9.92 40.35
C SER H 35 -13.63 -8.48 39.93
N VAL H 36 -14.50 -8.19 38.95
CA VAL H 36 -14.76 -6.81 38.55
C VAL H 36 -15.40 -6.04 39.70
N CYS H 37 -16.39 -6.65 40.35
CA CYS H 37 -17.10 -5.97 41.43
C CYS H 37 -16.21 -5.78 42.65
N ALA H 38 -15.38 -6.77 42.96
CA ALA H 38 -14.45 -6.63 44.07
C ALA H 38 -13.45 -5.51 43.82
N LYS H 39 -13.00 -5.36 42.58
CA LYS H 39 -12.07 -4.29 42.25
C LYS H 39 -12.73 -2.92 42.35
N ILE H 40 -14.04 -2.84 42.05
CA ILE H 40 -14.73 -1.56 42.08
C ILE H 40 -14.89 -1.06 43.51
N VAL H 41 -15.33 -1.94 44.41
CA VAL H 41 -15.46 -1.52 45.81
C VAL H 41 -14.09 -1.28 46.42
N GLN H 42 -13.08 -2.05 46.02
CA GLN H 42 -11.72 -1.84 46.50
C GLN H 42 -11.21 -0.45 46.10
N LEU H 43 -11.30 -0.12 44.82
CA LEU H 43 -10.85 1.18 44.33
C LEU H 43 -11.62 2.34 44.95
N LEU H 44 -12.83 2.09 45.44
CA LEU H 44 -13.63 3.15 46.03
C LEU H 44 -13.34 3.35 47.51
N GLY H 45 -12.63 2.42 48.15
CA GLY H 45 -12.28 2.54 49.54
C GLY H 45 -13.23 1.91 50.52
N GLN H 46 -14.20 1.12 50.05
CA GLN H 46 -15.16 0.49 50.95
C GLN H 46 -14.54 -0.57 51.83
N ASN H 47 -13.39 -1.12 51.45
CA ASN H 47 -12.71 -2.08 52.32
C ASN H 47 -12.21 -1.42 53.59
N GLU H 48 -11.80 -0.15 53.51
CA GLU H 48 -11.22 0.53 54.66
C GLU H 48 -12.30 1.04 55.61
N VAL H 49 -13.41 1.58 55.08
CA VAL H 49 -14.44 2.16 55.93
C VAL H 49 -15.17 1.07 56.70
N ASP H 50 -15.80 1.47 57.80
CA ASP H 50 -16.53 0.54 58.65
C ASP H 50 -17.84 0.12 57.99
N TYR H 51 -18.37 -1.01 58.44
CA TYR H 51 -19.64 -1.52 57.93
C TYR H 51 -20.79 -0.55 58.19
N ARG H 52 -20.64 0.36 59.14
CA ARG H 52 -21.73 1.26 59.50
C ARG H 52 -22.16 2.10 58.30
N GLN H 53 -21.22 2.78 57.65
CA GLN H 53 -21.48 3.55 56.44
C GLN H 53 -20.71 2.87 55.32
N LYS H 54 -21.38 1.96 54.61
CA LYS H 54 -20.84 1.33 53.42
C LYS H 54 -21.68 1.86 52.25
N GLN H 55 -21.09 2.78 51.49
CA GLN H 55 -21.86 3.43 50.44
C GLN H 55 -22.18 2.47 49.29
N VAL H 56 -21.31 1.51 49.01
CA VAL H 56 -21.55 0.50 47.99
C VAL H 56 -21.34 -0.89 48.58
N VAL H 57 -22.18 -1.83 48.17
CA VAL H 57 -22.07 -3.23 48.59
C VAL H 57 -22.25 -4.12 47.37
N ILE H 58 -21.85 -5.38 47.52
CA ILE H 58 -21.94 -6.38 46.44
C ILE H 58 -22.84 -7.50 46.91
N LEU H 59 -23.97 -7.67 46.23
CA LEU H 59 -24.83 -8.84 46.38
C LEU H 59 -24.49 -9.83 45.28
N SER H 60 -24.36 -11.10 45.64
CA SER H 60 -24.02 -12.15 44.69
C SER H 60 -25.20 -13.09 44.52
N GLN H 61 -25.52 -13.41 43.26
CA GLN H 61 -26.69 -14.23 42.95
C GLN H 61 -26.55 -15.66 43.51
N ASP H 62 -25.32 -16.14 43.69
CA ASP H 62 -25.05 -17.35 44.47
C ASP H 62 -25.84 -17.42 45.78
N SER H 63 -25.92 -16.32 46.51
CA SER H 63 -26.47 -16.38 47.86
C SER H 63 -27.91 -16.88 47.85
N PHE H 64 -28.67 -16.52 46.82
CA PHE H 64 -30.09 -16.82 46.75
C PHE H 64 -30.38 -18.14 46.04
N TYR H 65 -29.62 -19.19 46.37
CA TYR H 65 -29.88 -20.49 45.79
C TYR H 65 -31.16 -21.09 46.37
N ARG H 66 -31.86 -21.87 45.54
CA ARG H 66 -33.09 -22.49 45.98
C ARG H 66 -32.80 -23.63 46.96
N VAL H 67 -33.87 -24.10 47.62
CA VAL H 67 -33.78 -25.19 48.57
C VAL H 67 -34.66 -26.36 48.13
N LYS H 73 -37.41 -33.41 46.46
CA LYS H 73 -36.37 -33.81 45.53
C LYS H 73 -35.05 -33.16 45.89
N ALA H 74 -34.53 -33.50 47.09
CA ALA H 74 -33.42 -32.74 47.66
C ALA H 74 -32.12 -32.94 46.90
N LYS H 75 -31.81 -34.17 46.48
CA LYS H 75 -30.46 -34.45 46.02
C LYS H 75 -30.43 -35.41 44.84
N ALA H 76 -29.33 -35.29 44.08
CA ALA H 76 -28.88 -36.29 43.12
C ALA H 76 -27.36 -36.30 43.23
N LEU H 77 -26.78 -37.48 43.50
CA LEU H 77 -25.42 -37.56 44.02
C LEU H 77 -24.36 -37.86 42.97
N LYS H 78 -24.74 -38.09 41.71
CA LYS H 78 -23.78 -38.40 40.67
C LYS H 78 -23.32 -37.16 39.90
N GLY H 79 -23.45 -35.98 40.50
CA GLY H 79 -23.31 -34.75 39.74
C GLY H 79 -24.46 -34.57 38.77
N GLN H 80 -25.65 -35.04 39.13
CA GLN H 80 -26.82 -35.12 38.26
C GLN H 80 -27.69 -33.86 38.33
N PHE H 81 -27.29 -32.86 39.12
CA PHE H 81 -28.09 -31.65 39.34
C PHE H 81 -27.50 -30.48 38.57
N ASN H 82 -28.31 -29.86 37.72
CA ASN H 82 -27.91 -28.70 36.94
C ASN H 82 -28.17 -27.44 37.76
N PHE H 83 -27.11 -26.85 38.30
CA PHE H 83 -27.25 -25.68 39.15
C PHE H 83 -27.16 -24.37 38.37
N ASP H 84 -26.85 -24.41 37.08
CA ASP H 84 -26.80 -23.20 36.27
C ASP H 84 -28.15 -22.85 35.65
N HIS H 85 -29.20 -23.65 35.93
CA HIS H 85 -30.56 -23.47 35.43
C HIS H 85 -31.28 -22.38 36.23
N PRO H 86 -32.13 -21.58 35.57
CA PRO H 86 -32.93 -20.60 36.31
C PRO H 86 -33.85 -21.22 37.34
N ASP H 87 -34.21 -22.49 37.16
CA ASP H 87 -35.00 -23.20 38.17
C ASP H 87 -34.29 -23.22 39.51
N ALA H 88 -32.97 -23.45 39.49
CA ALA H 88 -32.20 -23.64 40.71
C ALA H 88 -32.03 -22.38 41.53
N PHE H 89 -32.45 -21.22 41.03
CA PHE H 89 -32.29 -19.96 41.74
C PHE H 89 -33.64 -19.44 42.21
N ASP H 90 -33.66 -18.93 43.44
CA ASP H 90 -34.88 -18.41 44.07
C ASP H 90 -35.18 -17.02 43.52
N ASN H 91 -35.54 -16.99 42.23
CA ASN H 91 -35.76 -15.71 41.55
C ASN H 91 -36.93 -14.93 42.13
N GLU H 92 -37.81 -15.59 42.89
CA GLU H 92 -38.94 -14.90 43.50
C GLU H 92 -38.55 -14.24 44.81
N LEU H 93 -37.69 -14.88 45.60
CA LEU H 93 -37.13 -14.22 46.77
C LEU H 93 -36.12 -13.14 46.36
N ILE H 94 -35.37 -13.40 45.29
CA ILE H 94 -34.45 -12.40 44.75
C ILE H 94 -35.19 -11.08 44.51
N LEU H 95 -36.36 -11.18 43.88
CA LEU H 95 -37.17 -9.99 43.61
C LEU H 95 -37.56 -9.30 44.90
N LYS H 96 -37.85 -10.07 45.96
CA LYS H 96 -38.24 -9.46 47.23
C LYS H 96 -37.08 -8.70 47.86
N THR H 97 -35.93 -9.36 47.99
CA THR H 97 -34.77 -8.72 48.63
C THR H 97 -34.38 -7.45 47.87
N LEU H 98 -34.38 -7.50 46.54
CA LEU H 98 -34.00 -6.33 45.77
C LEU H 98 -35.05 -5.23 45.88
N LYS H 99 -36.33 -5.60 45.86
CA LYS H 99 -37.38 -4.60 45.98
C LYS H 99 -37.36 -3.94 47.34
N GLU H 100 -37.14 -4.73 48.40
CA GLU H 100 -37.05 -4.15 49.75
C GLU H 100 -35.81 -3.28 49.89
N ILE H 101 -34.69 -3.70 49.30
CA ILE H 101 -33.48 -2.87 49.30
C ILE H 101 -33.74 -1.56 48.58
N THR H 102 -34.47 -1.61 47.46
CA THR H 102 -34.73 -0.40 46.68
C THR H 102 -35.48 0.65 47.47
N GLU H 103 -36.34 0.23 48.40
CA GLU H 103 -37.16 1.13 49.19
C GLU H 103 -36.45 1.61 50.46
N GLY H 104 -35.13 1.47 50.54
CA GLY H 104 -34.37 1.92 51.68
C GLY H 104 -34.38 0.99 52.87
N LYS H 105 -35.04 -0.16 52.77
CA LYS H 105 -35.20 -1.06 53.90
C LYS H 105 -33.97 -1.94 54.10
N THR H 106 -33.58 -2.12 55.36
CA THR H 106 -32.55 -3.10 55.70
C THR H 106 -33.11 -4.51 55.51
N VAL H 107 -32.30 -5.39 54.92
CA VAL H 107 -32.72 -6.76 54.66
C VAL H 107 -31.65 -7.71 55.18
N GLN H 108 -31.91 -9.01 55.00
CA GLN H 108 -30.98 -10.05 55.40
C GLN H 108 -30.91 -11.09 54.29
N ILE H 109 -29.70 -11.56 53.99
CA ILE H 109 -29.47 -12.47 52.88
C ILE H 109 -28.99 -13.82 53.38
N PRO H 110 -29.32 -14.92 52.71
CA PRO H 110 -29.05 -16.26 53.25
C PRO H 110 -27.59 -16.68 53.19
N VAL H 111 -27.34 -17.96 53.41
CA VAL H 111 -26.00 -18.52 53.39
C VAL H 111 -26.07 -20.01 53.06
N VAL H 115 -26.79 -30.01 52.30
CA VAL H 115 -25.36 -30.27 52.21
C VAL H 115 -24.54 -29.00 52.37
N SER H 116 -23.43 -28.93 51.65
CA SER H 116 -22.54 -27.77 51.75
C SER H 116 -23.23 -26.50 51.25
N HIS H 117 -24.04 -26.62 50.20
CA HIS H 117 -24.72 -25.48 49.60
C HIS H 117 -26.15 -25.31 50.12
N SER H 118 -26.54 -26.06 51.14
CA SER H 118 -27.84 -25.86 51.77
C SER H 118 -27.78 -24.65 52.71
N ARG H 119 -28.95 -24.07 52.96
CA ARG H 119 -29.03 -22.87 53.78
C ARG H 119 -28.54 -23.15 55.19
N LYS H 120 -27.76 -22.20 55.73
CA LYS H 120 -27.20 -22.32 57.07
C LYS H 120 -28.09 -21.71 58.15
N GLU H 121 -29.23 -21.12 57.76
CA GLU H 121 -30.18 -20.50 58.69
C GLU H 121 -29.56 -19.36 59.49
N GLU H 122 -28.42 -18.84 59.05
CA GLU H 122 -27.77 -17.68 59.66
C GLU H 122 -27.61 -16.62 58.58
N THR H 123 -28.39 -15.55 58.66
CA THR H 123 -28.46 -14.57 57.60
C THR H 123 -27.43 -13.46 57.81
N VAL H 124 -27.34 -12.58 56.81
CA VAL H 124 -26.41 -11.45 56.82
C VAL H 124 -27.21 -10.18 56.60
N THR H 125 -27.26 -9.32 57.61
CA THR H 125 -27.95 -8.04 57.50
C THR H 125 -27.10 -7.08 56.68
N VAL H 126 -27.67 -6.54 55.61
CA VAL H 126 -27.00 -5.56 54.76
C VAL H 126 -27.79 -4.26 54.82
N TYR H 127 -27.11 -3.17 55.18
CA TYR H 127 -27.76 -1.90 55.47
C TYR H 127 -28.05 -1.13 54.20
N PRO H 128 -28.91 -0.10 54.28
CA PRO H 128 -29.17 0.75 53.10
C PRO H 128 -27.91 1.41 52.57
N ALA H 129 -27.37 0.87 51.49
CA ALA H 129 -26.20 1.44 50.83
C ALA H 129 -26.63 2.35 49.69
N ASP H 130 -25.74 3.28 49.33
CA ASP H 130 -26.07 4.24 48.28
C ASP H 130 -26.09 3.58 46.91
N VAL H 131 -25.21 2.63 46.67
CA VAL H 131 -25.16 1.87 45.42
C VAL H 131 -25.06 0.39 45.75
N VAL H 132 -25.76 -0.44 44.99
CA VAL H 132 -25.77 -1.88 45.20
C VAL H 132 -25.39 -2.57 43.90
N LEU H 133 -24.35 -3.40 43.95
CA LEU H 133 -23.92 -4.20 42.81
C LEU H 133 -24.44 -5.62 42.99
N PHE H 134 -25.29 -6.07 42.07
CA PHE H 134 -25.78 -7.44 42.08
C PHE H 134 -25.21 -8.16 40.86
N GLU H 135 -24.37 -9.16 41.10
CA GLU H 135 -23.72 -9.91 40.03
C GLU H 135 -24.23 -11.34 40.01
N GLY H 136 -24.50 -11.85 38.81
CA GLY H 136 -24.95 -13.22 38.67
C GLY H 136 -25.06 -13.67 37.22
N ILE H 137 -24.94 -14.97 37.00
CA ILE H 137 -24.97 -15.49 35.64
C ILE H 137 -26.32 -15.24 34.98
N LEU H 138 -27.39 -15.23 35.78
CA LEU H 138 -28.74 -15.04 35.26
C LEU H 138 -29.39 -13.78 35.83
N ALA H 139 -28.59 -12.75 36.10
CA ALA H 139 -29.13 -11.54 36.73
C ALA H 139 -30.16 -10.85 35.85
N PHE H 140 -30.01 -10.92 34.54
CA PHE H 140 -30.93 -10.25 33.61
C PHE H 140 -32.02 -11.16 33.10
N TYR H 141 -32.06 -12.43 33.53
CA TYR H 141 -33.02 -13.38 32.98
C TYR H 141 -34.46 -13.02 33.34
N SER H 142 -34.73 -12.81 34.62
CA SER H 142 -36.05 -12.43 35.07
C SER H 142 -36.29 -10.95 34.77
N GLN H 143 -37.32 -10.66 33.98
CA GLN H 143 -37.58 -9.27 33.58
C GLN H 143 -37.90 -8.39 34.77
N GLU H 144 -38.61 -8.94 35.76
CA GLU H 144 -38.97 -8.16 36.94
C GLU H 144 -37.73 -7.77 37.74
N VAL H 145 -36.81 -8.71 37.94
CA VAL H 145 -35.52 -8.38 38.57
C VAL H 145 -34.71 -7.47 37.66
N ARG H 146 -34.84 -7.64 36.35
CA ARG H 146 -34.03 -6.88 35.40
C ARG H 146 -34.42 -5.41 35.37
N ASP H 147 -35.72 -5.11 35.53
CA ASP H 147 -36.18 -3.74 35.46
C ASP H 147 -35.81 -2.94 36.71
N LEU H 148 -35.49 -3.62 37.82
CA LEU H 148 -35.08 -2.91 39.03
C LEU H 148 -33.71 -2.26 38.85
N PHE H 149 -32.87 -2.82 37.98
CA PHE H 149 -31.52 -2.31 37.80
C PHE H 149 -31.54 -0.98 37.07
N GLN H 150 -30.82 0.00 37.63
CA GLN H 150 -30.70 1.32 37.03
C GLN H 150 -29.60 1.36 35.98
N MET H 151 -28.66 0.42 36.04
CA MET H 151 -27.58 0.29 35.09
C MET H 151 -27.28 -1.20 34.97
N LYS H 152 -27.19 -1.71 33.76
CA LYS H 152 -26.98 -3.14 33.53
C LYS H 152 -25.67 -3.34 32.77
N LEU H 153 -24.75 -4.08 33.39
CA LEU H 153 -23.43 -4.34 32.83
C LEU H 153 -23.28 -5.82 32.52
N PHE H 154 -22.65 -6.12 31.39
CA PHE H 154 -22.38 -7.49 30.99
C PHE H 154 -20.88 -7.64 30.75
N VAL H 155 -20.29 -8.67 31.34
CA VAL H 155 -18.87 -8.94 31.21
C VAL H 155 -18.72 -9.98 30.11
N ASP H 156 -18.31 -9.54 28.92
CA ASP H 156 -18.17 -10.41 27.76
C ASP H 156 -16.74 -10.91 27.68
N THR H 157 -16.57 -12.23 27.77
CA THR H 157 -15.27 -12.87 27.69
C THR H 157 -15.43 -14.15 26.90
N ASP H 158 -14.52 -14.37 25.94
CA ASP H 158 -14.65 -15.49 25.01
C ASP H 158 -14.87 -16.80 25.76
N ALA H 159 -15.60 -17.72 25.12
CA ALA H 159 -16.05 -18.92 25.83
C ALA H 159 -14.89 -19.83 26.17
N ASP H 160 -13.94 -20.01 25.26
CA ASP H 160 -12.79 -20.84 25.57
C ASP H 160 -11.92 -20.18 26.64
N THR H 161 -11.77 -18.86 26.58
CA THR H 161 -11.03 -18.15 27.61
C THR H 161 -11.65 -18.37 28.98
N ARG H 162 -12.97 -18.20 29.08
CA ARG H 162 -13.67 -18.44 30.34
C ARG H 162 -13.46 -19.87 30.83
N LEU H 163 -13.61 -20.84 29.92
CA LEU H 163 -13.40 -22.24 30.29
C LEU H 163 -11.98 -22.49 30.78
N SER H 164 -10.99 -21.85 30.17
CA SER H 164 -9.62 -22.01 30.63
C SER H 164 -9.43 -21.37 32.00
N ARG H 165 -10.02 -20.19 32.22
CA ARG H 165 -10.00 -19.58 33.54
C ARG H 165 -10.69 -20.47 34.57
N ARG H 166 -11.88 -20.98 34.21
CA ARG H 166 -12.65 -21.78 35.16
C ARG H 166 -11.91 -23.06 35.53
N VAL H 167 -11.30 -23.73 34.54
CA VAL H 167 -10.59 -24.97 34.81
C VAL H 167 -9.45 -24.71 35.80
N LEU H 168 -8.57 -23.77 35.48
CA LEU H 168 -7.46 -23.43 36.38
C LEU H 168 -7.98 -23.06 37.76
N ARG H 169 -8.99 -22.19 37.82
CA ARG H 169 -9.52 -21.76 39.10
C ARG H 169 -10.08 -22.93 39.91
N ASP H 170 -10.84 -23.81 39.27
CA ASP H 170 -11.51 -24.88 40.00
C ASP H 170 -10.51 -25.91 40.54
N ILE H 171 -9.60 -26.40 39.68
CA ILE H 171 -8.69 -27.44 40.14
C ILE H 171 -7.69 -26.87 41.14
N SER H 172 -7.27 -25.62 40.94
CA SER H 172 -6.29 -25.02 41.85
C SER H 172 -6.92 -24.61 43.17
N GLU H 173 -8.09 -23.97 43.12
CA GLU H 173 -8.72 -23.46 44.32
C GLU H 173 -9.67 -24.46 44.98
N ARG H 174 -9.92 -25.61 44.36
CA ARG H 174 -10.79 -26.62 44.98
C ARG H 174 -10.30 -28.05 44.78
N GLY H 175 -9.13 -28.25 44.17
CA GLY H 175 -8.54 -29.58 44.07
C GLY H 175 -9.44 -30.62 43.41
N ARG H 176 -10.15 -30.23 42.36
CA ARG H 176 -11.12 -31.11 41.71
C ARG H 176 -10.49 -31.78 40.48
N ASP H 177 -11.04 -32.94 40.13
CA ASP H 177 -10.55 -33.69 38.98
C ASP H 177 -10.82 -32.91 37.69
N LEU H 178 -9.86 -32.96 36.76
CA LEU H 178 -10.00 -32.24 35.50
C LEU H 178 -11.11 -32.84 34.64
N GLU H 179 -11.19 -34.16 34.54
CA GLU H 179 -12.25 -34.78 33.75
C GLU H 179 -13.62 -34.49 34.36
N GLN H 180 -13.71 -34.49 35.69
CA GLN H 180 -14.95 -34.14 36.36
C GLN H 180 -15.36 -32.71 36.01
N ILE H 181 -14.41 -31.79 36.06
CA ILE H 181 -14.70 -30.39 35.76
C ILE H 181 -15.16 -30.23 34.32
N LEU H 182 -14.38 -30.78 33.39
CA LEU H 182 -14.71 -30.61 31.98
C LEU H 182 -16.00 -31.33 31.62
N SER H 183 -16.22 -32.52 32.19
CA SER H 183 -17.48 -33.21 31.97
C SER H 183 -18.64 -32.38 32.51
N GLN H 184 -18.48 -31.84 33.72
CA GLN H 184 -19.53 -31.00 34.27
C GLN H 184 -19.73 -29.75 33.45
N TYR H 185 -18.65 -29.20 32.88
CA TYR H 185 -18.75 -27.96 32.12
C TYR H 185 -19.61 -28.13 30.87
N ILE H 186 -19.24 -29.06 29.99
CA ILE H 186 -19.98 -29.16 28.73
C ILE H 186 -21.33 -29.79 28.96
N THR H 187 -21.48 -30.63 29.98
CA THR H 187 -22.77 -31.25 30.25
C THR H 187 -23.75 -30.25 30.86
N PHE H 188 -23.26 -29.34 31.70
CA PHE H 188 -24.15 -28.46 32.46
C PHE H 188 -23.88 -26.98 32.21
N VAL H 189 -22.64 -26.51 32.44
CA VAL H 189 -22.37 -25.07 32.38
C VAL H 189 -22.58 -24.55 30.96
N LYS H 190 -22.02 -25.24 29.97
CA LYS H 190 -22.10 -24.76 28.59
C LYS H 190 -23.54 -24.62 28.10
N PRO H 191 -24.42 -25.63 28.20
CA PRO H 191 -25.77 -25.45 27.66
C PRO H 191 -26.57 -24.36 28.36
N ALA H 192 -26.45 -24.26 29.69
CA ALA H 192 -27.24 -23.27 30.42
C ALA H 192 -26.78 -21.85 30.14
N PHE H 193 -25.49 -21.66 29.80
CA PHE H 193 -25.03 -20.35 29.36
C PHE H 193 -25.63 -19.98 28.01
N GLU H 194 -25.67 -20.95 27.09
CA GLU H 194 -26.19 -20.68 25.76
C GLU H 194 -27.69 -20.45 25.79
N GLU H 195 -28.42 -21.25 26.57
CA GLU H 195 -29.87 -21.18 26.53
C GLU H 195 -30.42 -19.99 27.32
N PHE H 196 -29.79 -19.64 28.43
CA PHE H 196 -30.35 -18.63 29.32
C PHE H 196 -29.49 -17.39 29.44
N CYS H 197 -28.19 -17.53 29.75
CA CYS H 197 -27.35 -16.37 30.00
C CYS H 197 -27.12 -15.56 28.73
N LEU H 198 -26.57 -16.20 27.69
CA LEU H 198 -26.20 -15.48 26.48
C LEU H 198 -27.37 -14.72 25.85
N PRO H 199 -28.62 -15.21 25.85
CA PRO H 199 -29.71 -14.37 25.33
C PRO H 199 -29.91 -13.07 26.11
N THR H 200 -29.53 -13.02 27.39
CA THR H 200 -29.78 -11.82 28.18
C THR H 200 -28.75 -10.72 27.96
N LYS H 201 -27.72 -10.95 27.14
CA LYS H 201 -26.74 -9.89 26.90
C LYS H 201 -27.36 -8.69 26.22
N LYS H 202 -28.46 -8.89 25.48
CA LYS H 202 -29.10 -7.79 24.76
C LYS H 202 -29.68 -6.74 25.70
N TYR H 203 -29.92 -7.10 26.97
CA TYR H 203 -30.46 -6.14 27.91
C TYR H 203 -29.40 -5.27 28.56
N ALA H 204 -28.13 -5.54 28.27
CA ALA H 204 -27.03 -4.82 28.93
C ALA H 204 -26.90 -3.41 28.37
N ASP H 205 -26.64 -2.46 29.27
CA ASP H 205 -26.44 -1.07 28.86
C ASP H 205 -25.02 -0.82 28.42
N VAL H 206 -24.06 -1.41 29.13
CA VAL H 206 -22.63 -1.29 28.82
C VAL H 206 -22.01 -2.67 28.90
N ILE H 207 -21.19 -3.01 27.92
CA ILE H 207 -20.52 -4.31 27.87
C ILE H 207 -19.06 -4.10 28.21
N ILE H 208 -18.57 -4.86 29.19
CA ILE H 208 -17.20 -4.78 29.66
C ILE H 208 -16.44 -6.00 29.12
N PRO H 209 -15.58 -5.83 28.13
CA PRO H 209 -14.88 -6.99 27.56
C PRO H 209 -13.77 -7.52 28.46
N ARG H 210 -13.65 -8.84 28.48
CA ARG H 210 -12.52 -9.62 28.97
C ARG H 210 -12.27 -9.47 30.47
N GLY H 211 -13.11 -8.76 31.20
CA GLY H 211 -13.22 -8.95 32.64
C GLY H 211 -12.36 -8.01 33.46
N ALA H 212 -11.67 -8.56 34.47
CA ALA H 212 -11.12 -7.77 35.57
C ALA H 212 -9.85 -7.00 35.20
N ASP H 213 -9.11 -7.42 34.18
CA ASP H 213 -7.92 -6.69 33.79
C ASP H 213 -8.24 -5.48 32.91
N ASN H 214 -9.50 -5.31 32.51
CA ASN H 214 -9.91 -4.19 31.67
C ASN H 214 -10.08 -2.99 32.60
N LEU H 215 -8.95 -2.34 32.90
CA LEU H 215 -8.96 -1.31 33.92
C LEU H 215 -9.57 -0.01 33.44
N VAL H 216 -9.46 0.31 32.15
CA VAL H 216 -10.13 1.51 31.62
C VAL H 216 -11.62 1.43 31.87
N ALA H 217 -12.23 0.26 31.66
CA ALA H 217 -13.65 0.10 31.95
C ALA H 217 -13.93 0.22 33.45
N ILE H 218 -13.09 -0.42 34.27
CA ILE H 218 -13.31 -0.43 35.72
C ILE H 218 -13.20 0.99 36.28
N ASN H 219 -12.12 1.70 35.92
CA ASN H 219 -11.94 3.06 36.41
C ASN H 219 -13.11 3.95 36.01
N LEU H 220 -13.66 3.72 34.82
CA LEU H 220 -14.83 4.46 34.37
C LEU H 220 -16.04 4.22 35.26
N ILE H 221 -16.31 2.95 35.58
CA ILE H 221 -17.43 2.64 36.47
C ILE H 221 -17.15 3.16 37.88
N VAL H 222 -15.92 3.05 38.34
CA VAL H 222 -15.57 3.57 39.67
C VAL H 222 -15.76 5.07 39.71
N GLN H 223 -15.29 5.77 38.67
CA GLN H 223 -15.44 7.22 38.61
C GLN H 223 -16.92 7.62 38.56
N HIS H 224 -17.73 6.81 37.87
CA HIS H 224 -19.16 7.09 37.80
C HIS H 224 -19.85 6.93 39.14
N ILE H 225 -19.35 6.01 39.98
CA ILE H 225 -19.96 5.78 41.29
C ILE H 225 -19.63 6.94 42.24
N GLN H 226 -18.40 7.45 42.18
CA GLN H 226 -18.05 8.63 42.96
C GLN H 226 -19.00 9.79 42.66
N ASP H 227 -19.32 9.99 41.38
CA ASP H 227 -20.19 11.09 41.00
C ASP H 227 -21.57 10.94 41.64
N ILE H 228 -22.05 9.70 41.76
CA ILE H 228 -23.35 9.46 42.38
C ILE H 228 -23.31 9.80 43.87
N LEU H 229 -22.20 9.46 44.53
CA LEU H 229 -22.10 9.71 45.97
C LEU H 229 -22.02 11.19 46.28
N ASN H 230 -21.26 11.95 45.49
CA ASN H 230 -21.13 13.38 45.74
C ASN H 230 -22.32 14.18 45.20
N GLY H 231 -22.94 13.71 44.13
CA GLY H 231 -24.09 14.40 43.55
C GLY H 231 -25.41 13.98 44.17
P PO4 I . 24.99 4.67 2.09
O1 PO4 I . 24.43 4.99 3.44
O2 PO4 I . 24.47 5.67 1.08
O3 PO4 I . 24.56 3.29 1.68
O4 PO4 I . 26.51 4.74 2.16
C1 GOL J . 6.23 13.15 -2.59
O1 GOL J . 5.50 14.29 -2.24
C2 GOL J . 7.19 13.53 -3.73
O2 GOL J . 8.25 12.64 -3.85
C3 GOL J . 6.31 13.56 -5.02
O3 GOL J . 7.09 14.10 -6.05
C1 GOL K . 27.83 15.66 -7.16
O1 GOL K . 26.84 16.37 -7.85
C2 GOL K . 28.62 14.84 -8.22
O2 GOL K . 29.24 15.66 -9.15
C3 GOL K . 29.64 14.01 -7.41
O3 GOL K . 29.36 12.67 -7.61
C1 GOL L . 5.21 -3.81 -2.89
O1 GOL L . 4.19 -2.88 -3.09
C2 GOL L . 6.12 -3.73 -4.13
O2 GOL L . 7.03 -4.77 -4.17
C3 GOL L . 5.15 -3.72 -5.34
O3 GOL L . 5.69 -4.54 -6.31
C1 GOL M . 7.58 6.36 4.27
O1 GOL M . 6.51 5.78 3.58
C2 GOL M . 8.80 5.43 4.05
O2 GOL M . 8.92 5.08 2.72
C3 GOL M . 10.05 6.21 4.57
O3 GOL M . 9.59 7.37 5.23
C1 GOL N . 15.43 -8.00 -4.29
O1 GOL N . 15.91 -9.32 -4.37
C2 GOL N . 16.48 -7.15 -3.52
O2 GOL N . 17.70 -7.11 -4.18
C3 GOL N . 15.87 -5.75 -3.40
O3 GOL N . 16.89 -4.92 -2.91
C1 GOL O . 7.88 -3.68 13.21
O1 GOL O . 7.36 -2.83 12.23
C2 GOL O . 9.13 -4.39 12.59
O2 GOL O . 9.76 -5.26 13.48
C3 GOL O . 10.06 -3.25 12.16
O3 GOL O . 11.18 -3.85 11.58
P PO4 P . -22.20 5.56 11.97
O1 PO4 P . -21.39 6.78 12.35
O2 PO4 P . -23.67 5.81 12.26
O3 PO4 P . -21.70 4.38 12.75
O4 PO4 P . -22.02 5.32 10.49
C1 GOL Q . -25.85 -5.57 20.63
O1 GOL Q . -27.00 -4.96 20.11
C2 GOL Q . -26.32 -6.92 21.20
O2 GOL Q . -27.11 -7.61 20.30
C3 GOL Q . -25.02 -7.67 21.57
O3 GOL Q . -25.41 -8.92 22.07
C1 GOL R . -37.20 0.80 9.55
O1 GOL R . -38.39 1.53 9.69
C2 GOL R . -36.40 0.96 10.86
O2 GOL R . -37.06 0.39 11.95
C3 GOL R . -35.02 0.29 10.56
O3 GOL R . -34.08 0.86 11.42
C1 GOL S . -2.66 11.15 -10.26
O1 GOL S . -2.05 10.66 -11.42
C2 GOL S . -1.62 11.02 -9.10
O2 GOL S . -0.66 10.05 -9.33
C3 GOL S . -1.01 12.44 -8.95
O3 GOL S . -0.05 12.35 -7.94
P PO4 T . -35.96 -19.31 1.34
O1 PO4 T . -36.64 -18.05 1.82
O2 PO4 T . -37.01 -20.31 0.94
O3 PO4 T . -35.11 -19.89 2.43
O4 PO4 T . -35.11 -18.99 0.14
C1 GOL U . -44.72 -25.65 15.33
O1 GOL U . -44.43 -25.67 16.69
C2 GOL U . -43.47 -26.18 14.58
O2 GOL U . -43.04 -27.41 15.07
C3 GOL U . -43.88 -26.26 13.11
O3 GOL U . -42.96 -27.08 12.47
C1 GOL V . -26.34 -34.91 -12.89
O1 GOL V . -27.45 -35.58 -12.39
C2 GOL V . -26.05 -33.73 -11.93
O2 GOL V . -26.00 -34.14 -10.60
C3 GOL V . -24.69 -33.17 -12.41
O3 GOL V . -23.77 -34.20 -12.30
C1 GOL W . -27.81 -11.27 -2.77
O1 GOL W . -26.59 -11.77 -2.31
C2 GOL W . -27.72 -9.72 -2.79
O2 GOL W . -28.98 -9.14 -2.94
C3 GOL W . -26.79 -9.38 -3.97
O3 GOL W . -26.85 -8.00 -4.17
C1 GOL X . -42.72 -18.18 5.11
O1 GOL X . -42.40 -16.87 4.75
C2 GOL X . -42.64 -18.25 6.66
O2 GOL X . -42.74 -19.56 7.12
C3 GOL X . -41.29 -17.59 7.01
O3 GOL X . -41.41 -16.22 6.73
P PO4 Y . 4.71 20.57 -29.33
O1 PO4 Y . 4.40 21.45 -28.15
O2 PO4 Y . 3.47 19.84 -29.75
O3 PO4 Y . 5.76 19.56 -28.92
O4 PO4 Y . 5.23 21.40 -30.49
C1 GOL Z . -4.19 10.07 -19.77
O1 GOL Z . -3.58 9.83 -18.55
C2 GOL Z . -3.16 9.70 -20.87
O2 GOL Z . -3.39 8.44 -21.41
C3 GOL Z . -3.29 10.82 -21.94
O3 GOL Z . -2.48 10.49 -23.03
C1 GOL AA . -7.15 15.27 -34.05
O1 GOL AA . -7.28 14.72 -32.78
C2 GOL AA . -8.56 15.25 -34.71
O2 GOL AA . -8.66 16.20 -35.74
C3 GOL AA . -8.75 13.81 -35.24
O3 GOL AA . -8.15 13.73 -36.50
C1 GOL BA . -1.42 25.08 -18.68
O1 GOL BA . -1.09 26.43 -18.51
C2 GOL BA . -2.26 24.65 -17.44
O2 GOL BA . -1.49 24.56 -16.30
C3 GOL BA . -3.37 25.74 -17.33
O3 GOL BA . -2.86 26.74 -16.50
C1 GOL CA . -15.87 4.42 -28.46
O1 GOL CA . -17.11 4.08 -28.99
C2 GOL CA . -15.38 5.70 -29.20
O2 GOL CA . -16.12 6.81 -28.86
C3 GOL CA . -15.45 5.37 -30.71
O3 GOL CA . -16.77 5.03 -31.00
C1 GOL DA . 7.19 34.32 -12.15
O1 GOL DA . 6.12 34.91 -11.43
C2 GOL DA . 8.01 33.46 -11.15
O2 GOL DA . 7.41 32.22 -10.91
C3 GOL DA . 9.41 33.33 -11.82
O3 GOL DA . 10.26 32.65 -10.92
C1 GOL EA . 15.30 17.65 -19.04
O1 GOL EA . 15.86 18.66 -19.83
C2 GOL EA . 14.92 16.50 -20.00
O2 GOL EA . 14.16 16.94 -21.09
C3 GOL EA . 16.26 15.88 -20.46
O3 GOL EA . 15.95 14.85 -21.35
C02 P6D FA . -2.86 23.61 -24.72
C03 P6D FA . -3.18 22.44 -23.77
C04 P6D FA . -2.16 22.23 -22.89
C11 P6D FA . -5.04 23.98 -23.61
C12 P6D FA . -4.05 24.15 -24.91
C17 P6D FA . -6.06 26.15 -22.85
C18 P6D FA . -6.16 27.38 -21.98
C19 P6D FA . -5.15 27.56 -20.89
C21 P6D FA . -4.05 25.34 -21.60
N13 P6D FA . -4.50 24.41 -26.31
N14 P6D FA . -5.64 24.83 -26.59
N15 P6D FA . -5.95 25.16 -27.74
N16 P6D FA . -5.04 25.12 -22.70
N20 P6D FA . -4.11 26.55 -20.71
N23 P6D FA . -5.16 28.73 -20.01
O01 P6D FA . -2.32 23.07 -26.00
O05 P6D FA . -1.74 20.88 -22.96
O10 P6D FA . -4.57 22.90 -23.04
O22 P6D FA . -3.20 24.57 -21.40
P PO4 GA . -8.38 -32.45 14.56
O1 PO4 GA . -7.54 -31.24 14.83
O2 PO4 GA . -9.69 -32.02 13.97
O3 PO4 GA . -8.61 -33.20 15.85
O4 PO4 GA . -7.68 -33.36 13.57
C1 GOL HA . -10.25 -13.23 3.37
O1 GOL HA . -10.83 -13.18 4.65
C2 GOL HA . -8.79 -13.74 3.54
O2 GOL HA . -8.36 -13.68 4.85
C3 GOL HA . -8.80 -15.20 2.96
O3 GOL HA . -7.52 -15.73 3.11
C1 GOL IA . -18.91 -20.44 14.67
O1 GOL IA . -18.37 -20.51 13.38
C2 GOL IA . -17.93 -21.17 15.61
O2 GOL IA . -18.58 -21.81 16.65
C3 GOL IA . -16.96 -20.06 16.12
O3 GOL IA . -16.18 -20.64 17.13
C1 GOL JA . 0.09 -21.70 4.09
O1 GOL JA . -0.69 -21.00 4.99
C2 GOL JA . -0.23 -23.19 4.28
O2 GOL JA . -0.41 -23.53 5.62
C3 GOL JA . -1.51 -23.44 3.47
O3 GOL JA . -1.86 -24.78 3.71
C1 GOL KA . -3.17 -15.73 0.47
O1 GOL KA . -3.66 -15.17 1.66
C2 GOL KA . -1.66 -15.93 0.66
O2 GOL KA . -1.36 -16.55 1.86
C3 GOL KA . -1.19 -16.75 -0.56
O3 GOL KA . 0.06 -17.27 -0.22
C1 GOL LA . 1.74 -13.47 8.13
O1 GOL LA . 0.64 -13.96 7.41
C2 GOL LA . 1.34 -12.09 8.71
O2 GOL LA . -0.01 -11.81 8.50
C3 GOL LA . 1.71 -12.15 10.21
O3 GOL LA . 3.10 -12.04 10.30
C02 P6D MA . 2.63 -30.51 16.21
C03 P6D MA . 3.29 -31.61 17.04
C04 P6D MA . 3.81 -32.59 16.27
C11 P6D MA . 3.48 -29.97 18.49
C12 P6D MA . 2.48 -29.60 17.20
C17 P6D MA . 5.60 -29.42 19.64
C18 P6D MA . 6.50 -28.68 20.58
C19 P6D MA . 5.91 -27.58 21.36
C21 P6D MA . 3.61 -27.99 20.27
N13 P6D MA . 1.26 -28.72 17.40
N14 P6D MA . 0.48 -28.55 16.41
N15 P6D MA . -0.53 -27.82 16.35
N16 P6D MA . 4.19 -29.09 19.43
N20 P6D MA . 4.48 -27.22 21.23
N23 P6D MA . 6.79 -26.86 22.27
O01 P6D MA . 1.36 -31.05 15.68
O05 P6D MA . 2.75 -33.52 16.19
O10 P6D MA . 4.36 -30.79 17.96
O22 P6D MA . 2.46 -27.69 20.18
P PO4 NA . 29.61 -1.16 -27.17
O1 PO4 NA . 30.85 -0.89 -26.34
O2 PO4 NA . 28.62 -0.04 -26.98
O3 PO4 NA . 28.98 -2.46 -26.72
O4 PO4 NA . 29.98 -1.26 -28.62
C1 GOL OA . 44.59 5.51 -46.42
O1 GOL OA . 43.67 6.17 -47.22
C2 GOL OA . 45.93 6.26 -46.60
O2 GOL OA . 46.35 6.24 -47.92
C3 GOL OA . 46.92 5.54 -45.65
O3 GOL OA . 48.08 6.30 -45.64
C1 GOL PA . 24.60 20.90 -34.07
O1 GOL PA . 23.71 19.90 -34.42
C2 GOL PA . 24.12 21.49 -32.73
O2 GOL PA . 25.07 22.35 -32.18
C3 GOL PA . 22.79 22.21 -33.06
O3 GOL PA . 22.08 21.36 -33.90
C1 GOL QA . 52.60 4.05 -39.26
O1 GOL QA . 53.40 2.91 -39.42
C2 GOL QA . 53.54 5.28 -39.18
O2 GOL QA . 52.92 6.44 -39.63
C3 GOL QA . 53.95 5.37 -37.69
O3 GOL QA . 55.18 4.73 -37.56
P PO4 RA . 22.69 35.43 -9.77
O1 PO4 RA . 23.71 36.04 -8.84
O2 PO4 RA . 21.31 35.63 -9.20
O3 PO4 RA . 23.00 33.95 -9.90
O4 PO4 RA . 22.77 36.08 -11.13
C1 GOL SA . 17.33 35.70 -8.13
O1 GOL SA . 16.76 36.60 -9.01
C2 GOL SA . 17.31 36.35 -6.71
O2 GOL SA . 17.67 37.68 -6.73
C3 GOL SA . 15.87 36.15 -6.18
O3 GOL SA . 15.81 36.82 -4.96
P PO4 TA . -16.89 -14.78 37.46
O1 PO4 TA . -17.15 -13.70 38.48
O2 PO4 TA . -17.61 -14.43 36.18
O3 PO4 TA . -17.38 -16.12 37.96
O4 PO4 TA . -15.41 -14.86 37.19
C1 GOL UA . -14.71 -9.77 23.29
O1 GOL UA . -14.16 -9.86 22.01
C2 GOL UA . -13.54 -9.88 24.32
O2 GOL UA . -13.95 -9.52 25.58
C3 GOL UA . -13.08 -11.37 24.26
O3 GOL UA . -12.42 -11.68 25.46
C1 GOL VA . -40.17 -14.64 36.94
O1 GOL VA . -39.42 -14.50 38.11
C2 GOL VA . -39.17 -14.97 35.80
O2 GOL VA . -38.98 -16.35 35.68
C3 GOL VA . -39.78 -14.34 34.53
O3 GOL VA . -38.97 -14.72 33.46
C02 P6D WA . -22.29 -21.89 39.47
C03 P6D WA . -21.50 -21.01 40.47
C04 P6D WA . -22.26 -19.95 40.80
C11 P6D WA . -20.81 -23.10 41.04
C12 P6D WA . -21.98 -23.10 39.88
C17 P6D WA . -21.77 -25.18 42.32
C18 P6D WA . -21.50 -26.47 43.06
C19 P6D WA . -20.09 -26.90 43.27
C21 P6D WA . -19.26 -24.84 42.03
N13 P6D WA . -22.37 -24.26 39.04
N14 P6D WA . -22.07 -25.44 39.30
N15 P6D WA . -22.60 -26.29 38.59
N16 P6D WA . -20.66 -24.36 41.79
N20 P6D WA . -18.97 -26.09 42.77
N23 P6D WA . -19.83 -28.13 43.99
O01 P6D WA . -21.87 -21.67 38.06
O05 P6D WA . -23.15 -19.78 39.72
O10 P6D WA . -21.18 -22.04 41.72
O22 P6D WA . -18.39 -24.17 41.61
#